data_8OSL
#
_entry.id   8OSL
#
loop_
_entity.id
_entity.type
_entity.pdbx_description
1 polymer 'Histone H3.1'
2 polymer 'Histone H4'
3 polymer 'Histone H2A type 1-B/E'
4 polymer 'Histone H2B type 1-J'
5 polymer 'DNA (147-MER)'
6 polymer 'DNA (147-MER)'
7 polymer 'Circadian locomoter output cycles protein kaput'
8 polymer 'Basic helix-loop-helix ARNT-like protein 1'
#
loop_
_entity_poly.entity_id
_entity_poly.type
_entity_poly.pdbx_seq_one_letter_code
_entity_poly.pdbx_strand_id
1 'polypeptide(L)'
;GSHMARTKQTARKSTGGKAPRKQLATKAARKSAPATGGVKKPHRYRPGTVALREIRRYQKSTELLIRKLPFQRLVREIAQ
DFKTDLRFQSSAVMALQEACEAYLVGLFEDTNLCAIHAKRVTIMPKDIQLARRIRGERA
;
A,E
2 'polypeptide(L)'
;GSHMSGRGKGGKGLGKGGAKRHRKVLRDNIQGITKPAIRRLARRGGVKRISGLIYEETRGVLKVFLENVIRDAVTYTEHA
KRKTVTAMDVVYALKRQGRTLYGFGG
;
B,F
3 'polypeptide(L)'
;GSHMSGRGKQGGKARAKAKTRSSRAGLQFPVGRVHRLLRKGNYSERVGAGAPVYLAAVLEYLTAEILELAGNAARDNKKT
RIIPRHLQLAIRNDEELNKLLGRVTIAQGGVLPNIQAVLLPKKTESHHKAKGK
;
C,G
4 'polypeptide(L)'
;GSHMPEPAKSAPAPKKGSKKAVTKAQKKDGKKRKRSRKESYSIYVYKVLKQVHPDTGISSKAMGIMNSFVNDIFERIAGE
ASRLAHYNKRSTITSREIQTAVRLLLPGELAKHAVSEGTKAVTKYTSA
;
D,H
5 'polydeoxyribonucleotide'
;(DC)(DC)(DC)(DC)(DC)(DA)(DC)(DC)(DC)(DC)(DG)(DA)(DC)(DT)(DT)(DT)(DG)(DT)(DT)(DC)
(DC)(DT)(DG)(DG)(DA)(DT)(DC)(DC)(DG)(DT)(DT)(DA)(DT)(DG)(DC)(DA)(DA)(DC)(DC)(DC)
(DA)(DA)(DG)(DC)(DT)(DT)(DC)(DA)(DA)(DC)(DT)(DC)(DT)(DG)(DG)(DG)(DT)(DT)(DT)(DG)
(DT)(DA)(DG)(DT)(DG)(DT)(DG)(DT)(DC)(DC)(DA)(DG)(DG)(DA)(DC)(DC)(DT)(DT)(DG)(DA)
(DG)(DG)(DG)(DG)(DA)(DG)(DA)(DG)(DG)(DG)(DA)(DC)(DT)(DT)(DT)(DG)(DA)(DA)(DA)(DG)
(DC)(DC)(DA)(DC)(DG)(DC)(DC)(DT)(DT)(DT)(DC)(DC)(DT)(DC)(DC)(DA)(DG)(DC)(DC)(DT)
(DC)(DA)(DC)(DC)(DC)(DT)(DT)(DC)(DA)(DC)(DG)(DT)(DT)(DT)(DG)(DT)(DG)(DG)(DT)(DC)
(DC)(DA)(DC)(DG)(DT)(DG)(DC)
;
I
6 'polydeoxyribonucleotide'
;(DG)(DC)(DA)(DC)(DG)(DT)(DG)(DG)(DA)(DC)(DC)(DA)(DC)(DA)(DA)(DA)(DC)(DG)(DT)(DG)
(DA)(DA)(DG)(DG)(DG)(DT)(DG)(DA)(DG)(DG)(DC)(DT)(DG)(DG)(DA)(DG)(DG)(DA)(DA)(DA)
(DG)(DG)(DC)(DG)(DT)(DG)(DG)(DC)(DT)(DT)(DT)(DC)(DA)(DA)(DA)(DG)(DT)(DC)(DC)(DC)
(DT)(DC)(DT)(DC)(DC)(DC)(DC)(DT)(DC)(DA)(DA)(DG)(DG)(DT)(DC)(DC)(DT)(DG)(DG)(DA)
(DC)(DA)(DC)(DA)(DC)(DT)(DA)(DC)(DA)(DA)(DA)(DC)(DC)(DC)(DA)(DG)(DA)(DG)(DT)(DT)
(DG)(DA)(DA)(DG)(DC)(DT)(DT)(DG)(DG)(DG)(DT)(DT)(DG)(DC)(DA)(DT)(DA)(DA)(DC)(DG)
(DG)(DA)(DT)(DC)(DC)(DA)(DG)(DG)(DA)(DA)(DC)(DA)(DA)(DA)(DG)(DT)(DC)(DG)(DG)(DG)
(DG)(DT)(DG)(DG)(DG)(DG)(DG)
;
J
7 'polypeptide(L)'
;GAMNPVEEDDKDKAKRVSRNKSEKKRRDQFNVLIKELGSMLPGNARKMDKSTVLQKSIDFLRKHKETTAQSDASEIRQDW
KPTFLSNEEFTQLMLEALDGFFLAIMTDGSIIYVSESVTSLLEHLPSDLVDQSIFNFIPEGEHSEVYKILSTHLLESDSL
TPEYLKSKNQLEFCCHMLRGTIDPKEPSTYEYVRFIGNFKSLTSVSTSTHNGFEGTIQRTHRPSYEDRVCFVATVRLATP
QFIKEMCTVEEPNEEFTSRHSLEWKFLFLDHRAPPIIGYLPFEVLGTSGYDYYHVDDLENLAKCHEHLMQYGKGKSCYYR
FLTKGQQWIWLQTHYYITYHQWNSRPEFIVCTHTVVSYAEVRAERRRELGIEESL
;
M,O
8 'polypeptide(L)'
;GAMNPEYAEHQGRIKNAREAHSQIEKRRRDKMNSFIDELASLVPTCNAMSRKLDKLTVLRMAVQHMKTLRGATNPYTEAN
YKPTFLSDDELKHLILRAADGFLFVVGCDRGKILFVSESVFKILNYSQNDLIGQSLFDYLHPKDIAKVKEQLSSSDTAPR
ERLIDAKTGLPVKTDITPGPSRLCSGARRSFFCRMKCNRPSVKVEDKDFASTCSKKKDRKSFCTIHSTGYLKSWPPTKMG
LDEDNEPDNEGCNLSCLVAIGRLHSHMVPQPANGEIRVKSMEYVSRHAIDGKFVFVDQRATAILAYLPQELLGTSCYEYF
HQDDIGHLAECHRQVLQTREKITTNCYKFKIKDGSFITLRSRWFSFMNPWTKEVEYIVSTNTVV
;
N,P
#
loop_
_chem_comp.id
_chem_comp.type
_chem_comp.name
_chem_comp.formula
DA DNA linking 2'-DEOXYADENOSINE-5'-MONOPHOSPHATE 'C10 H14 N5 O6 P'
DC DNA linking 2'-DEOXYCYTIDINE-5'-MONOPHOSPHATE 'C9 H14 N3 O7 P'
DG DNA linking 2'-DEOXYGUANOSINE-5'-MONOPHOSPHATE 'C10 H14 N5 O7 P'
DT DNA linking THYMIDINE-5'-MONOPHOSPHATE 'C10 H15 N2 O8 P'
#
# COMPACT_ATOMS: atom_id res chain seq x y z
N ARG A 44 10.84 36.88 -33.06
CA ARG A 44 11.05 35.45 -33.28
C ARG A 44 11.93 34.84 -32.19
N TYR A 45 11.46 33.74 -31.61
CA TYR A 45 12.31 32.89 -30.77
C TYR A 45 13.14 31.97 -31.67
N ARG A 46 14.16 31.34 -31.06
CA ARG A 46 15.07 30.49 -31.82
C ARG A 46 14.40 29.15 -32.13
N PRO A 47 14.67 28.56 -33.30
CA PRO A 47 14.16 27.22 -33.58
C PRO A 47 14.50 26.22 -32.49
N GLY A 48 13.48 25.55 -31.97
CA GLY A 48 13.61 24.54 -30.95
C GLY A 48 13.18 25.00 -29.56
N THR A 49 13.42 26.26 -29.22
CA THR A 49 13.01 26.75 -27.91
C THR A 49 11.50 26.68 -27.74
N VAL A 50 10.76 27.21 -28.72
CA VAL A 50 9.31 27.07 -28.70
C VAL A 50 8.93 25.60 -28.72
N ALA A 51 9.72 24.77 -29.41
CA ALA A 51 9.46 23.34 -29.42
C ALA A 51 9.59 22.74 -28.02
N LEU A 52 10.54 23.22 -27.23
CA LEU A 52 10.65 22.73 -25.86
C LEU A 52 9.47 23.18 -25.01
N ARG A 53 9.06 24.44 -25.15
CA ARG A 53 7.86 24.88 -24.43
C ARG A 53 6.64 24.07 -24.86
N GLU A 54 6.56 23.73 -26.14
CA GLU A 54 5.46 22.89 -26.63
C GLU A 54 5.53 21.49 -26.05
N ILE A 55 6.73 20.92 -26.00
CA ILE A 55 6.89 19.58 -25.41
C ILE A 55 6.40 19.59 -23.97
N ARG A 56 6.83 20.58 -23.19
CA ARG A 56 6.38 20.69 -21.81
C ARG A 56 4.87 20.83 -21.75
N ARG A 57 4.29 21.70 -22.59
CA ARG A 57 2.85 21.90 -22.59
C ARG A 57 2.10 20.59 -22.87
N TYR A 58 2.49 19.90 -23.94
CA TYR A 58 1.73 18.75 -24.40
C TYR A 58 1.96 17.53 -23.51
N GLN A 59 3.13 17.41 -22.90
CA GLN A 59 3.32 16.38 -21.89
C GLN A 59 2.50 16.70 -20.64
N LYS A 60 2.37 18.00 -20.32
CA LYS A 60 1.57 18.40 -19.16
C LYS A 60 0.08 18.14 -19.39
N SER A 61 -0.37 18.28 -20.64
CA SER A 61 -1.79 18.12 -20.94
C SER A 61 -2.14 16.66 -21.20
N THR A 62 -3.46 16.39 -21.30
CA THR A 62 -3.96 15.05 -21.58
C THR A 62 -5.01 15.02 -22.69
N GLU A 63 -5.29 16.14 -23.33
CA GLU A 63 -6.41 16.22 -24.26
C GLU A 63 -6.07 15.58 -25.60
N LEU A 64 -7.12 15.20 -26.34
CA LEU A 64 -6.94 14.66 -27.67
C LEU A 64 -6.34 15.71 -28.59
N LEU A 65 -5.39 15.29 -29.42
CA LEU A 65 -4.68 16.21 -30.29
C LEU A 65 -5.20 16.20 -31.72
N ILE A 66 -5.90 15.14 -32.14
CA ILE A 66 -6.49 15.09 -33.47
C ILE A 66 -7.89 15.70 -33.42
N ARG A 67 -8.27 16.38 -34.50
CA ARG A 67 -9.62 16.92 -34.63
C ARG A 67 -10.60 15.77 -34.85
N LYS A 68 -11.67 15.75 -34.04
CA LYS A 68 -12.52 14.57 -33.98
C LYS A 68 -13.29 14.36 -35.27
N LEU A 69 -13.83 15.41 -35.89
CA LEU A 69 -14.60 15.23 -37.11
C LEU A 69 -13.75 14.73 -38.27
N PRO A 70 -12.58 15.30 -38.56
CA PRO A 70 -11.69 14.68 -39.56
C PRO A 70 -11.43 13.22 -39.28
N PHE A 71 -11.15 12.90 -38.01
CA PHE A 71 -10.87 11.51 -37.64
C PHE A 71 -12.07 10.63 -37.91
N GLN A 72 -13.26 11.08 -37.52
CA GLN A 72 -14.48 10.30 -37.68
C GLN A 72 -14.76 10.05 -39.16
N ARG A 73 -14.60 11.08 -39.98
CA ARG A 73 -14.84 10.90 -41.41
C ARG A 73 -13.77 10.01 -42.03
N LEU A 74 -12.53 10.08 -41.55
CA LEU A 74 -11.50 9.17 -42.03
C LEU A 74 -11.86 7.73 -41.68
N VAL A 75 -12.36 7.51 -40.46
CA VAL A 75 -12.81 6.18 -40.07
C VAL A 75 -13.89 5.68 -41.02
N ARG A 76 -14.92 6.50 -41.25
CA ARG A 76 -16.00 6.09 -42.13
C ARG A 76 -15.50 5.90 -43.57
N GLU A 77 -14.50 6.67 -43.97
CA GLU A 77 -13.90 6.52 -45.29
C GLU A 77 -13.17 5.18 -45.41
N ILE A 78 -12.59 4.70 -44.31
CA ILE A 78 -11.97 3.38 -44.32
C ILE A 78 -13.05 2.30 -44.19
N ALA A 79 -13.93 2.46 -43.20
CA ALA A 79 -14.89 1.41 -42.87
C ALA A 79 -15.78 1.06 -44.06
N GLN A 80 -16.18 2.07 -44.84
CA GLN A 80 -17.04 1.81 -46.00
C GLN A 80 -16.44 0.73 -46.89
N ASP A 81 -15.10 0.66 -46.97
CA ASP A 81 -14.46 -0.34 -47.81
C ASP A 81 -14.82 -1.74 -47.37
N PHE A 82 -14.95 -1.96 -46.05
CA PHE A 82 -15.33 -3.28 -45.54
C PHE A 82 -16.83 -3.48 -45.51
N LYS A 83 -17.59 -2.46 -45.12
CA LYS A 83 -19.05 -2.51 -45.19
C LYS A 83 -19.60 -1.10 -45.27
N THR A 84 -20.46 -0.84 -46.25
CA THR A 84 -21.18 0.41 -46.35
C THR A 84 -22.44 0.35 -45.49
N ASP A 85 -23.04 1.53 -45.26
CA ASP A 85 -24.25 1.63 -44.44
C ASP A 85 -23.99 1.10 -43.03
N LEU A 86 -22.89 1.52 -42.42
CA LEU A 86 -22.46 1.06 -41.12
C LEU A 86 -22.47 2.22 -40.13
N ARG A 87 -23.01 2.00 -38.94
CA ARG A 87 -23.09 3.01 -37.90
C ARG A 87 -22.03 2.75 -36.83
N PHE A 88 -21.79 3.77 -36.01
CA PHE A 88 -20.75 3.70 -34.98
C PHE A 88 -21.22 4.40 -33.72
N GLN A 89 -20.98 3.77 -32.58
CA GLN A 89 -21.14 4.45 -31.30
C GLN A 89 -20.03 5.48 -31.15
N SER A 90 -20.41 6.73 -30.85
CA SER A 90 -19.43 7.79 -30.73
C SER A 90 -18.29 7.39 -29.79
N SER A 91 -18.64 6.69 -28.71
CA SER A 91 -17.61 6.21 -27.79
C SER A 91 -16.62 5.30 -28.49
N ALA A 92 -17.08 4.49 -29.44
CA ALA A 92 -16.17 3.64 -30.20
C ALA A 92 -15.19 4.49 -31.00
N VAL A 93 -15.68 5.57 -31.60
CA VAL A 93 -14.82 6.46 -32.36
C VAL A 93 -13.79 7.10 -31.44
N MET A 94 -14.22 7.50 -30.24
CA MET A 94 -13.28 8.09 -29.29
C MET A 94 -12.23 7.09 -28.87
N ALA A 95 -12.64 5.86 -28.60
CA ALA A 95 -11.69 4.81 -28.24
C ALA A 95 -10.68 4.60 -29.35
N LEU A 96 -11.15 4.57 -30.60
CA LEU A 96 -10.25 4.44 -31.75
C LEU A 96 -9.25 5.59 -31.76
N GLN A 97 -9.73 6.82 -31.60
CA GLN A 97 -8.83 7.97 -31.65
C GLN A 97 -7.78 7.90 -30.55
N GLU A 98 -8.21 7.55 -29.33
CA GLU A 98 -7.27 7.49 -28.21
C GLU A 98 -6.24 6.40 -28.44
N ALA A 99 -6.67 5.23 -28.93
CA ALA A 99 -5.73 4.17 -29.25
C ALA A 99 -4.74 4.62 -30.30
N CYS A 100 -5.23 5.31 -31.33
CA CYS A 100 -4.35 5.76 -32.40
C CYS A 100 -3.32 6.76 -31.87
N GLU A 101 -3.77 7.73 -31.08
CA GLU A 101 -2.85 8.73 -30.56
C GLU A 101 -1.83 8.10 -29.64
N ALA A 102 -2.25 7.16 -28.79
CA ALA A 102 -1.32 6.46 -27.92
C ALA A 102 -0.28 5.69 -28.73
N TYR A 103 -0.75 4.91 -29.70
CA TYR A 103 0.13 4.12 -30.55
C TYR A 103 1.14 5.00 -31.27
N LEU A 104 0.65 6.09 -31.87
CA LEU A 104 1.52 7.00 -32.60
C LEU A 104 2.53 7.66 -31.66
N VAL A 105 2.10 8.02 -30.46
CA VAL A 105 3.01 8.66 -29.50
C VAL A 105 4.12 7.69 -29.10
N GLY A 106 3.75 6.43 -28.86
CA GLY A 106 4.76 5.44 -28.55
C GLY A 106 5.75 5.25 -29.70
N LEU A 107 5.22 5.13 -30.92
CA LEU A 107 6.09 5.00 -32.08
C LEU A 107 6.99 6.21 -32.24
N PHE A 108 6.46 7.40 -31.96
CA PHE A 108 7.27 8.62 -32.05
C PHE A 108 8.40 8.59 -31.03
N GLU A 109 8.11 8.14 -29.81
CA GLU A 109 9.15 8.07 -28.79
C GLU A 109 10.25 7.09 -29.19
N ASP A 110 9.85 5.91 -29.68
CA ASP A 110 10.84 4.95 -30.16
C ASP A 110 11.66 5.55 -31.30
N THR A 111 10.98 6.20 -32.25
CA THR A 111 11.67 6.83 -33.38
C THR A 111 12.65 7.89 -32.89
N ASN A 112 12.27 8.63 -31.85
CA ASN A 112 13.17 9.63 -31.28
C ASN A 112 14.41 8.97 -30.71
N LEU A 113 14.23 7.83 -30.03
CA LEU A 113 15.40 7.10 -29.55
C LEU A 113 16.29 6.68 -30.72
N CYS A 114 15.69 6.24 -31.82
CA CYS A 114 16.50 5.86 -32.99
C CYS A 114 17.30 7.05 -33.49
N ALA A 115 16.65 8.19 -33.66
CA ALA A 115 17.35 9.38 -34.13
C ALA A 115 18.48 9.75 -33.18
N ILE A 116 18.23 9.68 -31.87
CA ILE A 116 19.27 9.97 -30.89
C ILE A 116 20.44 9.02 -31.06
N HIS A 117 20.16 7.73 -31.27
CA HIS A 117 21.21 6.75 -31.47
C HIS A 117 22.06 7.12 -32.68
N ALA A 118 21.41 7.57 -33.74
CA ALA A 118 22.11 8.07 -34.92
C ALA A 118 22.73 9.43 -34.63
N LYS A 119 22.61 9.91 -33.38
CA LYS A 119 23.09 11.22 -32.97
C LYS A 119 22.43 12.33 -33.80
N ARG A 120 21.10 12.30 -33.81
CA ARG A 120 20.30 13.19 -34.64
C ARG A 120 19.07 13.65 -33.86
N VAL A 121 18.61 14.85 -34.22
CA VAL A 121 17.44 15.48 -33.60
C VAL A 121 16.21 15.33 -34.49
N THR A 122 16.35 15.66 -35.78
CA THR A 122 15.24 15.54 -36.73
C THR A 122 15.00 14.07 -37.04
N ILE A 123 13.78 13.60 -36.81
CA ILE A 123 13.44 12.22 -37.11
C ILE A 123 13.16 12.08 -38.60
N MET A 124 13.68 11.02 -39.21
CA MET A 124 13.54 10.74 -40.62
C MET A 124 12.69 9.50 -40.84
N PRO A 125 12.08 9.35 -42.01
CA PRO A 125 11.34 8.10 -42.29
C PRO A 125 12.20 6.87 -42.09
N LYS A 126 13.51 6.97 -42.29
CA LYS A 126 14.40 5.85 -41.96
C LYS A 126 14.23 5.45 -40.50
N ASP A 127 14.12 6.43 -39.60
CA ASP A 127 13.97 6.11 -38.19
C ASP A 127 12.67 5.38 -37.91
N ILE A 128 11.57 5.87 -38.49
CA ILE A 128 10.28 5.19 -38.32
C ILE A 128 10.38 3.77 -38.86
N GLN A 129 10.96 3.62 -40.06
CA GLN A 129 11.05 2.32 -40.70
C GLN A 129 11.89 1.36 -39.86
N LEU A 130 13.00 1.86 -39.30
CA LEU A 130 13.85 1.02 -38.46
C LEU A 130 13.09 0.60 -37.20
N ALA A 131 12.41 1.55 -36.55
CA ALA A 131 11.63 1.22 -35.37
C ALA A 131 10.59 0.14 -35.69
N ARG A 132 9.84 0.35 -36.77
CA ARG A 132 8.80 -0.60 -37.15
C ARG A 132 9.40 -1.97 -37.48
N ARG A 133 10.53 -1.99 -38.19
CA ARG A 133 11.19 -3.25 -38.49
C ARG A 133 11.62 -3.96 -37.22
N ILE A 134 12.22 -3.23 -36.29
CA ILE A 134 12.66 -3.82 -35.02
C ILE A 134 11.47 -4.40 -34.28
N LEU B 26 -17.11 9.43 -49.76
CA LEU B 26 -16.09 9.95 -48.79
C LEU B 26 -14.68 9.85 -49.39
N ARG B 27 -13.95 10.96 -49.39
CA ARG B 27 -12.62 11.02 -50.00
C ARG B 27 -11.73 11.98 -49.23
N ASP B 28 -10.42 11.75 -49.36
CA ASP B 28 -9.36 12.66 -48.93
C ASP B 28 -9.33 12.92 -47.43
N ASN B 29 -10.12 12.20 -46.64
CA ASN B 29 -10.15 12.47 -45.20
C ASN B 29 -8.81 12.16 -44.53
N ILE B 30 -7.91 11.46 -45.22
CA ILE B 30 -6.56 11.27 -44.69
C ILE B 30 -5.86 12.62 -44.55
N GLN B 31 -6.16 13.55 -45.46
CA GLN B 31 -5.63 14.90 -45.34
C GLN B 31 -6.18 15.60 -44.10
N GLY B 32 -7.32 15.13 -43.59
CA GLY B 32 -7.88 15.69 -42.38
C GLY B 32 -6.95 15.61 -41.19
N ILE B 33 -5.96 14.72 -41.25
CA ILE B 33 -4.93 14.67 -40.22
C ILE B 33 -3.94 15.79 -40.49
N THR B 34 -4.06 16.86 -39.73
CA THR B 34 -3.37 18.10 -40.02
C THR B 34 -1.90 18.01 -39.63
N LYS B 35 -1.05 18.74 -40.35
CA LYS B 35 0.35 18.83 -39.95
C LYS B 35 0.51 19.30 -38.52
N PRO B 36 -0.27 20.28 -38.03
CA PRO B 36 -0.21 20.61 -36.60
C PRO B 36 -0.62 19.48 -35.69
N ALA B 37 -1.62 18.67 -36.06
CA ALA B 37 -1.99 17.53 -35.24
C ALA B 37 -0.82 16.56 -35.12
N ILE B 38 -0.16 16.27 -36.24
CA ILE B 38 1.01 15.40 -36.21
C ILE B 38 2.11 16.00 -35.37
N ARG B 39 2.32 17.31 -35.50
CA ARG B 39 3.33 17.98 -34.71
C ARG B 39 3.04 17.87 -33.22
N ARG B 40 1.78 18.08 -32.84
CA ARG B 40 1.40 17.98 -31.43
C ARG B 40 1.62 16.57 -30.91
N LEU B 41 1.23 15.56 -31.69
CA LEU B 41 1.44 14.18 -31.26
C LEU B 41 2.92 13.89 -31.09
N ALA B 42 3.74 14.37 -32.03
CA ALA B 42 5.19 14.18 -31.92
C ALA B 42 5.74 14.88 -30.69
N ARG B 43 5.21 16.07 -30.37
CA ARG B 43 5.64 16.78 -29.16
C ARG B 43 5.26 16.01 -27.91
N ARG B 44 4.04 15.45 -27.88
CA ARG B 44 3.67 14.58 -26.77
C ARG B 44 4.59 13.38 -26.69
N GLY B 45 5.11 12.94 -27.84
CA GLY B 45 6.13 11.92 -27.91
C GLY B 45 7.54 12.43 -27.69
N GLY B 46 7.70 13.66 -27.22
CA GLY B 46 9.00 14.21 -26.93
C GLY B 46 9.83 14.59 -28.13
N VAL B 47 9.25 14.60 -29.32
CA VAL B 47 10.00 14.87 -30.54
C VAL B 47 10.26 16.37 -30.64
N LYS B 48 11.52 16.73 -30.89
CA LYS B 48 11.91 18.13 -31.01
C LYS B 48 11.91 18.63 -32.46
N ARG B 49 12.23 17.77 -33.43
CA ARG B 49 12.26 18.17 -34.83
C ARG B 49 11.69 17.07 -35.71
N ILE B 50 11.04 17.48 -36.80
CA ILE B 50 10.26 16.58 -37.65
C ILE B 50 10.64 16.83 -39.10
N SER B 51 10.89 15.76 -39.85
CA SER B 51 11.10 15.87 -41.28
C SER B 51 9.76 15.80 -42.01
N GLY B 52 9.63 16.64 -43.05
CA GLY B 52 8.35 16.74 -43.74
C GLY B 52 7.84 15.41 -44.24
N LEU B 53 8.75 14.54 -44.70
CA LEU B 53 8.34 13.22 -45.14
C LEU B 53 7.56 12.48 -44.06
N ILE B 54 7.76 12.84 -42.79
CA ILE B 54 7.08 12.17 -41.70
C ILE B 54 5.57 12.28 -41.84
N TYR B 55 5.08 13.45 -42.26
CA TYR B 55 3.65 13.67 -42.30
C TYR B 55 2.95 12.63 -43.17
N GLU B 56 3.46 12.40 -44.38
CA GLU B 56 2.88 11.37 -45.24
C GLU B 56 3.22 9.98 -44.73
N GLU B 57 4.46 9.77 -44.28
CA GLU B 57 4.82 8.48 -43.69
C GLU B 57 3.90 8.15 -42.53
N THR B 58 3.65 9.14 -41.67
CA THR B 58 2.77 8.93 -40.53
C THR B 58 1.34 8.64 -40.99
N ARG B 59 0.87 9.37 -42.00
CA ARG B 59 -0.47 9.11 -42.50
C ARG B 59 -0.59 7.68 -43.00
N GLY B 60 0.43 7.19 -43.70
CA GLY B 60 0.40 5.81 -44.16
C GLY B 60 0.40 4.81 -43.02
N VAL B 61 1.31 5.00 -42.06
CA VAL B 61 1.39 4.08 -40.92
C VAL B 61 0.06 4.07 -40.17
N LEU B 62 -0.50 5.25 -39.94
CA LEU B 62 -1.78 5.34 -39.25
C LEU B 62 -2.87 4.64 -40.05
N LYS B 63 -2.91 4.85 -41.36
CA LYS B 63 -3.92 4.21 -42.17
C LYS B 63 -3.83 2.70 -42.03
N VAL B 64 -2.61 2.15 -42.07
CA VAL B 64 -2.43 0.71 -41.93
C VAL B 64 -2.95 0.24 -40.57
N PHE B 65 -2.41 0.83 -39.50
CA PHE B 65 -2.79 0.44 -38.14
C PHE B 65 -4.30 0.53 -37.95
N LEU B 66 -4.87 1.68 -38.28
CA LEU B 66 -6.29 1.93 -38.07
C LEU B 66 -7.14 1.03 -38.95
N GLU B 67 -6.71 0.78 -40.18
CA GLU B 67 -7.46 -0.10 -41.06
C GLU B 67 -7.51 -1.51 -40.51
N ASN B 68 -6.40 -1.99 -39.97
CA ASN B 68 -6.41 -3.32 -39.36
C ASN B 68 -7.37 -3.36 -38.17
N VAL B 69 -7.28 -2.35 -37.29
CA VAL B 69 -8.19 -2.30 -36.15
C VAL B 69 -9.64 -2.26 -36.62
N ILE B 70 -9.92 -1.46 -37.65
CA ILE B 70 -11.28 -1.33 -38.16
C ILE B 70 -11.76 -2.66 -38.73
N ARG B 71 -10.90 -3.32 -39.50
CA ARG B 71 -11.27 -4.61 -40.06
C ARG B 71 -11.67 -5.57 -38.96
N ASP B 72 -10.88 -5.63 -37.89
CA ASP B 72 -11.22 -6.52 -36.78
C ASP B 72 -12.53 -6.13 -36.12
N ALA B 73 -12.70 -4.84 -35.84
CA ALA B 73 -13.92 -4.39 -35.17
C ALA B 73 -15.15 -4.65 -36.03
N VAL B 74 -15.04 -4.39 -37.33
CA VAL B 74 -16.13 -4.67 -38.26
C VAL B 74 -16.40 -6.17 -38.32
N THR B 75 -15.34 -6.98 -38.24
CA THR B 75 -15.53 -8.42 -38.23
C THR B 75 -16.33 -8.86 -37.02
N TYR B 76 -16.02 -8.27 -35.85
CA TYR B 76 -16.81 -8.54 -34.66
C TYR B 76 -18.26 -8.11 -34.85
N THR B 77 -18.46 -6.88 -35.34
CA THR B 77 -19.81 -6.38 -35.59
C THR B 77 -20.58 -7.31 -36.53
N GLU B 78 -19.92 -7.76 -37.60
CA GLU B 78 -20.56 -8.64 -38.57
C GLU B 78 -20.94 -9.97 -37.94
N HIS B 79 -20.01 -10.60 -37.25
CA HIS B 79 -20.32 -11.87 -36.61
C HIS B 79 -21.52 -11.73 -35.70
N ALA B 80 -21.58 -10.64 -34.94
CA ALA B 80 -22.73 -10.35 -34.09
C ALA B 80 -23.98 -10.04 -34.90
N LYS B 81 -23.86 -9.97 -36.23
CA LYS B 81 -25.01 -9.67 -37.11
C LYS B 81 -25.64 -8.33 -36.74
N ARG B 82 -24.79 -7.35 -36.42
CA ARG B 82 -25.20 -6.01 -36.07
C ARG B 82 -24.86 -5.04 -37.19
N LYS B 83 -25.53 -3.90 -37.17
CA LYS B 83 -25.28 -2.82 -38.12
C LYS B 83 -24.67 -1.58 -37.46
N THR B 84 -24.26 -1.68 -36.19
CA THR B 84 -23.61 -0.58 -35.48
C THR B 84 -22.36 -1.10 -34.79
N VAL B 85 -21.26 -0.38 -34.96
CA VAL B 85 -20.02 -0.72 -34.27
C VAL B 85 -20.09 -0.22 -32.83
N THR B 86 -19.76 -1.09 -31.89
CA THR B 86 -19.74 -0.72 -30.48
C THR B 86 -18.30 -0.64 -29.97
N ALA B 87 -18.13 0.11 -28.88
CA ALA B 87 -16.81 0.28 -28.29
C ALA B 87 -16.23 -1.05 -27.85
N MET B 88 -17.08 -2.01 -27.47
CA MET B 88 -16.58 -3.31 -27.06
C MET B 88 -15.87 -4.02 -28.21
N ASP B 89 -16.36 -3.84 -29.44
CA ASP B 89 -15.67 -4.43 -30.59
C ASP B 89 -14.31 -3.78 -30.78
N VAL B 90 -14.22 -2.46 -30.64
CA VAL B 90 -12.94 -1.78 -30.70
C VAL B 90 -12.01 -2.31 -29.62
N VAL B 91 -12.55 -2.54 -28.43
CA VAL B 91 -11.76 -3.03 -27.31
C VAL B 91 -11.22 -4.42 -27.63
N TYR B 92 -12.07 -5.29 -28.16
CA TYR B 92 -11.61 -6.64 -28.54
C TYR B 92 -10.55 -6.56 -29.63
N ALA B 93 -10.76 -5.72 -30.64
CA ALA B 93 -9.79 -5.59 -31.71
C ALA B 93 -8.44 -5.12 -31.17
N LEU B 94 -8.44 -4.14 -30.27
CA LEU B 94 -7.20 -3.67 -29.69
C LEU B 94 -6.57 -4.72 -28.80
N LYS B 95 -7.38 -5.36 -27.95
CA LYS B 95 -6.93 -6.43 -27.07
C LYS B 95 -6.17 -7.48 -27.84
N ARG B 96 -6.80 -8.06 -28.86
CA ARG B 96 -6.17 -9.14 -29.60
C ARG B 96 -4.94 -8.68 -30.36
N GLN B 97 -4.79 -7.39 -30.61
CA GLN B 97 -3.60 -6.84 -31.24
C GLN B 97 -2.58 -6.34 -30.22
N GLY B 98 -2.75 -6.69 -28.95
CA GLY B 98 -1.83 -6.27 -27.92
C GLY B 98 -1.90 -4.79 -27.63
N ARG B 99 -3.10 -4.22 -27.65
CA ARG B 99 -3.32 -2.80 -27.43
C ARG B 99 -4.40 -2.58 -26.38
N THR B 100 -4.36 -3.37 -25.31
CA THR B 100 -5.36 -3.29 -24.25
C THR B 100 -5.60 -1.85 -23.82
N LEU B 101 -6.87 -1.47 -23.72
CA LEU B 101 -7.28 -0.10 -23.45
C LEU B 101 -8.29 -0.08 -22.31
N TYR B 102 -8.08 0.82 -21.35
CA TYR B 102 -8.97 1.01 -20.22
C TYR B 102 -9.74 2.31 -20.39
N GLY B 103 -11.02 2.30 -20.01
CA GLY B 103 -11.83 3.50 -20.02
C GLY B 103 -13.16 3.33 -20.73
N PHE B 104 -13.29 2.25 -21.50
CA PHE B 104 -14.48 1.99 -22.30
C PHE B 104 -15.10 0.64 -21.94
N GLY B 105 -15.00 0.25 -20.67
CA GLY B 105 -15.50 -1.02 -20.22
C GLY B 105 -14.59 -2.17 -20.65
N GLY B 106 -14.83 -3.32 -20.04
CA GLY B 106 -14.04 -4.51 -20.33
C GLY B 106 -14.28 -5.63 -19.33
N THR C 20 -17.22 -42.43 -42.88
CA THR C 20 -16.29 -41.52 -42.24
C THR C 20 -16.61 -40.06 -42.53
N ARG C 21 -16.65 -39.25 -41.48
CA ARG C 21 -16.91 -37.82 -41.64
C ARG C 21 -15.90 -37.17 -42.57
N SER C 22 -14.61 -37.48 -42.38
CA SER C 22 -13.58 -36.95 -43.27
C SER C 22 -13.89 -37.30 -44.72
N SER C 23 -14.34 -38.53 -44.97
CA SER C 23 -14.70 -38.92 -46.34
C SER C 23 -15.88 -38.10 -46.84
N ARG C 24 -16.89 -37.90 -45.99
CA ARG C 24 -18.02 -37.06 -46.38
C ARG C 24 -17.53 -35.69 -46.85
N ALA C 25 -16.57 -35.11 -46.13
CA ALA C 25 -16.05 -33.80 -46.49
C ALA C 25 -14.96 -33.86 -47.55
N GLY C 26 -14.51 -35.05 -47.94
CA GLY C 26 -13.41 -35.17 -48.87
C GLY C 26 -12.10 -34.68 -48.30
N LEU C 27 -11.83 -35.01 -47.04
CA LEU C 27 -10.68 -34.49 -46.32
C LEU C 27 -9.82 -35.63 -45.77
N GLN C 28 -8.56 -35.31 -45.47
CA GLN C 28 -7.66 -36.28 -44.86
C GLN C 28 -7.79 -36.26 -43.33
N PHE C 29 -7.98 -35.08 -42.75
CA PHE C 29 -7.82 -34.93 -41.31
C PHE C 29 -8.99 -35.54 -40.56
N PRO C 30 -8.76 -36.06 -39.34
CA PRO C 30 -9.82 -36.76 -38.60
C PRO C 30 -10.83 -35.83 -37.93
N VAL C 31 -12.06 -35.84 -38.42
CA VAL C 31 -13.09 -34.97 -37.85
C VAL C 31 -13.42 -35.38 -36.42
N GLY C 32 -13.48 -36.69 -36.16
CA GLY C 32 -13.80 -37.15 -34.82
C GLY C 32 -12.81 -36.65 -33.78
N ARG C 33 -11.52 -36.73 -34.08
CA ARG C 33 -10.51 -36.22 -33.15
C ARG C 33 -10.70 -34.74 -32.90
N VAL C 34 -10.91 -33.97 -33.97
CA VAL C 34 -11.07 -32.52 -33.84
C VAL C 34 -12.28 -32.21 -32.96
N HIS C 35 -13.39 -32.91 -33.22
CA HIS C 35 -14.60 -32.72 -32.44
C HIS C 35 -14.35 -33.02 -30.96
N ARG C 36 -13.68 -34.13 -30.68
CA ARG C 36 -13.38 -34.48 -29.30
C ARG C 36 -12.50 -33.41 -28.65
N LEU C 37 -11.45 -32.96 -29.36
CA LEU C 37 -10.57 -31.93 -28.83
C LEU C 37 -11.34 -30.66 -28.54
N LEU C 38 -12.36 -30.37 -29.34
CA LEU C 38 -13.18 -29.18 -29.10
C LEU C 38 -14.08 -29.37 -27.89
N ARG C 39 -14.55 -30.60 -27.66
CA ARG C 39 -15.34 -30.84 -26.45
C ARG C 39 -14.46 -30.83 -25.21
N LYS C 40 -13.20 -31.23 -25.34
CA LYS C 40 -12.22 -31.00 -24.28
C LYS C 40 -11.82 -29.52 -24.28
N GLY C 41 -10.90 -29.18 -23.38
CA GLY C 41 -10.41 -27.81 -23.29
C GLY C 41 -11.43 -26.80 -22.81
N ASN C 42 -12.67 -27.21 -22.56
CA ASN C 42 -13.70 -26.31 -22.03
C ASN C 42 -13.95 -25.10 -22.93
N TYR C 43 -13.73 -25.26 -24.24
CA TYR C 43 -13.90 -24.13 -25.14
C TYR C 43 -15.33 -23.62 -25.18
N SER C 44 -16.31 -24.50 -25.00
CA SER C 44 -17.70 -24.09 -25.00
C SER C 44 -18.55 -25.20 -24.39
N GLU C 45 -19.81 -24.87 -24.13
CA GLU C 45 -20.75 -25.86 -23.62
C GLU C 45 -21.27 -26.77 -24.73
N ARG C 46 -21.36 -26.24 -25.95
CA ARG C 46 -21.92 -26.97 -27.08
C ARG C 46 -21.06 -26.72 -28.31
N VAL C 47 -21.09 -27.66 -29.25
CA VAL C 47 -20.30 -27.56 -30.48
C VAL C 47 -21.17 -28.04 -31.64
N GLY C 48 -21.43 -27.17 -32.61
CA GLY C 48 -22.18 -27.53 -33.81
C GLY C 48 -21.46 -28.52 -34.69
N ALA C 49 -22.21 -29.43 -35.32
CA ALA C 49 -21.60 -30.52 -36.07
C ALA C 49 -20.69 -30.02 -37.19
N GLY C 50 -21.06 -28.91 -37.84
CA GLY C 50 -20.25 -28.40 -38.94
C GLY C 50 -18.98 -27.71 -38.50
N ALA C 51 -18.88 -27.34 -37.23
CA ALA C 51 -17.73 -26.61 -36.71
C ALA C 51 -16.44 -27.39 -36.92
N PRO C 52 -16.33 -28.63 -36.40
CA PRO C 52 -15.08 -29.38 -36.62
C PRO C 52 -14.79 -29.62 -38.09
N VAL C 53 -15.81 -29.75 -38.94
CA VAL C 53 -15.59 -29.93 -40.37
C VAL C 53 -14.89 -28.71 -40.94
N TYR C 54 -15.45 -27.52 -40.69
CA TYR C 54 -14.84 -26.30 -41.19
C TYR C 54 -13.40 -26.17 -40.70
N LEU C 55 -13.20 -26.45 -39.41
CA LEU C 55 -11.87 -26.32 -38.83
C LEU C 55 -10.89 -27.30 -39.48
N ALA C 56 -11.31 -28.55 -39.67
CA ALA C 56 -10.46 -29.55 -40.28
C ALA C 56 -10.09 -29.15 -41.71
N ALA C 57 -11.06 -28.62 -42.46
CA ALA C 57 -10.77 -28.16 -43.81
C ALA C 57 -9.71 -27.07 -43.79
N VAL C 58 -9.86 -26.10 -42.89
CA VAL C 58 -8.88 -25.01 -42.81
C VAL C 58 -7.50 -25.56 -42.47
N LEU C 59 -7.43 -26.44 -41.48
CA LEU C 59 -6.15 -27.02 -41.07
C LEU C 59 -5.50 -27.77 -42.23
N GLU C 60 -6.29 -28.56 -42.95
CA GLU C 60 -5.77 -29.31 -44.08
C GLU C 60 -5.24 -28.38 -45.16
N TYR C 61 -5.97 -27.30 -45.43
CA TYR C 61 -5.52 -26.34 -46.44
C TYR C 61 -4.18 -25.72 -46.04
N LEU C 62 -4.08 -25.26 -44.79
CA LEU C 62 -2.82 -24.66 -44.34
C LEU C 62 -1.68 -25.67 -44.39
N THR C 63 -1.95 -26.90 -43.95
CA THR C 63 -0.95 -27.96 -44.00
C THR C 63 -0.47 -28.18 -45.42
N ALA C 64 -1.40 -28.20 -46.38
CA ALA C 64 -1.05 -28.42 -47.77
C ALA C 64 -0.18 -27.28 -48.29
N GLU C 65 -0.54 -26.04 -47.96
CA GLU C 65 0.29 -24.90 -48.36
C GLU C 65 1.72 -25.08 -47.86
N ILE C 66 1.86 -25.35 -46.57
CA ILE C 66 3.19 -25.48 -45.97
C ILE C 66 3.96 -26.61 -46.64
N LEU C 67 3.34 -27.78 -46.78
CA LEU C 67 4.05 -28.94 -47.33
C LEU C 67 4.43 -28.72 -48.78
N GLU C 68 3.57 -28.04 -49.56
CA GLU C 68 3.91 -27.75 -50.94
C GLU C 68 5.12 -26.84 -51.01
N LEU C 69 5.11 -25.75 -50.24
CA LEU C 69 6.25 -24.84 -50.25
C LEU C 69 7.52 -25.56 -49.78
N ALA C 70 7.39 -26.43 -48.78
CA ALA C 70 8.54 -27.13 -48.25
C ALA C 70 9.10 -28.11 -49.27
N GLY C 71 8.22 -28.80 -50.00
CA GLY C 71 8.69 -29.69 -51.05
C GLY C 71 9.36 -28.93 -52.18
N ASN C 72 8.83 -27.75 -52.51
CA ASN C 72 9.48 -26.91 -53.52
C ASN C 72 10.87 -26.50 -53.04
N ALA C 73 10.99 -26.13 -51.77
CA ALA C 73 12.31 -25.78 -51.22
C ALA C 73 13.25 -26.98 -51.29
N ALA C 74 12.76 -28.15 -50.91
CA ALA C 74 13.59 -29.36 -50.96
C ALA C 74 14.07 -29.62 -52.37
N ARG C 75 13.17 -29.52 -53.35
CA ARG C 75 13.54 -29.72 -54.75
C ARG C 75 14.58 -28.69 -55.18
N ASP C 76 14.39 -27.42 -54.77
CA ASP C 76 15.40 -26.40 -55.05
C ASP C 76 16.73 -26.78 -54.41
N ASN C 77 16.69 -27.40 -53.24
CA ASN C 77 17.87 -27.93 -52.57
C ASN C 77 18.20 -29.34 -53.03
N LYS C 78 17.65 -29.77 -54.17
CA LYS C 78 17.94 -31.07 -54.78
C LYS C 78 17.69 -32.24 -53.83
N LYS C 79 16.80 -32.05 -52.85
CA LYS C 79 16.47 -33.06 -51.85
C LYS C 79 15.07 -33.62 -52.10
N THR C 80 14.86 -34.86 -51.65
CA THR C 80 13.58 -35.54 -51.80
C THR C 80 12.88 -35.85 -50.48
N ARG C 81 13.41 -35.37 -49.35
CA ARG C 81 12.72 -35.52 -48.07
C ARG C 81 12.79 -34.21 -47.31
N ILE C 82 11.67 -33.83 -46.69
CA ILE C 82 11.58 -32.56 -45.99
C ILE C 82 12.33 -32.63 -44.67
N ILE C 83 13.09 -31.58 -44.36
CA ILE C 83 13.77 -31.45 -43.08
C ILE C 83 13.46 -30.08 -42.52
N PRO C 84 13.67 -29.88 -41.22
CA PRO C 84 13.34 -28.57 -40.62
C PRO C 84 13.98 -27.40 -41.33
N ARG C 85 15.17 -27.58 -41.90
CA ARG C 85 15.79 -26.51 -42.69
C ARG C 85 14.86 -26.06 -43.82
N HIS C 86 14.27 -27.02 -44.53
CA HIS C 86 13.37 -26.69 -45.62
C HIS C 86 12.16 -25.93 -45.11
N LEU C 87 11.57 -26.37 -44.00
CA LEU C 87 10.40 -25.70 -43.44
C LEU C 87 10.75 -24.27 -43.05
N GLN C 88 11.90 -24.07 -42.41
CA GLN C 88 12.35 -22.73 -42.07
C GLN C 88 12.40 -21.85 -43.31
N LEU C 89 13.12 -22.30 -44.34
CA LEU C 89 13.26 -21.51 -45.56
C LEU C 89 11.91 -21.19 -46.17
N ALA C 90 11.06 -22.21 -46.31
CA ALA C 90 9.76 -22.04 -46.95
C ALA C 90 8.91 -21.02 -46.19
N ILE C 91 8.75 -21.22 -44.89
CA ILE C 91 7.88 -20.35 -44.11
C ILE C 91 8.42 -18.93 -44.08
N ARG C 92 9.74 -18.77 -44.00
CA ARG C 92 10.30 -17.42 -43.96
C ARG C 92 10.27 -16.76 -45.33
N ASN C 93 10.15 -17.54 -46.42
CA ASN C 93 10.08 -16.95 -47.74
C ASN C 93 8.64 -16.58 -48.13
N ASP C 94 7.66 -17.37 -47.72
CA ASP C 94 6.27 -17.03 -48.00
C ASP C 94 5.82 -15.92 -47.07
N GLU C 95 5.42 -14.79 -47.64
CA GLU C 95 5.13 -13.60 -46.83
C GLU C 95 3.91 -13.81 -45.94
N GLU C 96 2.86 -14.46 -46.45
CA GLU C 96 1.67 -14.65 -45.64
C GLU C 96 1.96 -15.57 -44.46
N LEU C 97 2.56 -16.74 -44.72
CA LEU C 97 2.94 -17.63 -43.63
C LEU C 97 3.95 -16.97 -42.71
N ASN C 98 4.90 -16.23 -43.28
CA ASN C 98 5.89 -15.53 -42.46
C ASN C 98 5.22 -14.58 -41.49
N LYS C 99 4.19 -13.86 -41.95
CA LYS C 99 3.44 -12.98 -41.05
C LYS C 99 2.66 -13.79 -40.03
N LEU C 100 2.09 -14.91 -40.44
CA LEU C 100 1.31 -15.74 -39.53
C LEU C 100 2.20 -16.43 -38.49
N LEU C 101 3.44 -16.75 -38.84
CA LEU C 101 4.32 -17.54 -37.98
C LEU C 101 5.63 -16.82 -37.66
N GLY C 102 5.63 -15.49 -37.67
CA GLY C 102 6.88 -14.76 -37.50
C GLY C 102 7.59 -15.04 -36.19
N ARG C 103 6.83 -15.30 -35.13
CA ARG C 103 7.41 -15.47 -33.80
C ARG C 103 7.58 -16.92 -33.39
N VAL C 104 7.55 -17.85 -34.34
CA VAL C 104 7.83 -19.25 -34.09
C VAL C 104 9.32 -19.50 -34.31
N THR C 105 9.86 -20.44 -33.53
CA THR C 105 11.23 -20.90 -33.69
C THR C 105 11.20 -22.36 -34.14
N ILE C 106 12.11 -22.70 -35.06
CA ILE C 106 12.13 -24.01 -35.70
C ILE C 106 13.42 -24.71 -35.31
N ALA C 107 13.31 -25.89 -34.70
CA ALA C 107 14.47 -26.68 -34.35
C ALA C 107 15.28 -27.00 -35.59
N GLN C 108 16.59 -26.77 -35.52
CA GLN C 108 17.50 -26.99 -36.65
C GLN C 108 17.04 -26.27 -37.91
N GLY C 109 16.41 -25.09 -37.74
CA GLY C 109 15.90 -24.38 -38.90
C GLY C 109 16.97 -23.58 -39.63
N GLY C 110 17.93 -23.03 -38.88
CA GLY C 110 18.88 -22.12 -39.49
C GLY C 110 18.20 -20.78 -39.80
N VAL C 111 18.83 -20.01 -40.67
CA VAL C 111 18.32 -18.70 -41.06
C VAL C 111 18.41 -18.51 -42.57
N LEU C 112 17.64 -17.55 -43.06
CA LEU C 112 17.69 -17.22 -44.47
C LEU C 112 19.07 -16.65 -44.82
N PRO C 113 19.61 -16.94 -46.00
CA PRO C 113 20.93 -16.43 -46.36
C PRO C 113 20.91 -14.96 -46.76
N ASN C 114 20.64 -14.09 -45.80
CA ASN C 114 20.49 -12.66 -46.05
C ASN C 114 21.73 -11.92 -45.58
N ILE C 115 22.32 -11.13 -46.47
CA ILE C 115 23.48 -10.29 -46.17
C ILE C 115 23.21 -8.91 -46.77
N GLN C 116 23.44 -7.87 -45.98
CA GLN C 116 23.14 -6.52 -46.44
C GLN C 116 24.23 -6.03 -47.39
N ALA C 117 23.80 -5.31 -48.44
CA ALA C 117 24.74 -4.85 -49.46
C ALA C 117 25.87 -4.01 -48.85
N VAL C 118 25.57 -3.24 -47.82
CA VAL C 118 26.59 -2.40 -47.19
C VAL C 118 27.75 -3.24 -46.67
N LEU C 119 27.50 -4.51 -46.33
CA LEU C 119 28.55 -5.35 -45.80
C LEU C 119 29.40 -5.99 -46.89
N LEU C 120 28.91 -6.02 -48.12
CA LEU C 120 29.65 -6.65 -49.20
C LEU C 120 30.82 -5.75 -49.63
N PRO C 121 31.93 -6.33 -50.08
CA PRO C 121 33.08 -5.50 -50.46
C PRO C 121 32.79 -4.69 -51.71
N LYS C 122 33.39 -3.50 -51.77
CA LYS C 122 33.24 -2.62 -52.92
C LYS C 122 34.42 -1.66 -53.02
N LYS D 38 -1.89 -41.71 -26.71
CA LYS D 38 -1.38 -40.46 -27.27
C LYS D 38 -1.59 -40.42 -28.77
N GLU D 39 -1.73 -39.20 -29.32
CA GLU D 39 -2.17 -38.99 -30.69
C GLU D 39 -1.34 -37.93 -31.40
N SER D 40 -1.06 -38.17 -32.67
CA SER D 40 -0.37 -37.22 -33.54
C SER D 40 -1.01 -37.28 -34.93
N TYR D 41 -0.65 -36.31 -35.77
CA TYR D 41 -1.22 -36.18 -37.11
C TYR D 41 -0.30 -36.69 -38.21
N SER D 42 0.66 -37.55 -37.88
CA SER D 42 1.63 -38.01 -38.87
C SER D 42 0.95 -38.67 -40.06
N ILE D 43 -0.08 -39.47 -39.82
CA ILE D 43 -0.80 -40.12 -40.92
C ILE D 43 -1.26 -39.09 -41.93
N TYR D 44 -1.98 -38.06 -41.45
CA TYR D 44 -2.62 -37.11 -42.36
C TYR D 44 -1.59 -36.16 -42.95
N VAL D 45 -0.58 -35.78 -42.18
CA VAL D 45 0.52 -34.99 -42.73
C VAL D 45 1.15 -35.73 -43.89
N TYR D 46 1.40 -37.02 -43.71
CA TYR D 46 2.06 -37.81 -44.75
C TYR D 46 1.17 -37.97 -45.97
N LYS D 47 -0.12 -38.26 -45.75
CA LYS D 47 -1.04 -38.40 -46.88
C LYS D 47 -1.17 -37.10 -47.65
N VAL D 48 -1.21 -35.97 -46.93
CA VAL D 48 -1.25 -34.66 -47.60
C VAL D 48 0.03 -34.43 -48.38
N LEU D 49 1.17 -34.80 -47.81
CA LEU D 49 2.43 -34.67 -48.54
C LEU D 49 2.38 -35.45 -49.84
N LYS D 50 1.83 -36.66 -49.78
CA LYS D 50 1.70 -37.46 -51.00
C LYS D 50 0.69 -36.85 -51.96
N GLN D 51 -0.22 -36.01 -51.46
CA GLN D 51 -1.11 -35.29 -52.35
C GLN D 51 -0.38 -34.15 -53.06
N VAL D 52 0.49 -33.42 -52.34
CA VAL D 52 1.15 -32.26 -52.94
C VAL D 52 2.46 -32.65 -53.61
N HIS D 53 3.22 -33.57 -53.02
CA HIS D 53 4.51 -34.00 -53.55
C HIS D 53 4.63 -35.50 -53.39
N PRO D 54 4.03 -36.27 -54.30
CA PRO D 54 4.11 -37.74 -54.17
C PRO D 54 5.55 -38.25 -54.11
N ASP D 55 6.46 -37.62 -54.83
CA ASP D 55 7.84 -38.07 -54.88
C ASP D 55 8.61 -37.78 -53.60
N THR D 56 8.02 -37.04 -52.66
CA THR D 56 8.75 -36.50 -51.53
C THR D 56 8.33 -37.16 -50.22
N GLY D 57 9.32 -37.36 -49.34
CA GLY D 57 9.09 -37.85 -48.00
C GLY D 57 9.32 -36.74 -46.97
N ILE D 58 9.17 -37.11 -45.70
CA ILE D 58 9.30 -36.16 -44.60
C ILE D 58 10.07 -36.81 -43.45
N SER D 59 11.01 -36.05 -42.88
CA SER D 59 11.78 -36.53 -41.74
C SER D 59 10.98 -36.38 -40.45
N SER D 60 11.32 -37.21 -39.46
CA SER D 60 10.59 -37.16 -38.20
C SER D 60 10.76 -35.80 -37.51
N LYS D 61 11.91 -35.15 -37.70
CA LYS D 61 12.09 -33.80 -37.16
C LYS D 61 11.09 -32.83 -37.80
N ALA D 62 11.01 -32.86 -39.13
CA ALA D 62 10.04 -32.03 -39.82
C ALA D 62 8.62 -32.41 -39.42
N MET D 63 8.36 -33.70 -39.21
CA MET D 63 7.04 -34.15 -38.80
C MET D 63 6.68 -33.57 -37.43
N GLY D 64 7.64 -33.53 -36.52
CA GLY D 64 7.40 -32.90 -35.23
C GLY D 64 7.09 -31.43 -35.37
N ILE D 65 7.86 -30.74 -36.22
CA ILE D 65 7.55 -29.33 -36.51
C ILE D 65 6.10 -29.20 -36.96
N MET D 66 5.68 -30.06 -37.88
CA MET D 66 4.33 -29.95 -38.45
C MET D 66 3.26 -30.21 -37.40
N ASN D 67 3.49 -31.19 -36.52
CA ASN D 67 2.52 -31.49 -35.48
C ASN D 67 2.39 -30.32 -34.51
N SER D 68 3.54 -29.75 -34.10
CA SER D 68 3.50 -28.56 -33.27
C SER D 68 2.70 -27.46 -33.95
N PHE D 69 2.93 -27.26 -35.24
CA PHE D 69 2.19 -26.22 -35.98
C PHE D 69 0.69 -26.49 -35.95
N VAL D 70 0.29 -27.72 -36.26
CA VAL D 70 -1.13 -28.05 -36.28
C VAL D 70 -1.76 -27.74 -34.93
N ASN D 71 -1.11 -28.20 -33.86
CA ASN D 71 -1.66 -27.99 -32.53
C ASN D 71 -1.74 -26.49 -32.21
N ASP D 72 -0.73 -25.73 -32.61
CA ASP D 72 -0.72 -24.30 -32.35
C ASP D 72 -1.90 -23.62 -33.03
N ILE D 73 -2.11 -23.91 -34.32
CA ILE D 73 -3.21 -23.29 -35.04
C ILE D 73 -4.54 -23.71 -34.44
N PHE D 74 -4.67 -24.99 -34.07
CA PHE D 74 -5.90 -25.43 -33.42
C PHE D 74 -6.17 -24.61 -32.18
N GLU D 75 -5.15 -24.41 -31.34
CA GLU D 75 -5.34 -23.63 -30.12
C GLU D 75 -5.75 -22.20 -30.44
N ARG D 76 -5.06 -21.55 -31.38
CA ARG D 76 -5.42 -20.19 -31.76
C ARG D 76 -6.89 -20.10 -32.13
N ILE D 77 -7.32 -20.95 -33.07
CA ILE D 77 -8.68 -20.87 -33.58
C ILE D 77 -9.68 -21.18 -32.46
N ALA D 78 -9.42 -22.22 -31.68
CA ALA D 78 -10.36 -22.62 -30.65
C ALA D 78 -10.52 -21.52 -29.60
N GLY D 79 -9.43 -20.92 -29.16
CA GLY D 79 -9.52 -19.85 -28.19
C GLY D 79 -10.27 -18.64 -28.74
N GLU D 80 -9.97 -18.25 -29.98
CA GLU D 80 -10.64 -17.11 -30.57
C GLU D 80 -12.14 -17.38 -30.71
N ALA D 81 -12.51 -18.58 -31.16
CA ALA D 81 -13.91 -18.92 -31.30
C ALA D 81 -14.61 -18.93 -29.95
N SER D 82 -13.93 -19.42 -28.93
CA SER D 82 -14.50 -19.40 -27.58
C SER D 82 -14.79 -17.97 -27.14
N ARG D 83 -13.80 -17.08 -27.30
CA ARG D 83 -14.02 -15.67 -26.97
C ARG D 83 -15.20 -15.11 -27.74
N LEU D 84 -15.25 -15.38 -29.04
CA LEU D 84 -16.34 -14.88 -29.88
C LEU D 84 -17.69 -15.31 -29.32
N ALA D 85 -17.86 -16.62 -29.10
CA ALA D 85 -19.13 -17.11 -28.57
C ALA D 85 -19.47 -16.43 -27.25
N HIS D 86 -18.47 -16.25 -26.37
CA HIS D 86 -18.72 -15.57 -25.12
C HIS D 86 -19.15 -14.12 -25.34
N TYR D 87 -18.37 -13.39 -26.15
CA TYR D 87 -18.72 -12.00 -26.44
C TYR D 87 -20.16 -11.86 -26.90
N ASN D 88 -20.74 -12.92 -27.47
CA ASN D 88 -22.10 -12.91 -27.98
C ASN D 88 -23.04 -13.75 -27.14
N LYS D 89 -22.63 -14.11 -25.92
CA LYS D 89 -23.46 -14.87 -25.00
C LYS D 89 -24.06 -16.10 -25.67
N ARG D 90 -23.26 -16.76 -26.51
CA ARG D 90 -23.63 -17.98 -27.19
C ARG D 90 -22.93 -19.16 -26.51
N SER D 91 -23.67 -20.25 -26.29
CA SER D 91 -23.11 -21.45 -25.68
C SER D 91 -22.56 -22.43 -26.70
N THR D 92 -22.90 -22.27 -27.97
CA THR D 92 -22.49 -23.21 -29.02
C THR D 92 -21.47 -22.55 -29.94
N ILE D 93 -20.48 -23.33 -30.36
CA ILE D 93 -19.55 -22.91 -31.41
C ILE D 93 -20.03 -23.53 -32.71
N THR D 94 -20.22 -22.70 -33.73
CA THR D 94 -20.67 -23.15 -35.05
C THR D 94 -19.62 -22.75 -36.09
N SER D 95 -19.88 -23.12 -37.34
CA SER D 95 -18.97 -22.77 -38.42
C SER D 95 -18.85 -21.27 -38.58
N ARG D 96 -19.87 -20.51 -38.17
CA ARG D 96 -19.76 -19.05 -38.23
C ARG D 96 -18.66 -18.55 -37.32
N GLU D 97 -18.63 -19.03 -36.08
CA GLU D 97 -17.58 -18.63 -35.15
C GLU D 97 -16.21 -18.96 -35.71
N ILE D 98 -16.07 -20.15 -36.30
CA ILE D 98 -14.79 -20.55 -36.87
C ILE D 98 -14.42 -19.66 -38.04
N GLN D 99 -15.36 -19.41 -38.94
CA GLN D 99 -15.09 -18.57 -40.10
C GLN D 99 -14.66 -17.18 -39.65
N THR D 100 -15.32 -16.64 -38.63
CA THR D 100 -14.95 -15.32 -38.11
C THR D 100 -13.56 -15.35 -37.50
N ALA D 101 -13.28 -16.36 -36.68
CA ALA D 101 -11.96 -16.49 -36.08
C ALA D 101 -10.88 -16.63 -37.16
N VAL D 102 -11.19 -17.37 -38.22
CA VAL D 102 -10.26 -17.54 -39.34
C VAL D 102 -10.00 -16.20 -40.00
N ARG D 103 -11.07 -15.46 -40.30
CA ARG D 103 -10.92 -14.15 -40.91
C ARG D 103 -10.09 -13.23 -40.03
N LEU D 104 -10.28 -13.30 -38.71
CA LEU D 104 -9.52 -12.46 -37.80
C LEU D 104 -8.05 -12.86 -37.78
N LEU D 105 -7.79 -14.16 -37.77
CA LEU D 105 -6.43 -14.67 -37.55
C LEU D 105 -5.61 -14.65 -38.83
N LEU D 106 -6.20 -15.06 -39.96
CA LEU D 106 -5.37 -15.32 -41.13
C LEU D 106 -5.15 -14.05 -41.96
N PRO D 107 -3.98 -13.93 -42.60
CA PRO D 107 -3.80 -12.88 -43.60
C PRO D 107 -4.78 -13.03 -44.76
N GLY D 108 -4.97 -11.93 -45.48
CA GLY D 108 -6.01 -11.83 -46.49
C GLY D 108 -6.09 -12.96 -47.50
N GLU D 109 -4.99 -13.22 -48.22
CA GLU D 109 -5.00 -14.27 -49.24
C GLU D 109 -5.33 -15.62 -48.62
N LEU D 110 -4.57 -15.99 -47.59
CA LEU D 110 -4.85 -17.24 -46.89
C LEU D 110 -6.27 -17.27 -46.38
N ALA D 111 -6.78 -16.12 -45.92
CA ALA D 111 -8.15 -16.09 -45.40
C ALA D 111 -9.16 -16.41 -46.49
N LYS D 112 -9.00 -15.79 -47.66
CA LYS D 112 -9.92 -16.06 -48.76
C LYS D 112 -9.91 -17.54 -49.11
N HIS D 113 -8.72 -18.11 -49.29
CA HIS D 113 -8.66 -19.51 -49.69
C HIS D 113 -9.21 -20.42 -48.60
N ALA D 114 -8.82 -20.19 -47.35
CA ALA D 114 -9.29 -21.01 -46.24
C ALA D 114 -10.80 -20.91 -46.09
N VAL D 115 -11.37 -19.71 -46.26
CA VAL D 115 -12.81 -19.55 -46.16
C VAL D 115 -13.51 -20.31 -47.27
N SER D 116 -12.99 -20.19 -48.50
CA SER D 116 -13.58 -20.95 -49.60
C SER D 116 -13.48 -22.45 -49.34
N GLU D 117 -12.37 -22.90 -48.77
CA GLU D 117 -12.17 -24.32 -48.51
C GLU D 117 -13.12 -24.81 -47.43
N GLY D 118 -13.20 -24.09 -46.31
CA GLY D 118 -14.15 -24.47 -45.27
C GLY D 118 -15.58 -24.44 -45.76
N THR D 119 -15.91 -23.45 -46.58
CA THR D 119 -17.24 -23.39 -47.18
C THR D 119 -17.52 -24.62 -48.02
N LYS D 120 -16.58 -24.98 -48.90
CA LYS D 120 -16.75 -26.15 -49.74
C LYS D 120 -16.88 -27.41 -48.90
N ALA D 121 -16.03 -27.54 -47.88
CA ALA D 121 -16.04 -28.73 -47.05
C ALA D 121 -17.37 -28.87 -46.32
N VAL D 122 -17.83 -27.78 -45.68
CA VAL D 122 -19.10 -27.83 -44.96
C VAL D 122 -20.25 -28.07 -45.93
N THR D 123 -20.18 -27.46 -47.12
CA THR D 123 -21.23 -27.66 -48.11
C THR D 123 -21.33 -29.12 -48.52
N LYS D 124 -20.19 -29.73 -48.87
CA LYS D 124 -20.19 -31.13 -49.27
C LYS D 124 -20.63 -32.03 -48.12
N TYR D 125 -20.08 -31.79 -46.93
CA TYR D 125 -20.44 -32.59 -45.77
C TYR D 125 -21.93 -32.50 -45.47
N THR D 126 -22.51 -31.30 -45.60
CA THR D 126 -23.93 -31.11 -45.38
C THR D 126 -24.74 -31.82 -46.47
N SER D 127 -24.25 -31.79 -47.71
CA SER D 127 -24.93 -32.48 -48.79
C SER D 127 -24.84 -34.00 -48.61
N ALA D 128 -23.69 -34.47 -48.14
CA ALA D 128 -23.47 -35.91 -47.97
C ALA D 128 -24.17 -36.41 -46.71
N ARG E 44 47.48 -13.41 -43.68
CA ARG E 44 46.04 -13.52 -43.52
C ARG E 44 45.27 -12.81 -44.63
N TYR E 45 44.06 -13.30 -44.88
CA TYR E 45 43.10 -12.61 -45.74
C TYR E 45 42.74 -11.27 -45.12
N ARG E 46 42.28 -10.35 -45.96
CA ARG E 46 41.88 -9.03 -45.46
C ARG E 46 40.65 -9.18 -44.57
N PRO E 47 40.64 -8.59 -43.38
CA PRO E 47 39.48 -8.74 -42.48
C PRO E 47 38.17 -8.40 -43.17
N GLY E 48 37.15 -9.21 -42.89
CA GLY E 48 35.84 -9.01 -43.46
C GLY E 48 35.47 -10.09 -44.46
N THR E 49 36.40 -10.40 -45.36
CA THR E 49 36.17 -11.45 -46.36
C THR E 49 35.93 -12.79 -45.68
N VAL E 50 36.87 -13.19 -44.82
CA VAL E 50 36.72 -14.45 -44.09
C VAL E 50 35.50 -14.39 -43.18
N ALA E 51 35.18 -13.21 -42.67
CA ALA E 51 33.95 -13.05 -41.88
C ALA E 51 32.72 -13.30 -42.74
N LEU E 52 32.74 -12.83 -43.99
CA LEU E 52 31.61 -13.10 -44.89
C LEU E 52 31.50 -14.60 -45.17
N ARG E 53 32.64 -15.27 -45.34
CA ARG E 53 32.61 -16.72 -45.52
C ARG E 53 32.03 -17.42 -44.30
N GLU E 54 32.45 -16.99 -43.10
CA GLU E 54 31.91 -17.53 -41.86
C GLU E 54 30.39 -17.30 -41.78
N ILE E 55 29.96 -16.09 -42.16
CA ILE E 55 28.54 -15.76 -42.12
C ILE E 55 27.75 -16.70 -43.02
N ARG E 56 28.24 -16.90 -44.24
CA ARG E 56 27.58 -17.84 -45.15
C ARG E 56 27.50 -19.22 -44.51
N ARG E 57 28.62 -19.70 -44.01
CA ARG E 57 28.67 -21.02 -43.36
C ARG E 57 27.62 -21.15 -42.28
N TYR E 58 27.57 -20.19 -41.36
CA TYR E 58 26.69 -20.33 -40.20
C TYR E 58 25.23 -20.09 -40.56
N GLN E 59 24.97 -19.30 -41.61
CA GLN E 59 23.59 -19.13 -42.06
C GLN E 59 23.08 -20.36 -42.78
N LYS E 60 23.94 -20.99 -43.59
CA LYS E 60 23.56 -22.24 -44.25
C LYS E 60 23.38 -23.36 -43.23
N SER E 61 24.25 -23.42 -42.23
CA SER E 61 24.22 -24.48 -41.24
C SER E 61 22.99 -24.34 -40.35
N THR E 62 22.76 -25.40 -39.55
CA THR E 62 21.65 -25.43 -38.60
C THR E 62 22.07 -25.90 -37.21
N GLU E 63 23.28 -26.43 -37.05
CA GLU E 63 23.70 -27.00 -35.77
C GLU E 63 23.91 -25.91 -34.72
N LEU E 64 23.97 -26.34 -33.47
CA LEU E 64 24.22 -25.42 -32.37
C LEU E 64 25.66 -24.92 -32.42
N LEU E 65 25.83 -23.61 -32.19
CA LEU E 65 27.14 -22.99 -32.21
C LEU E 65 27.78 -22.94 -30.83
N ILE E 66 27.05 -23.34 -29.77
CA ILE E 66 27.51 -23.24 -28.39
C ILE E 66 28.02 -24.60 -27.91
N ARG E 67 28.93 -24.57 -26.94
CA ARG E 67 29.44 -25.79 -26.32
C ARG E 67 28.38 -26.38 -25.38
N LYS E 68 28.12 -27.68 -25.52
CA LYS E 68 27.02 -28.30 -24.78
C LYS E 68 27.29 -28.33 -23.28
N LEU E 69 28.40 -28.94 -22.86
CA LEU E 69 28.62 -29.13 -21.43
C LEU E 69 28.71 -27.81 -20.67
N PRO E 70 29.41 -26.79 -21.15
CA PRO E 70 29.33 -25.48 -20.50
C PRO E 70 27.89 -24.98 -20.38
N PHE E 71 27.08 -25.19 -21.41
CA PHE E 71 25.69 -24.78 -21.37
C PHE E 71 24.93 -25.52 -20.27
N GLN E 72 25.12 -26.84 -20.19
CA GLN E 72 24.48 -27.64 -19.15
C GLN E 72 24.88 -27.14 -17.77
N ARG E 73 26.17 -26.90 -17.57
CA ARG E 73 26.64 -26.44 -16.28
C ARG E 73 26.06 -25.08 -15.94
N LEU E 74 25.96 -24.19 -16.93
CA LEU E 74 25.39 -22.88 -16.69
C LEU E 74 23.91 -22.99 -16.33
N VAL E 75 23.19 -23.88 -17.02
CA VAL E 75 21.77 -24.09 -16.71
C VAL E 75 21.63 -24.56 -15.27
N ARG E 76 22.38 -25.61 -14.90
CA ARG E 76 22.25 -26.15 -13.55
C ARG E 76 22.75 -25.14 -12.50
N GLU E 77 23.72 -24.30 -12.87
CA GLU E 77 24.18 -23.24 -12.00
C GLU E 77 23.07 -22.23 -11.73
N ILE E 78 22.33 -21.87 -12.77
CA ILE E 78 21.20 -20.96 -12.60
C ILE E 78 20.08 -21.66 -11.85
N ALA E 79 19.73 -22.88 -12.28
CA ALA E 79 18.56 -23.55 -11.74
C ALA E 79 18.68 -23.82 -10.25
N GLN E 80 19.90 -24.13 -9.78
CA GLN E 80 20.10 -24.40 -8.37
C GLN E 80 19.54 -23.28 -7.50
N ASP E 81 19.60 -22.04 -8.00
CA ASP E 81 19.13 -20.89 -7.22
C ASP E 81 17.63 -20.90 -7.03
N PHE E 82 16.88 -21.53 -7.93
CA PHE E 82 15.43 -21.63 -7.76
C PHE E 82 15.03 -22.87 -6.98
N LYS E 83 15.68 -24.01 -7.24
CA LYS E 83 15.45 -25.23 -6.49
C LYS E 83 16.62 -26.18 -6.72
N THR E 84 16.98 -26.91 -5.68
CA THR E 84 18.08 -27.87 -5.74
C THR E 84 17.53 -29.28 -5.98
N ASP E 85 18.45 -30.22 -6.16
CA ASP E 85 18.10 -31.62 -6.40
C ASP E 85 17.28 -31.80 -7.67
N LEU E 86 17.49 -30.92 -8.65
CA LEU E 86 16.74 -30.97 -9.89
C LEU E 86 17.38 -31.96 -10.87
N ARG E 87 16.53 -32.55 -11.70
CA ARG E 87 16.94 -33.44 -12.77
C ARG E 87 16.40 -32.89 -14.08
N PHE E 88 17.14 -33.07 -15.17
CA PHE E 88 16.84 -32.40 -16.44
C PHE E 88 16.88 -33.38 -17.59
N GLN E 89 15.83 -33.36 -18.41
CA GLN E 89 15.82 -34.14 -19.64
C GLN E 89 16.72 -33.46 -20.67
N SER E 90 17.52 -34.27 -21.38
CA SER E 90 18.38 -33.70 -22.41
C SER E 90 17.56 -32.96 -23.46
N SER E 91 16.33 -33.41 -23.69
CA SER E 91 15.45 -32.69 -24.60
C SER E 91 15.23 -31.26 -24.12
N ALA E 92 15.05 -31.08 -22.81
CA ALA E 92 14.86 -29.73 -22.28
C ALA E 92 16.12 -28.89 -22.49
N VAL E 93 17.29 -29.50 -22.29
CA VAL E 93 18.56 -28.81 -22.51
C VAL E 93 18.65 -28.35 -23.97
N MET E 94 18.33 -29.25 -24.89
CA MET E 94 18.41 -28.93 -26.31
C MET E 94 17.40 -27.85 -26.68
N ALA E 95 16.19 -27.94 -26.12
CA ALA E 95 15.19 -26.91 -26.36
C ALA E 95 15.71 -25.55 -25.92
N LEU E 96 16.32 -25.50 -24.73
CA LEU E 96 16.90 -24.26 -24.25
C LEU E 96 17.99 -23.75 -25.18
N GLN E 97 18.89 -24.65 -25.60
CA GLN E 97 19.97 -24.24 -26.49
C GLN E 97 19.42 -23.65 -27.78
N GLU E 98 18.47 -24.33 -28.40
CA GLU E 98 17.88 -23.85 -29.64
C GLU E 98 17.20 -22.50 -29.43
N ALA E 99 16.37 -22.41 -28.39
CA ALA E 99 15.66 -21.16 -28.12
C ALA E 99 16.63 -20.02 -27.89
N CYS E 100 17.71 -20.29 -27.15
CA CYS E 100 18.68 -19.25 -26.84
C CYS E 100 19.40 -18.79 -28.10
N GLU E 101 19.85 -19.74 -28.93
CA GLU E 101 20.55 -19.35 -30.15
C GLU E 101 19.61 -18.58 -31.08
N ALA E 102 18.36 -19.02 -31.18
CA ALA E 102 17.38 -18.31 -32.01
C ALA E 102 17.19 -16.88 -31.51
N TYR E 103 16.91 -16.74 -30.21
CA TYR E 103 16.70 -15.42 -29.63
C TYR E 103 17.92 -14.53 -29.84
N LEU E 104 19.11 -15.05 -29.52
CA LEU E 104 20.33 -14.28 -29.62
C LEU E 104 20.58 -13.85 -31.06
N VAL E 105 20.32 -14.74 -32.02
CA VAL E 105 20.58 -14.41 -33.42
C VAL E 105 19.59 -13.34 -33.90
N GLY E 106 18.33 -13.44 -33.49
CA GLY E 106 17.39 -12.38 -33.82
C GLY E 106 17.81 -11.05 -33.24
N LEU E 107 18.24 -11.06 -31.97
CA LEU E 107 18.72 -9.86 -31.33
C LEU E 107 19.93 -9.29 -32.06
N PHE E 108 20.84 -10.18 -32.52
CA PHE E 108 22.01 -9.71 -33.24
C PHE E 108 21.64 -9.15 -34.60
N GLU E 109 20.60 -9.70 -35.24
CA GLU E 109 20.12 -9.13 -36.50
C GLU E 109 19.62 -7.71 -36.27
N ASP E 110 18.79 -7.52 -35.26
CA ASP E 110 18.31 -6.18 -34.94
C ASP E 110 19.48 -5.25 -34.60
N THR E 111 20.46 -5.78 -33.85
CA THR E 111 21.64 -5.00 -33.51
C THR E 111 22.41 -4.58 -34.76
N ASN E 112 22.49 -5.50 -35.72
CA ASN E 112 23.16 -5.20 -36.98
C ASN E 112 22.43 -4.11 -37.73
N LEU E 113 21.10 -4.17 -37.75
CA LEU E 113 20.31 -3.11 -38.36
C LEU E 113 20.61 -1.76 -37.70
N CYS E 114 20.66 -1.75 -36.36
CA CYS E 114 20.94 -0.51 -35.65
C CYS E 114 22.31 0.03 -36.03
N ALA E 115 23.32 -0.84 -36.02
CA ALA E 115 24.67 -0.41 -36.37
C ALA E 115 24.71 0.16 -37.77
N ILE E 116 24.04 -0.50 -38.72
CA ILE E 116 23.95 0.00 -40.08
C ILE E 116 23.31 1.40 -40.08
N HIS E 117 22.22 1.55 -39.33
CA HIS E 117 21.56 2.84 -39.23
C HIS E 117 22.51 3.90 -38.68
N ALA E 118 23.32 3.52 -37.70
CA ALA E 118 24.37 4.38 -37.18
C ALA E 118 25.58 4.47 -38.11
N LYS E 119 25.44 3.99 -39.35
CA LYS E 119 26.51 4.01 -40.33
C LYS E 119 27.76 3.28 -39.83
N ARG E 120 27.56 2.14 -39.16
CA ARG E 120 28.64 1.34 -38.61
C ARG E 120 28.60 -0.09 -39.12
N VAL E 121 29.79 -0.67 -39.24
CA VAL E 121 29.97 -2.10 -39.50
C VAL E 121 30.05 -2.88 -38.19
N THR E 122 30.57 -2.24 -37.14
CA THR E 122 30.90 -2.89 -35.88
C THR E 122 29.80 -2.59 -34.88
N ILE E 123 29.26 -3.63 -34.25
CA ILE E 123 28.17 -3.45 -33.31
C ILE E 123 28.72 -3.02 -31.96
N MET E 124 27.95 -2.21 -31.24
CA MET E 124 28.33 -1.67 -29.93
C MET E 124 27.26 -2.02 -28.91
N PRO E 125 27.62 -2.07 -27.62
CA PRO E 125 26.60 -2.40 -26.61
C PRO E 125 25.37 -1.51 -26.67
N LYS E 126 25.55 -0.23 -27.00
CA LYS E 126 24.41 0.66 -27.13
C LYS E 126 23.41 0.15 -28.17
N ASP E 127 23.91 -0.44 -29.25
CA ASP E 127 23.00 -1.01 -30.25
C ASP E 127 22.11 -2.06 -29.61
N ILE E 128 22.71 -2.97 -28.84
CA ILE E 128 21.94 -4.03 -28.19
C ILE E 128 20.94 -3.43 -27.20
N GLN E 129 21.41 -2.49 -26.38
CA GLN E 129 20.53 -1.85 -25.41
C GLN E 129 19.34 -1.21 -26.09
N LEU E 130 19.60 -0.48 -27.17
CA LEU E 130 18.54 0.19 -27.91
C LEU E 130 17.56 -0.82 -28.49
N ALA E 131 18.08 -1.88 -29.12
CA ALA E 131 17.22 -2.88 -29.73
C ALA E 131 16.34 -3.54 -28.67
N ARG E 132 16.93 -3.90 -27.54
CA ARG E 132 16.16 -4.51 -26.45
C ARG E 132 15.08 -3.55 -25.96
N ARG E 133 15.46 -2.29 -25.75
CA ARG E 133 14.51 -1.30 -25.28
C ARG E 133 13.35 -1.13 -26.25
N ILE E 134 13.65 -1.05 -27.55
CA ILE E 134 12.60 -0.92 -28.56
C ILE E 134 11.72 -2.15 -28.55
N LEU F 26 27.11 -25.17 -9.70
CA LEU F 26 28.47 -24.60 -9.46
C LEU F 26 28.47 -23.08 -9.68
N ARG F 27 29.48 -22.55 -10.36
CA ARG F 27 29.61 -21.11 -10.55
C ARG F 27 30.47 -20.82 -11.77
N ASP F 28 30.38 -19.59 -12.25
CA ASP F 28 31.25 -19.05 -13.30
C ASP F 28 31.13 -19.79 -14.63
N ASN F 29 30.05 -20.54 -14.84
CA ASN F 29 29.87 -21.20 -16.13
C ASN F 29 29.38 -20.23 -17.20
N ILE F 30 29.08 -18.98 -16.83
CA ILE F 30 28.71 -17.97 -17.84
C ILE F 30 29.90 -17.64 -18.71
N GLN F 31 31.10 -17.65 -18.13
CA GLN F 31 32.30 -17.49 -18.95
C GLN F 31 32.49 -18.68 -19.89
N GLY F 32 31.84 -19.80 -19.61
CA GLY F 32 31.85 -20.92 -20.54
C GLY F 32 31.24 -20.58 -21.89
N ILE F 33 30.46 -19.51 -21.96
CA ILE F 33 29.98 -18.99 -23.23
C ILE F 33 31.15 -18.24 -23.86
N THR F 34 31.98 -18.96 -24.61
CA THR F 34 33.27 -18.43 -25.05
C THR F 34 33.09 -17.33 -26.09
N LYS F 35 34.13 -16.50 -26.23
CA LYS F 35 34.13 -15.47 -27.26
C LYS F 35 33.96 -16.03 -28.66
N PRO F 36 34.62 -17.13 -29.04
CA PRO F 36 34.33 -17.71 -30.36
C PRO F 36 32.89 -18.17 -30.55
N ALA F 37 32.26 -18.70 -29.50
CA ALA F 37 30.86 -19.09 -29.62
C ALA F 37 29.99 -17.87 -29.93
N ILE F 38 30.24 -16.77 -29.22
CA ILE F 38 29.50 -15.53 -29.48
C ILE F 38 29.81 -15.02 -30.87
N ARG F 39 31.05 -15.18 -31.32
CA ARG F 39 31.41 -14.77 -32.68
C ARG F 39 30.59 -15.57 -33.70
N ARG F 40 30.51 -16.89 -33.51
CA ARG F 40 29.71 -17.71 -34.40
C ARG F 40 28.26 -17.25 -34.42
N LEU F 41 27.68 -17.02 -33.23
CA LEU F 41 26.30 -16.59 -33.16
C LEU F 41 26.08 -15.27 -33.90
N ALA F 42 26.93 -14.28 -33.60
CA ALA F 42 26.81 -12.98 -34.25
C ALA F 42 26.95 -13.10 -35.76
N ARG F 43 27.87 -13.97 -36.21
CA ARG F 43 28.05 -14.19 -37.64
C ARG F 43 26.79 -14.79 -38.26
N ARG F 44 26.12 -15.70 -37.54
CA ARG F 44 24.85 -16.22 -38.05
C ARG F 44 23.83 -15.10 -38.17
N GLY F 45 23.93 -14.09 -37.31
CA GLY F 45 23.11 -12.90 -37.43
C GLY F 45 23.66 -11.92 -38.46
N GLY F 46 24.59 -12.38 -39.29
CA GLY F 46 25.16 -11.55 -40.33
C GLY F 46 26.12 -10.48 -39.85
N VAL F 47 26.47 -10.50 -38.56
CA VAL F 47 27.32 -9.44 -37.99
C VAL F 47 28.71 -9.52 -38.59
N LYS F 48 29.16 -8.41 -39.19
CA LYS F 48 30.47 -8.39 -39.82
C LYS F 48 31.59 -8.05 -38.82
N ARG F 49 31.31 -7.19 -37.84
CA ARG F 49 32.31 -6.80 -36.86
C ARG F 49 31.69 -6.64 -35.48
N ILE F 50 32.51 -6.84 -34.45
CA ILE F 50 32.06 -6.93 -33.06
C ILE F 50 33.03 -6.18 -32.17
N SER F 51 32.49 -5.43 -31.19
CA SER F 51 33.31 -4.79 -30.17
C SER F 51 33.43 -5.69 -28.95
N GLY F 52 34.59 -5.62 -28.28
CA GLY F 52 34.83 -6.48 -27.14
C GLY F 52 33.80 -6.34 -26.04
N LEU F 53 33.28 -5.12 -25.84
CA LEU F 53 32.27 -4.90 -24.81
C LEU F 53 31.04 -5.79 -25.02
N ILE F 54 30.82 -6.22 -26.26
CA ILE F 54 29.62 -7.00 -26.58
C ILE F 54 29.57 -8.29 -25.77
N TYR F 55 30.72 -8.94 -25.60
CA TYR F 55 30.73 -10.29 -25.07
C TYR F 55 30.16 -10.35 -23.65
N GLU F 56 30.61 -9.44 -22.78
CA GLU F 56 30.06 -9.40 -21.43
C GLU F 56 28.60 -8.95 -21.44
N GLU F 57 28.27 -7.95 -22.27
CA GLU F 57 26.87 -7.53 -22.39
C GLU F 57 26.01 -8.68 -22.89
N THR F 58 26.50 -9.42 -23.88
CA THR F 58 25.76 -10.58 -24.39
C THR F 58 25.58 -11.62 -23.29
N ARG F 59 26.64 -11.88 -22.52
CA ARG F 59 26.53 -12.84 -21.43
C ARG F 59 25.46 -12.41 -20.43
N GLY F 60 25.43 -11.12 -20.09
CA GLY F 60 24.43 -10.63 -19.17
C GLY F 60 23.01 -10.79 -19.71
N VAL F 61 22.81 -10.37 -20.96
CA VAL F 61 21.49 -10.49 -21.58
C VAL F 61 21.04 -11.94 -21.60
N LEU F 62 21.94 -12.84 -22.01
CA LEU F 62 21.62 -14.26 -22.06
C LEU F 62 21.31 -14.80 -20.68
N LYS F 63 22.05 -14.34 -19.68
CA LYS F 63 21.80 -14.76 -18.31
C LYS F 63 20.40 -14.36 -17.87
N VAL F 64 19.99 -13.13 -18.19
CA VAL F 64 18.65 -12.67 -17.86
C VAL F 64 17.61 -13.54 -18.55
N PHE F 65 17.78 -13.74 -19.87
CA PHE F 65 16.84 -14.54 -20.65
C PHE F 65 16.70 -15.94 -20.05
N LEU F 66 17.82 -16.60 -19.82
CA LEU F 66 17.83 -17.94 -19.23
C LEU F 66 17.16 -17.94 -17.87
N GLU F 67 17.47 -16.95 -17.04
CA GLU F 67 16.90 -16.90 -15.70
C GLU F 67 15.38 -16.83 -15.77
N ASN F 68 14.85 -15.99 -16.66
CA ASN F 68 13.40 -15.91 -16.79
C ASN F 68 12.81 -17.25 -17.22
N VAL F 69 13.33 -17.81 -18.31
CA VAL F 69 12.77 -19.06 -18.82
C VAL F 69 12.87 -20.15 -17.76
N ILE F 70 14.00 -20.21 -17.05
CA ILE F 70 14.22 -21.26 -16.07
C ILE F 70 13.28 -21.08 -14.88
N ARG F 71 13.09 -19.84 -14.44
CA ARG F 71 12.14 -19.58 -13.38
C ARG F 71 10.77 -20.12 -13.74
N ASP F 72 10.31 -19.82 -14.96
CA ASP F 72 8.99 -20.27 -15.37
C ASP F 72 8.92 -21.80 -15.44
N ALA F 73 9.93 -22.42 -16.05
CA ALA F 73 9.93 -23.87 -16.19
C ALA F 73 9.97 -24.54 -14.82
N VAL F 74 10.81 -24.04 -13.92
CA VAL F 74 10.88 -24.55 -12.57
C VAL F 74 9.53 -24.40 -11.88
N THR F 75 8.85 -23.28 -12.11
CA THR F 75 7.53 -23.07 -11.51
C THR F 75 6.56 -24.13 -11.99
N TYR F 76 6.51 -24.37 -13.30
CA TYR F 76 5.67 -25.45 -13.83
C TYR F 76 6.00 -26.77 -13.15
N THR F 77 7.29 -27.14 -13.16
CA THR F 77 7.70 -28.41 -12.57
C THR F 77 7.25 -28.51 -11.12
N GLU F 78 7.46 -27.44 -10.35
CA GLU F 78 7.10 -27.44 -8.94
C GLU F 78 5.61 -27.64 -8.76
N HIS F 79 4.78 -26.94 -9.53
CA HIS F 79 3.35 -27.13 -9.39
C HIS F 79 2.96 -28.58 -9.69
N ALA F 80 3.61 -29.19 -10.68
CA ALA F 80 3.40 -30.60 -10.97
C ALA F 80 3.98 -31.51 -9.90
N LYS F 81 4.63 -30.95 -8.88
CA LYS F 81 5.21 -31.70 -7.77
C LYS F 81 6.31 -32.65 -8.21
N ARG F 82 6.90 -32.41 -9.39
CA ARG F 82 7.98 -33.25 -9.90
C ARG F 82 9.33 -32.75 -9.42
N LYS F 83 10.38 -33.49 -9.79
CA LYS F 83 11.76 -33.05 -9.62
C LYS F 83 12.52 -32.99 -10.93
N THR F 84 11.94 -33.43 -12.03
CA THR F 84 12.62 -33.51 -13.32
C THR F 84 12.01 -32.48 -14.27
N VAL F 85 12.87 -31.68 -14.91
CA VAL F 85 12.44 -30.69 -15.89
C VAL F 85 12.26 -31.38 -17.23
N THR F 86 11.06 -31.25 -17.81
CA THR F 86 10.78 -31.81 -19.13
C THR F 86 10.66 -30.69 -20.16
N ALA F 87 10.91 -31.05 -21.42
CA ALA F 87 10.86 -30.06 -22.49
C ALA F 87 9.48 -29.42 -22.61
N MET F 88 8.44 -30.14 -22.20
CA MET F 88 7.09 -29.56 -22.25
C MET F 88 6.99 -28.34 -21.36
N ASP F 89 7.66 -28.37 -20.20
CA ASP F 89 7.68 -27.19 -19.34
C ASP F 89 8.41 -26.03 -20.01
N VAL F 90 9.55 -26.32 -20.65
CA VAL F 90 10.28 -25.30 -21.38
C VAL F 90 9.38 -24.68 -22.45
N VAL F 91 8.62 -25.52 -23.15
CA VAL F 91 7.76 -25.03 -24.22
C VAL F 91 6.62 -24.20 -23.65
N TYR F 92 6.02 -24.64 -22.54
CA TYR F 92 4.96 -23.85 -21.92
C TYR F 92 5.49 -22.50 -21.47
N ALA F 93 6.70 -22.48 -20.90
CA ALA F 93 7.31 -21.23 -20.48
C ALA F 93 7.51 -20.30 -21.67
N LEU F 94 8.12 -20.82 -22.74
CA LEU F 94 8.33 -20.00 -23.94
C LEU F 94 7.01 -19.52 -24.51
N LYS F 95 6.01 -20.41 -24.56
CA LYS F 95 4.68 -20.04 -25.04
C LYS F 95 4.18 -18.81 -24.29
N ARG F 96 4.08 -18.91 -22.97
CA ARG F 96 3.52 -17.79 -22.21
C ARG F 96 4.41 -16.55 -22.30
N GLN F 97 5.69 -16.71 -22.62
CA GLN F 97 6.57 -15.58 -22.85
C GLN F 97 6.44 -14.98 -24.25
N GLY F 98 5.56 -15.52 -25.09
CA GLY F 98 5.32 -14.99 -26.41
C GLY F 98 6.22 -15.54 -27.50
N ARG F 99 7.06 -16.53 -27.19
CA ARG F 99 7.97 -17.14 -28.15
C ARG F 99 7.64 -18.61 -28.23
N THR F 100 7.32 -19.09 -29.44
CA THR F 100 6.88 -20.46 -29.65
C THR F 100 7.96 -21.25 -30.37
N LEU F 101 8.26 -22.44 -29.85
CA LEU F 101 9.29 -23.32 -30.40
C LEU F 101 8.63 -24.64 -30.80
N TYR F 102 8.71 -24.97 -32.09
CA TYR F 102 8.17 -26.22 -32.60
C TYR F 102 9.24 -27.30 -32.59
N GLY F 103 8.80 -28.55 -32.52
CA GLY F 103 9.67 -29.70 -32.68
C GLY F 103 10.19 -30.32 -31.41
N PHE F 104 9.68 -29.93 -30.24
CA PHE F 104 10.04 -30.53 -28.97
C PHE F 104 8.81 -31.08 -28.27
N GLY F 105 7.97 -31.77 -29.04
CA GLY F 105 6.71 -32.27 -28.54
C GLY F 105 5.64 -31.20 -28.47
N GLY F 106 4.39 -31.64 -28.48
CA GLY F 106 3.27 -30.73 -28.47
C GLY F 106 3.06 -30.08 -29.82
N THR G 20 -21.37 -13.47 4.50
CA THR G 20 -20.65 -13.57 3.23
C THR G 20 -19.24 -14.11 3.47
N ARG G 21 -18.80 -14.98 2.56
CA ARG G 21 -17.46 -15.53 2.64
C ARG G 21 -16.41 -14.43 2.65
N SER G 22 -16.68 -13.32 1.94
CA SER G 22 -15.77 -12.18 1.98
C SER G 22 -15.64 -11.65 3.40
N SER G 23 -16.77 -11.47 4.09
CA SER G 23 -16.73 -11.05 5.48
C SER G 23 -15.96 -12.05 6.33
N ARG G 24 -16.25 -13.34 6.14
CA ARG G 24 -15.51 -14.38 6.86
C ARG G 24 -14.03 -14.33 6.56
N ALA G 25 -13.65 -13.80 5.39
CA ALA G 25 -12.26 -13.60 5.05
C ALA G 25 -11.78 -12.18 5.32
N GLY G 26 -12.64 -11.33 5.88
CA GLY G 26 -12.29 -9.94 6.11
C GLY G 26 -12.09 -9.16 4.83
N LEU G 27 -12.59 -9.66 3.71
CA LEU G 27 -12.36 -9.05 2.41
C LEU G 27 -13.47 -8.09 2.04
N GLN G 28 -13.14 -7.12 1.19
CA GLN G 28 -14.12 -6.19 0.66
C GLN G 28 -14.84 -6.78 -0.55
N PHE G 29 -14.12 -7.53 -1.37
CA PHE G 29 -14.64 -7.95 -2.66
C PHE G 29 -15.70 -9.04 -2.51
N PRO G 30 -16.63 -9.15 -3.48
CA PRO G 30 -17.71 -10.12 -3.37
C PRO G 30 -17.28 -11.54 -3.77
N VAL G 31 -16.91 -12.35 -2.78
CA VAL G 31 -16.43 -13.70 -3.07
C VAL G 31 -17.49 -14.51 -3.79
N GLY G 32 -18.77 -14.34 -3.44
CA GLY G 32 -19.82 -15.04 -4.14
C GLY G 32 -19.81 -14.74 -5.64
N ARG G 33 -19.71 -13.46 -5.98
CA ARG G 33 -19.64 -13.06 -7.38
C ARG G 33 -18.41 -13.67 -8.05
N VAL G 34 -17.26 -13.62 -7.37
CA VAL G 34 -16.04 -14.16 -7.95
C VAL G 34 -16.19 -15.65 -8.23
N HIS G 35 -16.78 -16.38 -7.29
CA HIS G 35 -16.98 -17.81 -7.47
C HIS G 35 -17.92 -18.08 -8.64
N ARG G 36 -19.01 -17.32 -8.72
CA ARG G 36 -19.93 -17.50 -9.84
C ARG G 36 -19.25 -17.21 -11.16
N LEU G 37 -18.42 -16.16 -11.21
CA LEU G 37 -17.74 -15.79 -12.44
C LEU G 37 -16.72 -16.85 -12.84
N LEU G 38 -16.04 -17.44 -11.87
CA LEU G 38 -15.09 -18.51 -12.18
C LEU G 38 -15.82 -19.78 -12.58
N ARG G 39 -16.99 -20.03 -11.97
CA ARG G 39 -17.80 -21.18 -12.36
C ARG G 39 -18.37 -21.00 -13.75
N LYS G 40 -18.58 -19.75 -14.17
CA LYS G 40 -18.90 -19.45 -15.55
C LYS G 40 -17.60 -19.19 -16.32
N GLY G 41 -17.72 -18.86 -17.59
CA GLY G 41 -16.55 -18.62 -18.43
C GLY G 41 -15.80 -19.88 -18.82
N ASN G 42 -16.24 -21.03 -18.31
CA ASN G 42 -15.70 -22.34 -18.70
C ASN G 42 -14.19 -22.45 -18.45
N TYR G 43 -13.73 -21.95 -17.30
CA TYR G 43 -12.31 -22.05 -16.99
C TYR G 43 -11.92 -23.43 -16.47
N SER G 44 -12.87 -24.21 -15.97
CA SER G 44 -12.59 -25.56 -15.50
C SER G 44 -13.90 -26.29 -15.28
N GLU G 45 -13.77 -27.61 -15.04
CA GLU G 45 -14.94 -28.41 -14.72
C GLU G 45 -15.42 -28.15 -13.28
N ARG G 46 -14.48 -27.91 -12.37
CA ARG G 46 -14.82 -27.63 -10.97
C ARG G 46 -13.91 -26.52 -10.45
N VAL G 47 -14.34 -25.92 -9.34
CA VAL G 47 -13.60 -24.84 -8.69
C VAL G 47 -13.44 -25.20 -7.22
N GLY G 48 -12.18 -25.27 -6.77
CA GLY G 48 -11.92 -25.52 -5.36
C GLY G 48 -12.33 -24.32 -4.53
N ALA G 49 -12.95 -24.60 -3.37
CA ALA G 49 -13.58 -23.54 -2.59
C ALA G 49 -12.59 -22.45 -2.17
N GLY G 50 -11.31 -22.78 -1.99
CA GLY G 50 -10.34 -21.77 -1.60
C GLY G 50 -9.92 -20.85 -2.72
N ALA G 51 -10.10 -21.28 -3.98
CA ALA G 51 -9.64 -20.49 -5.12
C ALA G 51 -10.28 -19.12 -5.19
N PRO G 52 -11.62 -18.99 -5.10
CA PRO G 52 -12.21 -17.64 -5.14
C PRO G 52 -11.68 -16.72 -4.06
N VAL G 53 -11.52 -17.22 -2.84
CA VAL G 53 -10.99 -16.40 -1.75
C VAL G 53 -9.59 -15.91 -2.10
N TYR G 54 -8.73 -16.84 -2.52
CA TYR G 54 -7.37 -16.45 -2.88
C TYR G 54 -7.36 -15.38 -3.95
N LEU G 55 -8.17 -15.57 -5.00
CA LEU G 55 -8.19 -14.62 -6.10
C LEU G 55 -8.72 -13.26 -5.65
N ALA G 56 -9.78 -13.26 -4.84
CA ALA G 56 -10.32 -12.01 -4.34
C ALA G 56 -9.29 -11.25 -3.54
N ALA G 57 -8.52 -11.98 -2.72
CA ALA G 57 -7.44 -11.33 -1.95
C ALA G 57 -6.43 -10.70 -2.88
N VAL G 58 -6.02 -11.43 -3.93
CA VAL G 58 -5.04 -10.89 -4.86
C VAL G 58 -5.57 -9.63 -5.52
N LEU G 59 -6.82 -9.67 -6.00
CA LEU G 59 -7.42 -8.52 -6.65
C LEU G 59 -7.48 -7.32 -5.71
N GLU G 60 -7.94 -7.56 -4.47
CA GLU G 60 -8.04 -6.48 -3.50
C GLU G 60 -6.68 -5.88 -3.22
N TYR G 61 -5.64 -6.73 -3.14
CA TYR G 61 -4.30 -6.23 -2.87
C TYR G 61 -3.80 -5.34 -4.01
N LEU G 62 -3.93 -5.82 -5.25
CA LEU G 62 -3.50 -5.01 -6.38
C LEU G 62 -4.28 -3.70 -6.44
N THR G 63 -5.59 -3.77 -6.21
CA THR G 63 -6.41 -2.57 -6.17
C THR G 63 -5.88 -1.58 -5.13
N ALA G 64 -5.54 -2.09 -3.95
CA ALA G 64 -5.04 -1.24 -2.88
C ALA G 64 -3.74 -0.56 -3.29
N GLU G 65 -2.81 -1.33 -3.86
CA GLU G 65 -1.54 -0.75 -4.29
C GLU G 65 -1.78 0.37 -5.30
N ILE G 66 -2.62 0.10 -6.30
CA ILE G 66 -2.86 1.07 -7.36
C ILE G 66 -3.50 2.33 -6.78
N LEU G 67 -4.54 2.17 -5.97
CA LEU G 67 -5.23 3.32 -5.40
C LEU G 67 -4.31 4.10 -4.48
N GLU G 68 -3.41 3.40 -3.76
CA GLU G 68 -2.47 4.09 -2.90
C GLU G 68 -1.56 5.00 -3.70
N LEU G 69 -0.94 4.44 -4.75
CA LEU G 69 -0.07 5.27 -5.60
C LEU G 69 -0.86 6.42 -6.21
N ALA G 70 -2.09 6.16 -6.62
CA ALA G 70 -2.91 7.20 -7.25
C ALA G 70 -3.17 8.34 -6.28
N GLY G 71 -3.57 8.01 -5.05
CA GLY G 71 -3.82 9.04 -4.06
C GLY G 71 -2.57 9.83 -3.74
N ASN G 72 -1.42 9.17 -3.68
CA ASN G 72 -0.17 9.92 -3.51
C ASN G 72 0.02 10.92 -4.63
N ALA G 73 -0.15 10.47 -5.88
CA ALA G 73 -0.01 11.38 -7.01
C ALA G 73 -0.95 12.57 -6.90
N ALA G 74 -2.21 12.32 -6.53
CA ALA G 74 -3.19 13.39 -6.41
C ALA G 74 -2.74 14.42 -5.37
N ARG G 75 -2.35 13.94 -4.18
CA ARG G 75 -1.94 14.85 -3.11
C ARG G 75 -0.68 15.62 -3.49
N ASP G 76 0.24 14.98 -4.19
CA ASP G 76 1.44 15.68 -4.65
C ASP G 76 1.10 16.86 -5.55
N ASN G 77 -0.07 16.83 -6.19
CA ASN G 77 -0.56 17.94 -6.99
C ASN G 77 -1.74 18.64 -6.34
N LYS G 78 -1.92 18.46 -5.03
CA LYS G 78 -2.92 19.14 -4.22
C LYS G 78 -4.35 18.81 -4.63
N LYS G 79 -4.57 17.76 -5.40
CA LYS G 79 -5.92 17.36 -5.79
C LYS G 79 -6.47 16.32 -4.82
N THR G 80 -7.79 16.34 -4.66
CA THR G 80 -8.48 15.39 -3.79
C THR G 80 -9.20 14.29 -4.56
N ARG G 81 -9.33 14.42 -5.88
CA ARG G 81 -10.07 13.47 -6.71
C ARG G 81 -9.10 12.76 -7.64
N ILE G 82 -9.21 11.44 -7.70
CA ILE G 82 -8.36 10.65 -8.57
C ILE G 82 -8.91 10.70 -9.99
N ILE G 83 -8.04 11.00 -10.95
CA ILE G 83 -8.43 11.09 -12.35
C ILE G 83 -7.54 10.16 -13.15
N PRO G 84 -7.92 9.85 -14.39
CA PRO G 84 -7.10 8.94 -15.21
C PRO G 84 -5.63 9.33 -15.27
N ARG G 85 -5.32 10.62 -15.29
CA ARG G 85 -3.91 11.03 -15.36
C ARG G 85 -3.14 10.48 -14.16
N HIS G 86 -3.76 10.49 -12.98
CA HIS G 86 -3.09 9.97 -11.80
C HIS G 86 -2.79 8.49 -11.95
N LEU G 87 -3.75 7.74 -12.50
CA LEU G 87 -3.53 6.31 -12.73
C LEU G 87 -2.37 6.09 -13.70
N GLN G 88 -2.35 6.85 -14.79
CA GLN G 88 -1.25 6.72 -15.75
C GLN G 88 0.08 7.03 -15.07
N LEU G 89 0.16 8.13 -14.34
CA LEU G 89 1.39 8.50 -13.66
C LEU G 89 1.85 7.40 -12.72
N ALA G 90 0.94 6.93 -11.86
CA ALA G 90 1.28 5.87 -10.91
C ALA G 90 1.80 4.63 -11.65
N ILE G 91 1.09 4.22 -12.70
CA ILE G 91 1.43 2.96 -13.36
C ILE G 91 2.75 3.06 -14.09
N ARG G 92 3.02 4.19 -14.75
CA ARG G 92 4.29 4.31 -15.46
C ARG G 92 5.46 4.56 -14.51
N ASN G 93 5.20 5.16 -13.36
CA ASN G 93 6.27 5.36 -12.38
C ASN G 93 6.65 4.05 -11.70
N ASP G 94 5.64 3.27 -11.30
CA ASP G 94 5.90 2.01 -10.60
C ASP G 94 6.42 0.97 -11.59
N GLU G 95 7.61 0.44 -11.31
CA GLU G 95 8.27 -0.47 -12.25
C GLU G 95 7.48 -1.77 -12.40
N GLU G 96 7.04 -2.36 -11.28
CA GLU G 96 6.35 -3.64 -11.36
C GLU G 96 5.00 -3.50 -12.08
N LEU G 97 4.25 -2.45 -11.76
CA LEU G 97 3.00 -2.21 -12.48
C LEU G 97 3.28 -1.90 -13.95
N ASN G 98 4.35 -1.17 -14.22
CA ASN G 98 4.72 -0.89 -15.60
C ASN G 98 5.03 -2.19 -16.35
N LYS G 99 5.58 -3.18 -15.67
CA LYS G 99 5.76 -4.50 -16.28
C LYS G 99 4.41 -5.17 -16.50
N LEU G 100 3.60 -5.24 -15.44
CA LEU G 100 2.30 -5.90 -15.53
C LEU G 100 1.40 -5.22 -16.56
N LEU G 101 1.56 -3.91 -16.74
CA LEU G 101 0.66 -3.12 -17.58
C LEU G 101 1.42 -2.35 -18.66
N GLY G 102 2.55 -2.90 -19.11
CA GLY G 102 3.38 -2.19 -20.07
C GLY G 102 2.65 -1.86 -21.36
N ARG G 103 1.83 -2.80 -21.85
CA ARG G 103 1.12 -2.63 -23.12
C ARG G 103 -0.27 -2.02 -22.94
N VAL G 104 -0.67 -1.72 -21.71
CA VAL G 104 -2.01 -1.20 -21.44
C VAL G 104 -2.06 0.29 -21.76
N THR G 105 -3.23 0.74 -22.19
CA THR G 105 -3.48 2.14 -22.51
C THR G 105 -4.66 2.64 -21.67
N ILE G 106 -4.63 3.92 -21.33
CA ILE G 106 -5.62 4.52 -20.43
C ILE G 106 -6.14 5.81 -21.06
N ALA G 107 -7.46 6.00 -21.01
CA ALA G 107 -8.08 7.19 -21.59
C ALA G 107 -7.58 8.44 -20.87
N GLN G 108 -7.24 9.47 -21.66
CA GLN G 108 -6.65 10.71 -21.13
C GLN G 108 -5.49 10.42 -20.20
N GLY G 109 -4.76 9.34 -20.47
CA GLY G 109 -3.66 8.96 -19.59
C GLY G 109 -2.50 9.93 -19.63
N GLY G 110 -2.13 10.41 -20.81
CA GLY G 110 -0.97 11.26 -20.94
C GLY G 110 0.32 10.46 -20.87
N VAL G 111 1.40 11.15 -20.50
CA VAL G 111 2.73 10.55 -20.45
C VAL G 111 3.52 11.14 -19.29
N LEU G 112 4.59 10.44 -18.92
CA LEU G 112 5.55 11.01 -17.96
C LEU G 112 6.30 12.15 -18.62
N PRO G 113 6.64 13.20 -17.86
CA PRO G 113 7.33 14.36 -18.47
C PRO G 113 8.79 14.07 -18.79
N ASN G 114 9.01 13.02 -19.59
CA ASN G 114 10.36 12.60 -19.95
C ASN G 114 10.90 13.50 -21.06
N ILE G 115 12.12 14.02 -20.85
CA ILE G 115 12.83 14.80 -21.86
C ILE G 115 14.25 14.28 -21.94
N GLN G 116 14.70 13.95 -23.14
CA GLN G 116 16.06 13.44 -23.33
C GLN G 116 17.05 14.59 -23.22
N ALA G 117 18.14 14.34 -22.48
CA ALA G 117 19.07 15.42 -22.14
C ALA G 117 19.62 16.11 -23.38
N VAL G 118 19.87 15.35 -24.45
CA VAL G 118 20.43 15.95 -25.67
C VAL G 118 19.53 17.07 -26.18
N LEU G 119 18.24 17.01 -25.87
CA LEU G 119 17.30 18.02 -26.35
C LEU G 119 17.36 19.31 -25.56
N LEU G 120 18.00 19.30 -24.40
CA LEU G 120 17.95 20.46 -23.52
C LEU G 120 18.87 21.57 -24.06
N PRO G 121 18.41 22.82 -24.08
CA PRO G 121 19.24 23.90 -24.63
C PRO G 121 20.24 24.43 -23.61
N LYS G 122 21.41 24.83 -24.13
CA LYS G 122 22.42 25.51 -23.32
C LYS G 122 23.35 26.32 -24.22
N SER H 40 -20.99 -4.33 -10.98
CA SER H 40 -19.71 -3.67 -11.18
C SER H 40 -19.00 -3.61 -9.82
N TYR H 41 -17.71 -3.32 -9.86
CA TYR H 41 -16.89 -3.31 -8.65
C TYR H 41 -16.75 -1.92 -8.04
N SER H 42 -17.54 -0.95 -8.49
CA SER H 42 -17.39 0.42 -8.01
C SER H 42 -17.52 0.50 -6.50
N ILE H 43 -18.50 -0.20 -5.92
CA ILE H 43 -18.70 -0.18 -4.47
C ILE H 43 -17.41 -0.57 -3.76
N TYR H 44 -16.79 -1.66 -4.21
CA TYR H 44 -15.63 -2.20 -3.51
C TYR H 44 -14.39 -1.35 -3.78
N VAL H 45 -14.25 -0.84 -5.00
CA VAL H 45 -13.15 0.09 -5.29
C VAL H 45 -13.24 1.28 -4.36
N TYR H 46 -14.44 1.86 -4.23
CA TYR H 46 -14.64 3.00 -3.35
C TYR H 46 -14.29 2.66 -1.92
N LYS H 47 -14.84 1.54 -1.42
CA LYS H 47 -14.56 1.14 -0.05
C LYS H 47 -13.06 0.96 0.19
N VAL H 48 -12.36 0.36 -0.78
CA VAL H 48 -10.92 0.19 -0.66
C VAL H 48 -10.24 1.55 -0.52
N LEU H 49 -10.59 2.49 -1.40
CA LEU H 49 -10.00 3.82 -1.30
C LEU H 49 -10.28 4.43 0.06
N LYS H 50 -11.49 4.23 0.58
CA LYS H 50 -11.82 4.76 1.89
C LYS H 50 -10.99 4.11 2.99
N GLN H 51 -10.37 2.96 2.72
CA GLN H 51 -9.44 2.37 3.66
C GLN H 51 -8.00 2.84 3.43
N VAL H 52 -7.69 3.33 2.24
CA VAL H 52 -6.34 3.73 1.87
C VAL H 52 -6.16 5.24 2.00
N HIS H 53 -6.98 6.01 1.30
CA HIS H 53 -6.94 7.47 1.33
C HIS H 53 -8.35 7.97 1.63
N PRO H 54 -8.77 7.91 2.89
CA PRO H 54 -10.15 8.29 3.22
C PRO H 54 -10.50 9.71 2.78
N ASP H 55 -9.52 10.59 2.65
CA ASP H 55 -9.74 11.98 2.31
C ASP H 55 -9.78 12.24 0.81
N THR H 56 -10.08 11.24 -0.02
CA THR H 56 -10.02 11.41 -1.47
C THR H 56 -11.23 10.76 -2.14
N GLY H 57 -11.50 11.21 -3.37
CA GLY H 57 -12.57 10.67 -4.18
C GLY H 57 -12.04 10.22 -5.54
N ILE H 58 -12.97 9.70 -6.34
CA ILE H 58 -12.63 9.06 -7.62
C ILE H 58 -13.51 9.64 -8.72
N SER H 59 -12.89 9.99 -9.84
CA SER H 59 -13.65 10.39 -11.02
C SER H 59 -14.26 9.15 -11.68
N SER H 60 -15.44 9.32 -12.26
CA SER H 60 -16.14 8.19 -12.87
C SER H 60 -15.26 7.49 -13.90
N LYS H 61 -14.43 8.25 -14.63
CA LYS H 61 -13.54 7.65 -15.61
C LYS H 61 -12.49 6.77 -14.94
N ALA H 62 -11.92 7.25 -13.83
CA ALA H 62 -10.98 6.42 -13.08
C ALA H 62 -11.67 5.15 -12.57
N MET H 63 -12.92 5.26 -12.15
CA MET H 63 -13.65 4.10 -11.68
C MET H 63 -13.86 3.08 -12.79
N GLY H 64 -14.25 3.55 -13.98
CA GLY H 64 -14.37 2.66 -15.12
C GLY H 64 -13.04 2.00 -15.46
N ILE H 65 -11.96 2.77 -15.37
CA ILE H 65 -10.63 2.20 -15.59
C ILE H 65 -10.37 1.08 -14.62
N MET H 66 -10.73 1.26 -13.35
CA MET H 66 -10.49 0.22 -12.36
C MET H 66 -11.33 -1.02 -12.64
N ASN H 67 -12.59 -0.83 -13.06
CA ASN H 67 -13.41 -1.98 -13.43
C ASN H 67 -12.77 -2.77 -14.58
N SER H 68 -12.34 -2.04 -15.62
CA SER H 68 -11.68 -2.68 -16.75
C SER H 68 -10.44 -3.44 -16.28
N PHE H 69 -9.63 -2.82 -15.41
CA PHE H 69 -8.42 -3.45 -14.92
C PHE H 69 -8.73 -4.72 -14.14
N VAL H 70 -9.73 -4.66 -13.26
CA VAL H 70 -10.12 -5.83 -12.48
C VAL H 70 -10.47 -6.97 -13.41
N ASN H 71 -11.33 -6.71 -14.39
CA ASN H 71 -11.77 -7.78 -15.28
C ASN H 71 -10.61 -8.31 -16.11
N ASP H 72 -9.70 -7.43 -16.53
CA ASP H 72 -8.52 -7.85 -17.28
C ASP H 72 -7.68 -8.82 -16.46
N ILE H 73 -7.35 -8.44 -15.22
CA ILE H 73 -6.51 -9.30 -14.38
C ILE H 73 -7.24 -10.60 -14.06
N PHE H 74 -8.53 -10.52 -13.79
CA PHE H 74 -9.34 -11.72 -13.57
C PHE H 74 -9.21 -12.67 -14.74
N GLU H 75 -9.31 -12.14 -15.96
CA GLU H 75 -9.20 -12.97 -17.15
C GLU H 75 -7.81 -13.60 -17.25
N ARG H 76 -6.77 -12.78 -17.06
CA ARG H 76 -5.41 -13.32 -17.13
C ARG H 76 -5.25 -14.50 -16.20
N ILE H 77 -5.62 -14.31 -14.91
CA ILE H 77 -5.40 -15.36 -13.92
C ILE H 77 -6.25 -16.57 -14.23
N ALA H 78 -7.52 -16.37 -14.56
CA ALA H 78 -8.41 -17.50 -14.81
C ALA H 78 -7.91 -18.31 -16.01
N GLY H 79 -7.46 -17.64 -17.07
CA GLY H 79 -6.95 -18.36 -18.22
C GLY H 79 -5.67 -19.12 -17.90
N GLU H 80 -4.74 -18.47 -17.20
CA GLU H 80 -3.50 -19.15 -16.83
C GLU H 80 -3.78 -20.37 -15.96
N ALA H 81 -4.69 -20.21 -15.00
CA ALA H 81 -5.04 -21.34 -14.14
C ALA H 81 -5.70 -22.45 -14.94
N SER H 82 -6.53 -22.09 -15.91
CA SER H 82 -7.14 -23.10 -16.77
C SER H 82 -6.07 -23.89 -17.51
N ARG H 83 -5.06 -23.19 -18.05
CA ARG H 83 -3.96 -23.89 -18.71
C ARG H 83 -3.24 -24.81 -17.74
N LEU H 84 -2.91 -24.30 -16.55
CA LEU H 84 -2.19 -25.12 -15.58
C LEU H 84 -2.96 -26.39 -15.25
N ALA H 85 -4.26 -26.28 -15.02
CA ALA H 85 -5.07 -27.46 -14.77
C ALA H 85 -4.99 -28.42 -15.96
N HIS H 86 -5.06 -27.89 -17.18
CA HIS H 86 -4.95 -28.74 -18.35
C HIS H 86 -3.58 -29.41 -18.43
N TYR H 87 -2.51 -28.61 -18.28
CA TYR H 87 -1.16 -29.17 -18.31
C TYR H 87 -0.98 -30.31 -17.32
N ASN H 88 -1.86 -30.41 -16.32
CA ASN H 88 -1.80 -31.47 -15.32
C ASN H 88 -3.06 -32.33 -15.34
N LYS H 89 -3.84 -32.24 -16.41
CA LYS H 89 -5.05 -33.05 -16.60
C LYS H 89 -5.95 -33.03 -15.36
N ARG H 90 -5.99 -31.90 -14.66
CA ARG H 90 -6.84 -31.75 -13.49
C ARG H 90 -8.19 -31.15 -13.89
N SER H 91 -9.19 -31.39 -13.04
CA SER H 91 -10.54 -30.91 -13.26
C SER H 91 -10.94 -29.76 -12.35
N THR H 92 -10.15 -29.47 -11.31
CA THR H 92 -10.50 -28.48 -10.32
C THR H 92 -9.40 -27.44 -10.20
N ILE H 93 -9.80 -26.17 -10.09
CA ILE H 93 -8.86 -25.07 -9.87
C ILE H 93 -8.88 -24.75 -8.38
N THR H 94 -7.70 -24.75 -7.75
CA THR H 94 -7.57 -24.50 -6.32
C THR H 94 -6.62 -23.33 -6.09
N SER H 95 -6.37 -23.07 -4.80
CA SER H 95 -5.45 -22.00 -4.43
C SER H 95 -4.02 -22.30 -4.90
N ARG H 96 -3.67 -23.57 -5.05
CA ARG H 96 -2.36 -23.90 -5.61
C ARG H 96 -2.22 -23.35 -7.01
N GLU H 97 -3.20 -23.65 -7.88
CA GLU H 97 -3.16 -23.17 -9.25
C GLU H 97 -3.08 -21.65 -9.29
N ILE H 98 -3.85 -20.99 -8.43
CA ILE H 98 -3.84 -19.53 -8.41
C ILE H 98 -2.48 -19.01 -7.95
N GLN H 99 -1.92 -19.63 -6.91
CA GLN H 99 -0.61 -19.21 -6.43
C GLN H 99 0.42 -19.34 -7.54
N THR H 100 0.38 -20.45 -8.26
CA THR H 100 1.31 -20.67 -9.37
C THR H 100 1.09 -19.63 -10.47
N ALA H 101 -0.18 -19.37 -10.81
CA ALA H 101 -0.48 -18.39 -11.84
C ALA H 101 -0.06 -16.99 -11.43
N VAL H 102 -0.15 -16.70 -10.13
CA VAL H 102 0.27 -15.41 -9.61
C VAL H 102 1.78 -15.29 -9.70
N ARG H 103 2.50 -16.32 -9.25
CA ARG H 103 3.95 -16.33 -9.35
C ARG H 103 4.41 -16.16 -10.79
N LEU H 104 3.68 -16.78 -11.73
CA LEU H 104 4.04 -16.66 -13.14
C LEU H 104 3.73 -15.26 -13.67
N LEU H 105 2.55 -14.74 -13.33
CA LEU H 105 2.07 -13.50 -13.91
C LEU H 105 2.73 -12.29 -13.28
N LEU H 106 2.78 -12.24 -11.94
CA LEU H 106 3.22 -11.01 -11.29
C LEU H 106 4.74 -10.99 -11.12
N PRO H 107 5.33 -9.79 -11.09
CA PRO H 107 6.73 -9.68 -10.66
C PRO H 107 6.90 -10.12 -9.22
N GLY H 108 8.14 -10.49 -8.88
CA GLY H 108 8.39 -11.16 -7.61
C GLY H 108 7.93 -10.38 -6.40
N GLU H 109 8.18 -9.08 -6.37
CA GLU H 109 7.78 -8.26 -5.23
C GLU H 109 6.28 -8.35 -4.99
N LEU H 110 5.51 -7.93 -6.00
CA LEU H 110 4.06 -8.00 -5.91
C LEU H 110 3.61 -9.43 -5.69
N ALA H 111 4.32 -10.40 -6.26
CA ALA H 111 3.94 -11.80 -6.07
C ALA H 111 4.04 -12.19 -4.60
N LYS H 112 5.13 -11.81 -3.93
CA LYS H 112 5.26 -12.11 -2.52
C LYS H 112 4.12 -11.50 -1.72
N HIS H 113 3.85 -10.22 -1.94
CA HIS H 113 2.79 -9.57 -1.16
C HIS H 113 1.43 -10.19 -1.46
N ALA H 114 1.14 -10.44 -2.73
CA ALA H 114 -0.15 -10.99 -3.12
C ALA H 114 -0.32 -12.41 -2.60
N VAL H 115 0.74 -13.21 -2.63
CA VAL H 115 0.70 -14.56 -2.08
C VAL H 115 0.47 -14.49 -0.58
N SER H 116 1.11 -13.53 0.10
CA SER H 116 0.86 -13.36 1.52
C SER H 116 -0.60 -13.00 1.78
N GLU H 117 -1.17 -12.13 0.96
CA GLU H 117 -2.55 -11.72 1.15
C GLU H 117 -3.50 -12.89 0.93
N GLY H 118 -3.32 -13.62 -0.18
CA GLY H 118 -4.13 -14.80 -0.41
C GLY H 118 -3.99 -15.82 0.70
N THR H 119 -2.76 -16.01 1.18
CA THR H 119 -2.52 -16.93 2.28
C THR H 119 -3.29 -16.51 3.52
N LYS H 120 -3.18 -15.24 3.89
CA LYS H 120 -3.87 -14.75 5.08
C LYS H 120 -5.37 -14.85 4.93
N ALA H 121 -5.89 -14.48 3.77
CA ALA H 121 -7.33 -14.54 3.52
C ALA H 121 -7.83 -15.96 3.65
N VAL H 122 -7.17 -16.90 2.96
CA VAL H 122 -7.57 -18.31 3.02
C VAL H 122 -7.43 -18.83 4.45
N THR H 123 -6.38 -18.42 5.15
CA THR H 123 -6.16 -18.87 6.52
C THR H 123 -7.30 -18.42 7.42
N LYS H 124 -7.59 -17.12 7.41
CA LYS H 124 -8.66 -16.59 8.25
C LYS H 124 -10.00 -17.20 7.90
N TYR H 125 -10.27 -17.36 6.60
CA TYR H 125 -11.54 -17.95 6.18
C TYR H 125 -11.67 -19.39 6.66
N THR H 126 -10.68 -20.22 6.32
CA THR H 126 -10.74 -21.64 6.67
C THR H 126 -10.75 -21.85 8.18
N SER H 127 -10.04 -20.99 8.92
CA SER H 127 -9.97 -21.13 10.36
C SER H 127 -11.28 -20.77 11.05
N ALA H 128 -12.19 -20.10 10.36
CA ALA H 128 -13.45 -19.70 10.93
C ALA H 128 -14.58 -19.89 9.92
N ALA K 14 -1.14 31.40 -15.07
CA ALA K 14 -1.63 31.15 -13.71
C ALA K 14 -2.55 32.24 -13.16
N LYS K 15 -3.08 33.12 -14.00
CA LYS K 15 -4.00 34.16 -13.54
C LYS K 15 -5.29 33.55 -12.99
N ARG K 16 -6.10 32.96 -13.86
CA ARG K 16 -7.36 32.41 -13.40
C ARG K 16 -7.17 31.14 -12.56
N VAL K 17 -6.09 30.40 -12.78
CA VAL K 17 -5.75 29.32 -11.85
C VAL K 17 -5.56 29.89 -10.45
N SER K 18 -4.96 31.08 -10.36
CA SER K 18 -4.76 31.70 -9.06
C SER K 18 -6.08 32.12 -8.41
N ARG K 19 -6.96 32.79 -9.17
CA ARG K 19 -8.25 33.17 -8.59
C ARG K 19 -9.04 31.93 -8.16
N ASN K 20 -9.02 30.87 -8.99
CA ASN K 20 -9.72 29.64 -8.63
C ASN K 20 -9.11 28.99 -7.40
N LYS K 21 -7.78 29.00 -7.28
CA LYS K 21 -7.13 28.51 -6.07
C LYS K 21 -7.66 29.25 -4.85
N SER K 22 -7.74 30.57 -4.95
CA SER K 22 -8.20 31.37 -3.81
C SER K 22 -9.66 31.05 -3.46
N GLU K 23 -10.51 30.87 -4.48
CA GLU K 23 -11.91 30.59 -4.21
C GLU K 23 -12.10 29.18 -3.64
N LYS K 24 -11.37 28.20 -4.18
CA LYS K 24 -11.38 26.86 -3.62
C LYS K 24 -10.84 26.87 -2.19
N LYS K 25 -9.94 27.80 -1.88
CA LYS K 25 -9.46 27.95 -0.51
C LYS K 25 -10.55 28.51 0.41
N ARG K 26 -11.31 29.48 -0.09
CA ARG K 26 -12.48 29.96 0.67
C ARG K 26 -13.43 28.81 0.97
N ARG K 27 -13.77 28.05 -0.07
CA ARG K 27 -14.57 26.84 0.08
C ARG K 27 -13.99 25.93 1.17
N ASP K 28 -12.68 25.65 1.08
CA ASP K 28 -12.01 24.75 2.03
C ASP K 28 -12.12 25.27 3.46
N GLN K 29 -11.88 26.57 3.65
CA GLN K 29 -11.92 27.13 5.00
C GLN K 29 -13.31 26.97 5.61
N PHE K 30 -14.34 27.23 4.80
CA PHE K 30 -15.70 27.01 5.29
C PHE K 30 -15.90 25.54 5.69
N ASN K 31 -15.44 24.62 4.84
CA ASN K 31 -15.59 23.19 5.15
C ASN K 31 -14.86 22.83 6.45
N VAL K 32 -13.64 23.35 6.63
CA VAL K 32 -12.86 23.06 7.84
C VAL K 32 -13.61 23.56 9.07
N LEU K 33 -14.20 24.75 8.98
CA LEU K 33 -14.92 25.28 10.13
C LEU K 33 -16.17 24.46 10.43
N ILE K 34 -16.87 24.01 9.39
CA ILE K 34 -18.04 23.14 9.61
C ILE K 34 -17.61 21.85 10.31
N LYS K 35 -16.50 21.26 9.85
CA LYS K 35 -16.03 20.02 10.44
C LYS K 35 -15.64 20.23 11.90
N GLU K 36 -14.90 21.30 12.19
CA GLU K 36 -14.54 21.58 13.58
C GLU K 36 -15.77 21.77 14.44
N LEU K 37 -16.74 22.55 13.96
CA LEU K 37 -17.97 22.79 14.71
C LEU K 37 -18.68 21.49 15.04
N GLY K 38 -18.83 20.61 14.04
CA GLY K 38 -19.55 19.37 14.27
C GLY K 38 -18.79 18.39 15.15
N SER K 39 -17.46 18.47 15.17
CA SER K 39 -16.66 17.45 15.84
C SER K 39 -16.85 17.47 17.35
N MET K 40 -17.16 18.64 17.92
CA MET K 40 -17.22 18.78 19.37
C MET K 40 -18.55 18.35 19.98
N LEU K 41 -19.51 17.92 19.17
CA LEU K 41 -20.87 17.70 19.65
C LEU K 41 -20.99 16.39 20.44
N PRO K 42 -21.99 16.28 21.29
CA PRO K 42 -22.34 14.97 21.88
C PRO K 42 -23.18 14.15 20.93
N GLY K 43 -23.18 12.84 21.16
CA GLY K 43 -23.93 11.95 20.29
C GLY K 43 -23.51 12.05 18.85
N ASN K 44 -22.21 12.18 18.59
CA ASN K 44 -21.71 12.43 17.25
C ASN K 44 -22.10 11.30 16.30
N ALA K 45 -22.31 11.65 15.02
CA ALA K 45 -22.66 10.68 13.99
C ALA K 45 -22.20 11.22 12.65
N ARG K 46 -22.06 10.31 11.69
CA ARG K 46 -21.76 10.70 10.31
C ARG K 46 -23.05 10.87 9.51
N LYS K 47 -22.89 11.36 8.28
CA LYS K 47 -23.96 11.59 7.30
C LYS K 47 -24.86 12.77 7.64
N MET K 48 -24.51 13.61 8.63
CA MET K 48 -25.29 14.79 8.92
C MET K 48 -25.06 15.84 7.83
N ASP K 49 -26.14 16.39 7.29
CA ASP K 49 -26.01 17.52 6.38
C ASP K 49 -25.55 18.76 7.16
N LYS K 50 -24.93 19.68 6.43
CA LYS K 50 -24.34 20.85 7.07
C LYS K 50 -25.38 21.61 7.90
N SER K 51 -26.60 21.71 7.38
CA SER K 51 -27.67 22.31 8.16
C SER K 51 -27.92 21.53 9.44
N THR K 52 -27.88 20.20 9.36
CA THR K 52 -28.03 19.38 10.56
C THR K 52 -26.86 19.57 11.52
N VAL K 53 -25.64 19.75 10.98
CA VAL K 53 -24.49 20.02 11.83
C VAL K 53 -24.71 21.30 12.62
N LEU K 54 -25.14 22.37 11.94
CA LEU K 54 -25.38 23.63 12.63
C LEU K 54 -26.55 23.51 13.60
N GLN K 55 -27.59 22.76 13.24
CA GLN K 55 -28.74 22.61 14.12
C GLN K 55 -28.35 21.86 15.38
N LYS K 56 -27.58 20.79 15.25
CA LYS K 56 -27.10 20.05 16.40
C LYS K 56 -26.15 20.90 17.23
N SER K 57 -25.36 21.77 16.58
CA SER K 57 -24.50 22.68 17.33
C SER K 57 -25.33 23.69 18.11
N ILE K 58 -26.42 24.17 17.51
CA ILE K 58 -27.33 25.10 18.17
C ILE K 58 -27.93 24.42 19.41
N ASP K 59 -28.47 23.22 19.23
CA ASP K 59 -29.04 22.48 20.35
C ASP K 59 -28.00 22.19 21.42
N PHE K 60 -26.78 21.81 21.01
CA PHE K 60 -25.74 21.48 21.97
C PHE K 60 -25.29 22.71 22.73
N LEU K 61 -25.13 23.84 22.05
CA LEU K 61 -24.80 25.08 22.76
C LEU K 61 -25.86 25.39 23.80
N ARG K 62 -27.14 25.31 23.42
CA ARG K 62 -28.21 25.55 24.39
C ARG K 62 -28.09 24.60 25.57
N LYS K 63 -28.00 23.30 25.31
CA LYS K 63 -28.01 22.32 26.39
C LYS K 63 -26.79 22.46 27.29
N HIS K 64 -25.61 22.62 26.70
CA HIS K 64 -24.39 22.76 27.48
C HIS K 64 -24.40 24.04 28.30
N LYS K 65 -24.80 25.16 27.68
CA LYS K 65 -24.87 26.42 28.41
C LYS K 65 -25.85 26.32 29.57
N GLU K 66 -26.99 25.67 29.37
CA GLU K 66 -27.97 25.53 30.43
C GLU K 66 -27.43 24.65 31.57
N THR K 67 -26.84 23.51 31.22
CA THR K 67 -26.35 22.60 32.25
C THR K 67 -25.19 23.20 33.04
N THR K 68 -24.32 23.95 32.37
CA THR K 68 -23.20 24.57 33.07
C THR K 68 -23.65 25.78 33.89
N ALA K 69 -24.59 26.57 33.34
CA ALA K 69 -25.08 27.74 34.06
C ALA K 69 -25.84 27.32 35.31
N GLN K 70 -26.56 26.20 35.24
CA GLN K 70 -27.30 25.69 36.38
C GLN K 70 -26.49 24.70 37.22
N SER K 71 -25.19 24.62 37.01
CA SER K 71 -24.33 23.72 37.78
C SER K 71 -24.21 24.21 39.22
N LEU K 85 -3.54 20.69 33.22
CA LEU K 85 -3.83 19.24 33.01
C LEU K 85 -5.28 18.93 33.37
N SER K 86 -5.85 17.94 32.68
CA SER K 86 -7.26 17.60 32.86
C SER K 86 -7.46 16.81 34.14
N ASN K 87 -8.64 16.96 34.73
CA ASN K 87 -8.96 16.22 35.96
C ASN K 87 -9.13 14.73 35.68
N GLU K 88 -9.47 14.35 34.45
CA GLU K 88 -9.56 12.93 34.11
C GLU K 88 -8.19 12.26 34.21
N GLU K 89 -7.17 12.89 33.62
CA GLU K 89 -5.82 12.33 33.69
C GLU K 89 -5.33 12.26 35.13
N PHE K 90 -5.57 13.31 35.91
CA PHE K 90 -5.20 13.29 37.32
C PHE K 90 -5.92 12.16 38.06
N THR K 91 -7.21 11.98 37.78
CA THR K 91 -7.98 10.95 38.45
C THR K 91 -7.41 9.56 38.14
N GLN K 92 -7.15 9.29 36.86
CA GLN K 92 -6.56 8.02 36.49
C GLN K 92 -5.22 7.82 37.18
N LEU K 93 -4.35 8.83 37.10
CA LEU K 93 -3.01 8.71 37.69
C LEU K 93 -3.08 8.42 39.18
N MET K 94 -3.94 9.12 39.90
CA MET K 94 -4.01 8.94 41.34
C MET K 94 -4.65 7.60 41.70
N LEU K 95 -5.72 7.22 41.01
CA LEU K 95 -6.33 5.91 41.25
C LEU K 95 -5.32 4.80 41.04
N GLU K 96 -4.54 4.87 39.95
CA GLU K 96 -3.54 3.85 39.69
C GLU K 96 -2.45 3.86 40.76
N ALA K 97 -1.95 5.04 41.11
CA ALA K 97 -0.88 5.13 42.10
C ALA K 97 -1.34 4.57 43.45
N LEU K 98 -2.60 4.82 43.82
CA LEU K 98 -3.14 4.35 45.08
C LEU K 98 -3.52 2.88 45.05
N ASP K 99 -3.55 2.26 43.88
CA ASP K 99 -4.11 0.91 43.72
C ASP K 99 -5.56 0.87 44.21
N GLY K 100 -6.40 1.72 43.61
CA GLY K 100 -7.75 1.91 44.08
C GLY K 100 -8.74 2.10 42.94
N PHE K 101 -10.02 2.19 43.34
CA PHE K 101 -11.13 2.33 42.42
C PHE K 101 -12.30 2.99 43.15
N PHE K 102 -13.10 3.76 42.41
CA PHE K 102 -14.33 4.31 42.98
C PHE K 102 -15.38 3.22 43.09
N LEU K 103 -16.14 3.23 44.18
CA LEU K 103 -17.24 2.29 44.38
C LEU K 103 -18.36 2.99 45.13
N ALA K 104 -19.60 2.76 44.69
CA ALA K 104 -20.79 3.36 45.30
C ALA K 104 -21.84 2.28 45.52
N ILE K 105 -22.44 2.28 46.71
CA ILE K 105 -23.41 1.25 47.09
C ILE K 105 -24.52 1.89 47.91
N MET K 106 -25.71 1.30 47.81
CA MET K 106 -26.85 1.76 48.62
C MET K 106 -26.72 1.26 50.06
N THR K 107 -27.49 1.91 50.95
CA THR K 107 -27.50 1.47 52.34
C THR K 107 -27.98 0.03 52.47
N ASP K 108 -28.81 -0.44 51.54
CA ASP K 108 -29.25 -1.82 51.54
C ASP K 108 -28.15 -2.80 51.14
N GLY K 109 -26.97 -2.29 50.75
CA GLY K 109 -25.87 -3.13 50.33
C GLY K 109 -25.74 -3.30 48.83
N SER K 110 -26.77 -2.93 48.07
CA SER K 110 -26.74 -3.09 46.61
C SER K 110 -25.75 -2.10 45.99
N ILE K 111 -24.88 -2.61 45.11
CA ILE K 111 -23.91 -1.78 44.42
C ILE K 111 -24.61 -1.00 43.30
N ILE K 112 -24.20 0.25 43.11
CA ILE K 112 -24.83 1.10 42.10
C ILE K 112 -23.84 1.61 41.06
N TYR K 113 -22.57 1.77 41.44
CA TYR K 113 -21.54 2.15 40.47
C TYR K 113 -20.17 1.68 40.94
N VAL K 114 -19.27 1.45 39.98
CA VAL K 114 -17.88 1.11 40.27
C VAL K 114 -17.02 1.51 39.08
N SER K 115 -15.79 1.92 39.36
CA SER K 115 -14.83 2.25 38.32
C SER K 115 -14.25 0.98 37.70
N GLU K 116 -13.90 1.08 36.41
CA GLU K 116 -13.39 -0.08 35.69
C GLU K 116 -12.07 -0.59 36.27
N SER K 117 -11.29 0.28 36.91
CA SER K 117 -10.02 -0.15 37.48
C SER K 117 -10.19 -1.29 38.48
N VAL K 118 -11.41 -1.50 38.99
CA VAL K 118 -11.66 -2.58 39.94
C VAL K 118 -11.28 -3.93 39.33
N THR K 119 -11.49 -4.08 38.02
CA THR K 119 -11.18 -5.36 37.38
C THR K 119 -9.69 -5.66 37.43
N SER K 120 -8.85 -4.65 37.22
CA SER K 120 -7.40 -4.86 37.29
C SER K 120 -6.95 -5.20 38.71
N LEU K 121 -7.70 -4.75 39.72
CA LEU K 121 -7.31 -4.92 41.12
C LEU K 121 -7.96 -6.13 41.77
N LEU K 122 -9.21 -6.45 41.42
CA LEU K 122 -9.96 -7.52 42.06
C LEU K 122 -10.48 -8.57 41.07
N GLU K 123 -10.30 -8.36 39.76
CA GLU K 123 -10.67 -9.31 38.73
C GLU K 123 -12.18 -9.53 38.61
N HIS K 124 -12.98 -8.61 39.14
CA HIS K 124 -14.42 -8.59 38.88
C HIS K 124 -14.73 -7.50 37.86
N LEU K 125 -15.57 -7.81 36.89
CA LEU K 125 -16.05 -6.80 35.97
C LEU K 125 -17.06 -5.89 36.65
N PRO K 126 -17.18 -4.64 36.21
CA PRO K 126 -18.26 -3.79 36.75
C PRO K 126 -19.63 -4.42 36.66
N SER K 127 -19.89 -5.17 35.58
CA SER K 127 -21.17 -5.85 35.43
C SER K 127 -21.34 -6.98 36.45
N ASP K 128 -20.25 -7.54 36.95
CA ASP K 128 -20.34 -8.54 38.02
C ASP K 128 -20.65 -7.91 39.36
N LEU K 129 -20.37 -6.62 39.54
CA LEU K 129 -20.57 -5.91 40.80
C LEU K 129 -21.89 -5.16 40.84
N VAL K 130 -22.18 -4.39 39.79
CA VAL K 130 -23.35 -3.50 39.81
C VAL K 130 -24.63 -4.31 40.02
N ASP K 131 -25.53 -3.74 40.83
CA ASP K 131 -26.82 -4.34 41.18
C ASP K 131 -26.70 -5.51 42.15
N GLN K 132 -25.50 -6.05 42.35
CA GLN K 132 -25.30 -7.14 43.29
C GLN K 132 -25.01 -6.59 44.69
N SER K 133 -25.21 -7.45 45.69
CA SER K 133 -24.97 -7.07 47.08
C SER K 133 -23.47 -7.09 47.36
N ILE K 134 -22.98 -6.00 47.98
CA ILE K 134 -21.57 -5.95 48.37
C ILE K 134 -21.24 -7.09 49.31
N PHE K 135 -22.20 -7.53 50.12
CA PHE K 135 -21.98 -8.59 51.09
C PHE K 135 -21.81 -9.96 50.44
N ASN K 136 -22.04 -10.08 49.13
CA ASN K 136 -21.65 -11.29 48.42
C ASN K 136 -20.15 -11.40 48.26
N PHE K 137 -19.43 -10.27 48.37
CA PHE K 137 -17.98 -10.24 48.21
C PHE K 137 -17.24 -10.05 49.53
N ILE K 138 -17.90 -9.45 50.53
CA ILE K 138 -17.33 -9.32 51.87
C ILE K 138 -17.49 -10.65 52.59
N PRO K 139 -16.50 -11.09 53.38
CA PRO K 139 -16.66 -12.35 54.11
C PRO K 139 -17.82 -12.31 55.10
N GLU K 140 -18.49 -13.45 55.26
CA GLU K 140 -19.69 -13.51 56.09
C GLU K 140 -19.40 -13.16 57.55
N GLY K 141 -18.18 -13.43 58.02
CA GLY K 141 -17.82 -13.08 59.38
C GLY K 141 -17.64 -11.59 59.63
N GLU K 142 -17.71 -10.77 58.58
CA GLU K 142 -17.55 -9.33 58.70
C GLU K 142 -18.77 -8.56 58.21
N HIS K 143 -19.85 -9.26 57.84
CA HIS K 143 -21.04 -8.58 57.33
C HIS K 143 -21.63 -7.62 58.37
N SER K 144 -21.70 -8.07 59.63
CA SER K 144 -22.33 -7.25 60.65
C SER K 144 -21.63 -5.89 60.78
N GLU K 145 -20.30 -5.88 60.65
CA GLU K 145 -19.56 -4.61 60.78
C GLU K 145 -19.95 -3.65 59.66
N VAL K 146 -19.92 -4.11 58.41
CA VAL K 146 -20.22 -3.22 57.29
C VAL K 146 -21.69 -2.84 57.27
N TYR K 147 -22.58 -3.74 57.69
CA TYR K 147 -23.99 -3.38 57.86
C TYR K 147 -24.15 -2.29 58.90
N LYS K 148 -23.42 -2.40 60.03
CA LYS K 148 -23.44 -1.34 61.02
C LYS K 148 -22.97 -0.03 60.42
N ILE K 149 -21.85 -0.06 59.69
CA ILE K 149 -21.32 1.15 59.08
C ILE K 149 -22.36 1.80 58.18
N LEU K 150 -23.00 1.00 57.32
CA LEU K 150 -23.93 1.58 56.34
C LEU K 150 -25.23 2.04 56.99
N SER K 151 -25.72 1.31 57.99
CA SER K 151 -27.07 1.53 58.51
C SER K 151 -27.11 2.49 59.69
N THR K 152 -26.02 2.59 60.47
CA THR K 152 -26.04 3.45 61.63
C THR K 152 -26.05 4.93 61.24
N HIS K 153 -25.44 5.28 60.11
CA HIS K 153 -25.35 6.67 59.70
C HIS K 153 -26.62 7.10 58.98
N LEU K 154 -27.22 8.19 59.45
CA LEU K 154 -28.36 8.82 58.78
C LEU K 154 -28.25 10.32 58.96
N LEU K 155 -28.51 11.08 57.90
CA LEU K 155 -28.39 12.53 57.94
C LEU K 155 -29.28 13.15 56.88
N GLU K 156 -29.79 14.35 57.18
CA GLU K 156 -30.53 15.17 56.22
C GLU K 156 -29.82 16.50 56.08
N SER K 157 -29.50 16.88 54.84
CA SER K 157 -28.74 18.09 54.58
C SER K 157 -29.66 19.31 54.49
N ASP K 158 -29.05 20.48 54.67
CA ASP K 158 -29.76 21.74 54.47
C ASP K 158 -29.82 22.06 52.97
N SER K 159 -30.33 23.26 52.66
CA SER K 159 -30.42 23.71 51.27
C SER K 159 -29.16 24.42 50.79
N LEU K 160 -28.16 24.58 51.65
CA LEU K 160 -27.00 25.40 51.35
C LEU K 160 -25.71 24.62 51.14
N THR K 161 -25.52 23.49 51.85
CA THR K 161 -24.22 22.83 51.88
C THR K 161 -24.28 21.48 51.19
N PRO K 162 -23.40 21.21 50.21
CA PRO K 162 -23.35 19.88 49.60
C PRO K 162 -22.97 18.81 50.62
N GLU K 163 -23.44 17.59 50.36
CA GLU K 163 -23.26 16.51 51.32
C GLU K 163 -21.79 16.13 51.47
N TYR K 164 -21.05 16.06 50.36
CA TYR K 164 -19.67 15.59 50.42
C TYR K 164 -18.77 16.52 51.22
N LEU K 165 -19.16 17.77 51.43
CA LEU K 165 -18.33 18.72 52.15
C LEU K 165 -18.55 18.68 53.66
N LYS K 166 -19.64 18.07 54.13
CA LYS K 166 -19.94 18.04 55.56
C LYS K 166 -19.15 16.94 56.25
N SER K 167 -18.52 17.27 57.38
CA SER K 167 -17.71 16.31 58.10
C SER K 167 -18.53 15.12 58.58
N LYS K 168 -19.83 15.32 58.83
CA LYS K 168 -20.66 14.22 59.31
C LYS K 168 -20.79 13.11 58.28
N ASN K 169 -20.77 13.45 56.99
CA ASN K 169 -20.97 12.46 55.94
C ASN K 169 -19.70 11.71 55.57
N GLN K 170 -18.53 12.26 55.91
CA GLN K 170 -17.27 11.59 55.58
C GLN K 170 -17.09 10.35 56.47
N LEU K 171 -16.57 9.28 55.87
CA LEU K 171 -16.28 8.05 56.60
C LEU K 171 -15.07 7.35 55.99
N GLU K 172 -14.23 6.77 56.85
CA GLU K 172 -13.11 5.94 56.46
C GLU K 172 -13.19 4.62 57.23
N PHE K 173 -13.18 3.50 56.51
CA PHE K 173 -13.27 2.20 57.15
C PHE K 173 -12.64 1.15 56.24
N CYS K 174 -12.46 -0.06 56.78
CA CYS K 174 -11.72 -1.13 56.11
C CYS K 174 -12.50 -2.44 56.17
N CYS K 175 -12.24 -3.31 55.19
CA CYS K 175 -12.86 -4.63 55.14
C CYS K 175 -12.13 -5.47 54.09
N HIS K 176 -12.49 -6.76 54.04
CA HIS K 176 -11.99 -7.66 53.00
C HIS K 176 -13.01 -7.75 51.86
N MET K 177 -12.51 -8.04 50.66
CA MET K 177 -13.35 -8.22 49.48
C MET K 177 -12.87 -9.39 48.65
N LEU K 178 -13.81 -10.13 48.07
CA LEU K 178 -13.51 -11.32 47.30
C LEU K 178 -12.96 -10.97 45.93
N ARG K 179 -12.03 -11.79 45.42
CA ARG K 179 -11.50 -11.66 44.08
C ARG K 179 -12.28 -12.52 43.09
N GLY K 180 -12.31 -12.09 41.83
CA GLY K 180 -12.80 -12.92 40.75
C GLY K 180 -11.76 -13.92 40.30
N THR K 181 -12.15 -14.75 39.33
CA THR K 181 -11.26 -15.81 38.86
C THR K 181 -11.65 -16.23 37.45
N ILE K 182 -10.67 -16.81 36.74
CA ILE K 182 -10.92 -17.37 35.42
C ILE K 182 -11.44 -18.81 35.53
N ASP K 183 -11.08 -19.51 36.60
CA ASP K 183 -11.56 -20.88 36.83
C ASP K 183 -12.30 -20.93 38.17
N PRO K 184 -13.60 -21.20 38.18
CA PRO K 184 -14.34 -21.23 39.45
C PRO K 184 -13.88 -22.31 40.42
N LYS K 185 -13.03 -23.24 39.99
CA LYS K 185 -12.50 -24.26 40.90
C LYS K 185 -11.55 -23.68 41.92
N GLU K 186 -11.01 -22.48 41.69
CA GLU K 186 -10.07 -21.89 42.62
C GLU K 186 -10.77 -21.57 43.94
N PRO K 187 -10.13 -21.84 45.07
CA PRO K 187 -10.75 -21.50 46.36
C PRO K 187 -10.93 -19.99 46.52
N SER K 188 -11.95 -19.61 47.28
CA SER K 188 -12.27 -18.21 47.50
C SER K 188 -11.06 -17.46 48.07
N THR K 189 -10.69 -16.36 47.42
CA THR K 189 -9.56 -15.55 47.83
C THR K 189 -10.00 -14.09 47.96
N TYR K 190 -9.46 -13.40 48.95
CA TYR K 190 -9.91 -12.07 49.31
C TYR K 190 -8.74 -11.09 49.40
N GLU K 191 -9.07 -9.80 49.45
CA GLU K 191 -8.11 -8.72 49.61
C GLU K 191 -8.63 -7.74 50.67
N TYR K 192 -7.73 -7.28 51.53
CA TYR K 192 -8.08 -6.26 52.51
C TYR K 192 -7.98 -4.87 51.87
N VAL K 193 -9.00 -4.05 52.08
CA VAL K 193 -9.10 -2.75 51.43
C VAL K 193 -9.59 -1.71 52.43
N ARG K 194 -9.31 -0.43 52.12
CA ARG K 194 -9.81 0.70 52.89
C ARG K 194 -10.78 1.50 52.04
N PHE K 195 -11.98 1.71 52.55
CA PHE K 195 -12.93 2.63 51.93
C PHE K 195 -12.67 4.04 52.44
N ILE K 196 -12.55 4.99 51.54
CA ILE K 196 -12.48 6.42 51.87
C ILE K 196 -13.57 7.11 51.05
N GLY K 197 -14.63 7.55 51.72
CA GLY K 197 -15.79 8.02 50.99
C GLY K 197 -16.73 8.84 51.85
N ASN K 198 -17.93 9.05 51.32
CA ASN K 198 -18.95 9.85 51.99
C ASN K 198 -20.34 9.34 51.65
N PHE K 199 -21.29 9.62 52.53
CA PHE K 199 -22.69 9.27 52.28
C PHE K 199 -23.38 10.38 51.48
N LYS K 200 -24.19 9.98 50.51
CA LYS K 200 -24.83 10.92 49.60
C LYS K 200 -26.25 10.46 49.28
N SER K 201 -27.15 11.42 49.10
CA SER K 201 -28.53 11.15 48.74
C SER K 201 -28.69 11.17 47.22
N LEU K 202 -29.61 10.37 46.72
CA LEU K 202 -29.87 10.25 45.29
C LEU K 202 -31.37 10.38 45.01
N THR K 203 -31.70 11.01 43.88
CA THR K 203 -33.07 11.08 43.42
C THR K 203 -33.45 9.78 42.72
N ARG K 228 -32.89 7.58 47.54
CA ARG K 228 -32.25 6.72 48.58
C ARG K 228 -30.88 7.28 48.98
N VAL K 229 -30.30 6.73 50.05
CA VAL K 229 -29.01 7.16 50.55
C VAL K 229 -27.98 6.09 50.23
N CYS K 230 -26.92 6.48 49.54
CA CYS K 230 -25.82 5.59 49.19
C CYS K 230 -24.55 6.03 49.92
N PHE K 231 -23.54 5.17 49.86
CA PHE K 231 -22.19 5.51 50.25
C PHE K 231 -21.29 5.34 49.03
N VAL K 232 -20.49 6.36 48.73
CA VAL K 232 -19.56 6.33 47.61
C VAL K 232 -18.16 6.59 48.14
N ALA K 233 -17.20 5.79 47.70
CA ALA K 233 -15.86 5.82 48.27
C ALA K 233 -14.82 5.45 47.23
N THR K 234 -13.63 6.05 47.39
CA THR K 234 -12.43 5.50 46.75
C THR K 234 -11.94 4.32 47.59
N VAL K 235 -11.96 3.13 47.00
CA VAL K 235 -11.51 1.92 47.67
C VAL K 235 -10.05 1.69 47.31
N ARG K 236 -9.20 1.59 48.32
CA ARG K 236 -7.77 1.35 48.13
C ARG K 236 -7.42 -0.02 48.71
N LEU K 237 -6.66 -0.80 47.96
CA LEU K 237 -6.16 -2.07 48.47
C LEU K 237 -5.09 -1.84 49.50
N ALA K 238 -5.18 -2.54 50.64
CA ALA K 238 -4.16 -2.41 51.67
C ALA K 238 -2.84 -3.00 51.23
N THR K 239 -2.87 -4.08 50.44
CA THR K 239 -1.65 -4.67 49.88
C THR K 239 -1.34 -3.99 48.55
N PRO K 240 -0.18 -3.33 48.41
CA PRO K 240 0.09 -2.63 47.16
C PRO K 240 0.30 -3.58 45.99
N GLN K 241 0.02 -3.09 44.79
CA GLN K 241 0.05 -3.88 43.56
C GLN K 241 0.97 -3.18 42.56
N PHE K 242 2.29 -3.43 42.69
CA PHE K 242 3.27 -2.72 41.88
C PHE K 242 3.24 -3.15 40.41
N ILE K 243 2.62 -4.29 40.08
CA ILE K 243 2.39 -4.70 38.71
C ILE K 243 0.97 -5.24 38.59
N LYS K 244 0.29 -4.88 37.49
CA LYS K 244 -1.13 -5.14 37.33
C LYS K 244 -1.43 -5.51 35.88
N GLU K 245 -2.63 -6.06 35.67
CA GLU K 245 -3.09 -6.43 34.33
C GLU K 245 -4.07 -5.37 33.81
N MET K 246 -3.89 -4.98 32.54
CA MET K 246 -4.89 -4.18 31.86
C MET K 246 -6.01 -5.11 31.41
N CYS K 247 -7.24 -4.80 31.83
CA CYS K 247 -8.38 -5.69 31.62
C CYS K 247 -9.32 -5.24 30.52
N THR K 248 -9.37 -3.94 30.21
CA THR K 248 -10.15 -3.42 29.11
C THR K 248 -9.24 -2.70 28.13
N VAL K 249 -9.45 -2.94 26.83
CA VAL K 249 -8.67 -2.25 25.81
C VAL K 249 -9.17 -0.83 25.69
N GLU K 250 -8.25 0.14 25.81
CA GLU K 250 -8.64 1.55 25.78
C GLU K 250 -9.04 2.02 24.39
N GLU K 251 -8.77 1.25 23.35
CA GLU K 251 -9.21 1.53 22.00
C GLU K 251 -10.13 0.41 21.51
N PRO K 252 -11.02 0.68 20.56
CA PRO K 252 -11.89 -0.40 20.06
C PRO K 252 -11.11 -1.61 19.59
N ASN K 253 -10.06 -1.40 18.81
CA ASN K 253 -9.15 -2.47 18.40
C ASN K 253 -7.76 -1.86 18.23
N GLU K 254 -6.74 -2.60 18.65
CA GLU K 254 -5.36 -2.20 18.41
C GLU K 254 -4.51 -3.45 18.20
N GLU K 255 -3.46 -3.31 17.39
CA GLU K 255 -2.72 -4.46 16.88
C GLU K 255 -1.29 -4.05 16.56
N PHE K 256 -0.40 -5.04 16.54
CA PHE K 256 0.96 -4.82 16.07
C PHE K 256 1.49 -6.13 15.47
N THR K 257 2.49 -5.99 14.60
CA THR K 257 3.03 -7.11 13.83
C THR K 257 4.52 -7.26 14.09
N SER K 258 5.01 -8.49 13.95
CA SER K 258 6.43 -8.81 14.11
C SER K 258 6.74 -10.08 13.32
N ARG K 259 8.04 -10.32 13.13
CA ARG K 259 8.53 -11.56 12.54
C ARG K 259 9.53 -12.21 13.49
N HIS K 260 9.53 -13.54 13.52
CA HIS K 260 10.33 -14.30 14.47
C HIS K 260 11.14 -15.36 13.73
N SER K 261 12.32 -15.67 14.29
CA SER K 261 13.20 -16.69 13.73
C SER K 261 12.78 -18.07 14.23
N LEU K 262 13.44 -19.10 13.69
CA LEU K 262 13.23 -20.46 14.16
C LEU K 262 13.76 -20.68 15.59
N GLU K 263 14.35 -19.65 16.20
CA GLU K 263 14.65 -19.63 17.62
C GLU K 263 13.69 -18.73 18.38
N TRP K 264 12.64 -18.24 17.72
CA TRP K 264 11.64 -17.34 18.27
C TRP K 264 12.22 -15.98 18.67
N LYS K 265 13.35 -15.59 18.11
CA LYS K 265 13.91 -14.27 18.35
C LYS K 265 13.32 -13.26 17.37
N PHE K 266 13.15 -12.02 17.84
CA PHE K 266 12.56 -10.98 17.02
C PHE K 266 13.44 -10.66 15.83
N LEU K 267 12.87 -10.76 14.63
CA LEU K 267 13.52 -10.29 13.41
C LEU K 267 12.95 -8.96 12.92
N PHE K 268 11.76 -8.58 13.36
CA PHE K 268 11.13 -7.33 12.91
C PHE K 268 10.08 -6.91 13.93
N LEU K 269 9.94 -5.59 14.10
CA LEU K 269 8.87 -5.01 14.91
C LEU K 269 8.35 -3.78 14.19
N ASP K 270 7.03 -3.67 14.07
CA ASP K 270 6.41 -2.61 13.29
C ASP K 270 6.36 -1.30 14.08
N HIS K 271 5.87 -0.25 13.41
CA HIS K 271 5.74 1.07 14.03
C HIS K 271 4.58 1.15 15.02
N ARG K 272 3.67 0.18 15.01
CA ARG K 272 2.53 0.20 15.91
C ARG K 272 2.83 -0.44 17.26
N ALA K 273 3.85 -1.29 17.35
CA ALA K 273 4.17 -1.92 18.62
C ALA K 273 4.57 -0.92 19.69
N PRO K 274 5.57 -0.06 19.49
CA PRO K 274 6.06 0.77 20.61
C PRO K 274 4.95 1.59 21.24
N PRO K 275 4.00 2.13 20.46
CA PRO K 275 2.85 2.79 21.08
C PRO K 275 2.02 1.88 21.98
N ILE K 276 2.00 0.59 21.72
CA ILE K 276 1.18 -0.35 22.49
C ILE K 276 1.97 -0.94 23.66
N ILE K 277 3.15 -1.49 23.39
CA ILE K 277 3.95 -2.20 24.38
C ILE K 277 5.03 -1.34 25.02
N GLY K 278 5.34 -0.16 24.46
CA GLY K 278 6.29 0.75 25.04
C GLY K 278 7.74 0.52 24.67
N TYR K 279 8.07 -0.59 24.00
CA TYR K 279 9.44 -0.88 23.59
C TYR K 279 9.66 -0.49 22.14
N LEU K 280 10.80 0.15 21.87
CA LEU K 280 11.18 0.47 20.51
C LEU K 280 11.75 -0.76 19.81
N PRO K 281 11.77 -0.78 18.47
CA PRO K 281 12.22 -2.01 17.77
C PRO K 281 13.60 -2.50 18.20
N PHE K 282 14.60 -1.61 18.23
CA PHE K 282 15.94 -2.05 18.59
C PHE K 282 16.01 -2.62 20.00
N GLU K 283 15.05 -2.30 20.86
CA GLU K 283 15.04 -2.85 22.21
C GLU K 283 14.56 -4.30 22.25
N VAL K 284 13.93 -4.78 21.18
CA VAL K 284 13.42 -6.14 21.14
C VAL K 284 14.16 -7.01 20.12
N LEU K 285 14.71 -6.43 19.06
CA LEU K 285 15.33 -7.23 18.01
C LEU K 285 16.42 -8.13 18.59
N GLY K 286 16.46 -9.37 18.11
CA GLY K 286 17.39 -10.36 18.60
C GLY K 286 16.99 -11.06 19.87
N THR K 287 16.08 -10.49 20.66
CA THR K 287 15.62 -11.11 21.89
C THR K 287 14.49 -12.10 21.61
N SER K 288 14.32 -13.05 22.53
CA SER K 288 13.28 -14.04 22.39
C SER K 288 11.91 -13.44 22.72
N GLY K 289 10.91 -13.85 21.96
CA GLY K 289 9.54 -13.44 22.27
C GLY K 289 9.11 -13.87 23.65
N TYR K 290 9.64 -15.00 24.13
CA TYR K 290 9.25 -15.51 25.44
C TYR K 290 9.67 -14.59 26.58
N ASP K 291 10.64 -13.70 26.35
CA ASP K 291 11.07 -12.79 27.40
C ASP K 291 9.97 -11.85 27.84
N TYR K 292 8.90 -11.71 27.05
CA TYR K 292 7.86 -10.72 27.30
C TYR K 292 6.53 -11.33 27.70
N TYR K 293 6.41 -12.67 27.74
CA TYR K 293 5.16 -13.33 28.03
C TYR K 293 5.01 -13.60 29.53
N HIS K 294 3.77 -13.82 29.94
CA HIS K 294 3.45 -14.02 31.35
C HIS K 294 3.75 -15.45 31.80
N VAL K 295 4.09 -15.60 33.08
CA VAL K 295 4.56 -16.87 33.62
C VAL K 295 3.57 -17.99 33.33
N ASP K 296 2.32 -17.82 33.77
CA ASP K 296 1.33 -18.87 33.59
C ASP K 296 1.05 -19.15 32.11
N ASP K 297 1.14 -18.13 31.27
CA ASP K 297 0.85 -18.30 29.84
C ASP K 297 2.03 -18.87 29.07
N LEU K 298 3.21 -19.01 29.69
CA LEU K 298 4.35 -19.60 28.99
C LEU K 298 4.02 -21.00 28.47
N GLU K 299 3.39 -21.82 29.32
CA GLU K 299 3.09 -23.20 28.92
C GLU K 299 2.05 -23.24 27.80
N ASN K 300 0.99 -22.44 27.92
CA ASN K 300 -0.02 -22.42 26.88
C ASN K 300 0.54 -21.88 25.58
N LEU K 301 1.46 -20.93 25.65
CA LEU K 301 2.07 -20.38 24.45
C LEU K 301 3.04 -21.38 23.82
N ALA K 302 3.72 -22.16 24.65
CA ALA K 302 4.51 -23.26 24.10
C ALA K 302 3.62 -24.27 23.40
N LYS K 303 2.46 -24.57 23.98
CA LYS K 303 1.50 -25.43 23.30
C LYS K 303 1.03 -24.82 21.99
N CYS K 304 0.80 -23.50 21.97
CA CYS K 304 0.36 -22.84 20.75
C CYS K 304 1.44 -22.89 19.68
N HIS K 305 2.70 -22.70 20.06
CA HIS K 305 3.78 -22.77 19.09
C HIS K 305 4.04 -24.20 18.63
N GLU K 306 3.78 -25.18 19.49
CA GLU K 306 3.82 -26.57 19.05
C GLU K 306 2.70 -26.86 18.05
N HIS K 307 1.49 -26.36 18.32
CA HIS K 307 0.41 -26.51 17.35
C HIS K 307 0.73 -25.79 16.05
N LEU K 308 1.41 -24.64 16.13
CA LEU K 308 1.81 -23.92 14.92
C LEU K 308 2.86 -24.71 14.14
N MET K 309 3.82 -25.32 14.85
CA MET K 309 4.77 -26.21 14.20
C MET K 309 4.07 -27.41 13.60
N GLN K 310 2.92 -27.81 14.16
CA GLN K 310 2.16 -28.93 13.62
C GLN K 310 1.37 -28.55 12.37
N TYR K 311 0.86 -27.32 12.31
CA TYR K 311 -0.04 -26.92 11.23
C TYR K 311 0.49 -25.80 10.34
N GLY K 312 1.52 -25.07 10.76
CA GLY K 312 2.10 -24.02 9.93
C GLY K 312 1.35 -22.71 9.94
N LYS K 313 0.07 -22.74 10.29
CA LYS K 313 -0.75 -21.53 10.39
C LYS K 313 -1.80 -21.75 11.46
N GLY K 314 -2.34 -20.67 12.00
CA GLY K 314 -3.42 -20.79 12.94
C GLY K 314 -3.58 -19.56 13.82
N LYS K 315 -4.37 -19.75 14.89
CA LYS K 315 -4.70 -18.71 15.86
C LYS K 315 -4.34 -19.22 17.26
N SER K 316 -3.87 -18.32 18.12
CA SER K 316 -3.33 -18.69 19.41
C SER K 316 -4.39 -18.60 20.51
N CYS K 317 -4.01 -19.08 21.69
CA CYS K 317 -4.77 -18.83 22.91
C CYS K 317 -4.57 -17.39 23.37
N TYR K 318 -5.36 -16.97 24.36
CA TYR K 318 -5.14 -15.66 24.97
C TYR K 318 -3.91 -15.71 25.88
N TYR K 319 -3.21 -14.59 25.97
CA TYR K 319 -2.02 -14.52 26.82
C TYR K 319 -1.72 -13.07 27.17
N ARG K 320 -0.74 -12.89 28.06
CA ARG K 320 -0.36 -11.59 28.58
C ARG K 320 1.08 -11.23 28.17
N PHE K 321 1.32 -9.93 28.01
CA PHE K 321 2.59 -9.39 27.55
C PHE K 321 2.96 -8.22 28.46
N LEU K 322 4.22 -8.17 28.92
CA LEU K 322 4.67 -7.15 29.87
C LEU K 322 5.18 -5.93 29.11
N THR K 323 4.45 -4.83 29.21
CA THR K 323 4.84 -3.58 28.57
C THR K 323 5.97 -2.90 29.35
N LYS K 324 6.66 -1.97 28.67
CA LYS K 324 7.70 -1.18 29.33
C LYS K 324 7.12 -0.36 30.48
N GLY K 325 5.82 -0.07 30.42
CA GLY K 325 5.14 0.64 31.50
C GLY K 325 4.68 -0.25 32.64
N GLN K 326 5.19 -1.48 32.67
CA GLN K 326 4.98 -2.40 33.80
C GLN K 326 3.52 -2.85 33.92
N GLN K 327 2.81 -2.96 32.80
CA GLN K 327 1.46 -3.53 32.77
C GLN K 327 1.44 -4.78 31.91
N TRP K 328 0.80 -5.83 32.43
CA TRP K 328 0.50 -7.02 31.63
C TRP K 328 -0.74 -6.73 30.79
N ILE K 329 -0.60 -6.81 29.46
CA ILE K 329 -1.72 -6.60 28.54
C ILE K 329 -2.09 -7.94 27.91
N TRP K 330 -3.39 -8.23 27.87
CA TRP K 330 -3.88 -9.47 27.28
C TRP K 330 -3.89 -9.38 25.76
N LEU K 331 -3.49 -10.47 25.10
CA LEU K 331 -3.34 -10.49 23.65
C LEU K 331 -3.89 -11.80 23.08
N GLN K 332 -4.17 -11.78 21.77
CA GLN K 332 -4.37 -12.98 20.99
C GLN K 332 -3.70 -12.75 19.63
N THR K 333 -3.06 -13.79 19.10
CA THR K 333 -2.17 -13.63 17.94
C THR K 333 -2.53 -14.62 16.84
N HIS K 334 -2.40 -14.15 15.60
CA HIS K 334 -2.51 -15.00 14.42
C HIS K 334 -1.11 -15.19 13.83
N TYR K 335 -0.80 -16.44 13.48
CA TYR K 335 0.54 -16.81 13.05
C TYR K 335 0.48 -17.49 11.68
N TYR K 336 1.58 -17.35 10.93
CA TYR K 336 1.79 -18.13 9.71
C TYR K 336 3.28 -18.15 9.40
N ILE K 337 3.67 -19.12 8.57
CA ILE K 337 5.09 -19.41 8.32
C ILE K 337 5.38 -19.28 6.83
N THR K 338 6.59 -18.83 6.53
CA THR K 338 7.07 -18.60 5.16
C THR K 338 8.26 -19.50 4.88
N TYR K 339 8.47 -19.83 3.60
CA TYR K 339 9.35 -20.94 3.22
C TYR K 339 10.41 -20.52 2.20
N HIS K 340 11.55 -21.21 2.30
CA HIS K 340 12.73 -20.97 1.48
C HIS K 340 12.59 -21.75 0.17
N GLN K 341 12.36 -21.02 -0.93
CA GLN K 341 11.93 -21.63 -2.19
C GLN K 341 12.84 -22.78 -2.62
N TRP K 342 14.14 -22.68 -2.31
CA TRP K 342 15.11 -23.65 -2.80
C TRP K 342 14.75 -25.07 -2.40
N ASN K 343 14.01 -25.22 -1.31
CA ASN K 343 13.61 -26.54 -0.83
C ASN K 343 12.24 -26.55 -0.17
N SER K 344 11.54 -25.43 -0.09
CA SER K 344 10.20 -25.33 0.49
C SER K 344 10.18 -25.52 2.01
N ARG K 345 11.32 -25.32 2.69
CA ARG K 345 11.37 -25.42 4.14
C ARG K 345 11.25 -24.05 4.79
N PRO K 346 10.93 -23.99 6.08
CA PRO K 346 10.68 -22.70 6.72
C PRO K 346 11.86 -21.74 6.64
N GLU K 347 11.53 -20.44 6.60
CA GLU K 347 12.51 -19.37 6.74
C GLU K 347 12.19 -18.42 7.90
N PHE K 348 10.93 -18.03 8.07
CA PHE K 348 10.56 -17.19 9.21
C PHE K 348 9.07 -17.35 9.51
N ILE K 349 8.70 -16.98 10.74
CA ILE K 349 7.31 -16.93 11.18
C ILE K 349 6.88 -15.47 11.20
N VAL K 350 5.65 -15.21 10.77
CA VAL K 350 5.03 -13.90 10.86
C VAL K 350 3.97 -13.94 11.95
N CYS K 351 3.94 -12.91 12.79
CA CYS K 351 3.08 -12.87 13.96
C CYS K 351 2.29 -11.57 13.96
N THR K 352 0.96 -11.67 14.01
CA THR K 352 0.06 -10.52 14.07
C THR K 352 -0.66 -10.56 15.41
N HIS K 353 -0.35 -9.60 16.28
CA HIS K 353 -0.82 -9.59 17.65
C HIS K 353 -1.98 -8.61 17.80
N THR K 354 -3.07 -9.08 18.41
CA THR K 354 -4.24 -8.27 18.69
C THR K 354 -4.48 -8.21 20.19
N VAL K 355 -4.77 -7.02 20.71
CA VAL K 355 -5.08 -6.85 22.12
C VAL K 355 -6.54 -7.21 22.36
N VAL K 356 -6.81 -7.90 23.48
CA VAL K 356 -8.15 -8.40 23.78
C VAL K 356 -8.53 -8.04 25.21
N SER K 357 -9.83 -8.14 25.50
CA SER K 357 -10.38 -7.77 26.79
C SER K 357 -10.43 -8.97 27.75
N TYR K 358 -10.36 -8.66 29.05
CA TYR K 358 -10.42 -9.70 30.07
C TYR K 358 -11.75 -10.43 30.05
N ALA K 359 -12.82 -9.77 29.58
CA ALA K 359 -14.11 -10.44 29.47
C ALA K 359 -14.05 -11.55 28.42
N GLU K 360 -13.48 -11.25 27.25
CA GLU K 360 -13.31 -12.28 26.23
C GLU K 360 -12.38 -13.39 26.71
N VAL K 361 -11.39 -13.04 27.52
CA VAL K 361 -10.48 -14.04 28.09
C VAL K 361 -11.25 -14.98 29.02
N ARG K 362 -11.98 -14.40 29.96
CA ARG K 362 -12.71 -15.19 30.95
C ARG K 362 -13.88 -15.94 30.34
N ALA K 363 -14.35 -15.52 29.15
CA ALA K 363 -15.42 -16.24 28.49
C ALA K 363 -14.94 -17.56 27.90
N GLU K 364 -13.66 -17.63 27.52
CA GLU K 364 -13.10 -18.86 26.95
C GLU K 364 -11.74 -19.15 27.60
N GLY L 12 -38.13 23.46 -22.41
CA GLY L 12 -39.07 23.88 -21.35
C GLY L 12 -39.04 22.97 -20.14
N ARG L 13 -39.12 21.66 -20.38
CA ARG L 13 -39.09 20.70 -19.28
C ARG L 13 -37.74 20.73 -18.57
N ILE L 14 -36.64 20.93 -19.31
CA ILE L 14 -35.33 21.02 -18.70
C ILE L 14 -35.24 22.28 -17.83
N LYS L 15 -35.70 23.42 -18.36
CA LYS L 15 -35.70 24.66 -17.59
C LYS L 15 -36.59 24.54 -16.35
N ASN L 16 -37.76 23.90 -16.50
CA ASN L 16 -38.65 23.73 -15.37
C ASN L 16 -38.02 22.84 -14.30
N ALA L 17 -37.44 21.71 -14.71
CA ALA L 17 -36.74 20.86 -13.77
C ALA L 17 -35.63 21.62 -13.07
N ARG L 18 -35.05 22.61 -13.74
CA ARG L 18 -34.00 23.40 -13.08
C ARG L 18 -34.57 24.42 -12.10
N GLU L 19 -35.82 24.88 -12.29
CA GLU L 19 -36.37 25.84 -11.34
C GLU L 19 -36.57 25.22 -9.95
N ALA L 20 -37.30 24.11 -9.88
CA ALA L 20 -37.55 23.48 -8.58
C ALA L 20 -36.23 23.13 -7.89
N HIS L 21 -35.28 22.59 -8.64
CA HIS L 21 -33.99 22.22 -8.06
C HIS L 21 -33.22 23.44 -7.57
N SER L 22 -33.15 24.48 -8.40
CA SER L 22 -32.37 25.67 -8.03
C SER L 22 -33.01 26.39 -6.84
N GLN L 23 -34.34 26.37 -6.75
CA GLN L 23 -34.98 27.01 -5.61
C GLN L 23 -35.01 26.10 -4.38
N ILE L 24 -34.84 24.79 -4.55
CA ILE L 24 -34.52 23.95 -3.41
C ILE L 24 -33.11 24.26 -2.91
N GLU L 25 -32.19 24.58 -3.82
CA GLU L 25 -30.88 25.07 -3.40
C GLU L 25 -31.01 26.43 -2.72
N LYS L 26 -31.95 27.26 -3.16
CA LYS L 26 -32.24 28.50 -2.46
C LYS L 26 -32.76 28.22 -1.05
N ARG L 27 -33.72 27.29 -0.92
CA ARG L 27 -34.16 26.84 0.39
C ARG L 27 -32.97 26.39 1.22
N ARG L 28 -32.00 25.74 0.59
CA ARG L 28 -30.83 25.25 1.30
C ARG L 28 -30.01 26.40 1.85
N ARG L 29 -29.67 27.38 1.01
CA ARG L 29 -28.87 28.50 1.51
C ARG L 29 -29.65 29.37 2.49
N ASP L 30 -30.98 29.45 2.34
CA ASP L 30 -31.80 30.15 3.32
C ASP L 30 -31.77 29.43 4.67
N LYS L 31 -31.95 28.11 4.66
CA LYS L 31 -31.83 27.32 5.89
C LYS L 31 -30.47 27.53 6.53
N MET L 32 -29.41 27.44 5.72
CA MET L 32 -28.06 27.55 6.25
C MET L 32 -27.81 28.92 6.84
N ASN L 33 -28.22 29.98 6.13
CA ASN L 33 -28.02 31.33 6.65
C ASN L 33 -28.83 31.56 7.92
N SER L 34 -30.06 31.03 7.96
CA SER L 34 -30.86 31.09 9.18
C SER L 34 -30.14 30.43 10.34
N PHE L 35 -29.57 29.24 10.11
CA PHE L 35 -28.90 28.53 11.19
C PHE L 35 -27.59 29.20 11.57
N ILE L 36 -26.88 29.80 10.60
CA ILE L 36 -25.68 30.56 10.92
C ILE L 36 -26.03 31.72 11.83
N ASP L 37 -27.11 32.44 11.51
CA ASP L 37 -27.56 33.55 12.35
C ASP L 37 -28.00 33.06 13.73
N GLU L 38 -28.68 31.92 13.79
CA GLU L 38 -29.12 31.38 15.08
C GLU L 38 -27.92 31.00 15.95
N LEU L 39 -26.97 30.26 15.36
CA LEU L 39 -25.74 29.93 16.04
C LEU L 39 -25.03 31.19 16.55
N ALA L 40 -24.98 32.22 15.71
CA ALA L 40 -24.41 33.49 16.13
C ALA L 40 -25.15 34.03 17.35
N SER L 41 -26.49 33.95 17.33
CA SER L 41 -27.26 34.41 18.48
C SER L 41 -26.87 33.67 19.74
N LEU L 42 -26.49 32.40 19.62
CA LEU L 42 -26.06 31.64 20.79
C LEU L 42 -24.62 31.92 21.21
N VAL L 43 -23.88 32.73 20.47
CA VAL L 43 -22.52 33.11 20.83
C VAL L 43 -22.58 34.52 21.41
N PRO L 44 -22.18 34.73 22.68
CA PRO L 44 -22.27 36.08 23.25
C PRO L 44 -21.54 37.15 22.44
N THR L 45 -20.35 36.85 21.92
CA THR L 45 -19.60 37.86 21.18
C THR L 45 -20.31 38.20 19.87
N CYS L 46 -20.85 37.20 19.18
CA CYS L 46 -21.56 37.46 17.93
C CYS L 46 -22.87 38.19 18.18
N ASN L 47 -23.56 37.86 19.27
CA ASN L 47 -24.80 38.57 19.60
C ASN L 47 -24.52 40.01 20.01
N ALA L 48 -23.38 40.25 20.67
CA ALA L 48 -23.02 41.60 21.07
C ALA L 48 -22.50 42.41 19.88
N MET L 49 -21.97 41.75 18.86
CA MET L 49 -21.49 42.43 17.68
C MET L 49 -22.67 42.93 16.85
N SER L 50 -22.63 44.21 16.48
CA SER L 50 -23.76 44.84 15.78
C SER L 50 -23.85 44.37 14.33
N ARG L 51 -22.71 44.30 13.64
CA ARG L 51 -22.70 44.10 12.19
C ARG L 51 -22.96 42.66 11.82
N LYS L 52 -23.49 42.45 10.61
CA LYS L 52 -23.72 41.12 10.07
C LYS L 52 -22.39 40.40 9.90
N LEU L 53 -21.99 39.62 10.89
CA LEU L 53 -20.73 38.88 10.81
C LEU L 53 -20.82 37.85 9.69
N ASP L 54 -19.78 37.82 8.86
CA ASP L 54 -19.74 36.88 7.75
C ASP L 54 -19.76 35.45 8.27
N LYS L 55 -20.33 34.55 7.46
CA LYS L 55 -20.49 33.16 7.86
C LYS L 55 -19.17 32.56 8.36
N LEU L 56 -18.06 32.92 7.73
CA LEU L 56 -16.75 32.38 8.15
C LEU L 56 -16.38 32.86 9.56
N THR L 57 -16.38 34.17 9.78
CA THR L 57 -16.05 34.71 11.10
C THR L 57 -17.03 34.20 12.15
N VAL L 58 -18.31 34.10 11.78
CA VAL L 58 -19.31 33.56 12.70
C VAL L 58 -18.94 32.16 13.13
N LEU L 59 -18.52 31.33 12.18
CA LEU L 59 -18.16 29.94 12.51
C LEU L 59 -16.93 29.90 13.41
N ARG L 60 -15.92 30.73 13.11
CA ARG L 60 -14.76 30.81 13.99
C ARG L 60 -15.18 31.15 15.41
N MET L 61 -16.00 32.19 15.56
CA MET L 61 -16.42 32.63 16.88
C MET L 61 -17.28 31.56 17.57
N ALA L 62 -18.01 30.77 16.79
CA ALA L 62 -18.82 29.70 17.36
C ALA L 62 -17.94 28.59 17.93
N VAL L 63 -16.94 28.15 17.16
CA VAL L 63 -16.06 27.10 17.67
C VAL L 63 -15.24 27.61 18.85
N GLN L 64 -14.91 28.90 18.85
CA GLN L 64 -14.23 29.48 20.00
C GLN L 64 -15.14 29.50 21.22
N HIS L 65 -16.44 29.79 21.02
CA HIS L 65 -17.37 29.86 22.12
C HIS L 65 -17.64 28.48 22.73
N MET L 66 -17.71 27.45 21.90
CA MET L 66 -17.87 26.09 22.40
C MET L 66 -16.63 25.67 23.20
N SER L 87 -20.54 15.55 40.77
CA SER L 87 -19.93 16.66 40.07
C SER L 87 -18.41 16.48 40.05
N ASP L 88 -17.74 17.34 39.25
CA ASP L 88 -16.29 17.24 39.13
C ASP L 88 -15.60 17.56 40.45
N ASP L 89 -16.11 18.55 41.18
CA ASP L 89 -15.51 18.90 42.46
C ASP L 89 -15.75 17.81 43.50
N GLU L 90 -16.93 17.19 43.47
CA GLU L 90 -17.18 16.05 44.34
C GLU L 90 -16.15 14.95 44.10
N LEU L 91 -15.88 14.63 42.83
CA LEU L 91 -14.88 13.62 42.51
C LEU L 91 -13.49 14.08 42.94
N LYS L 92 -13.17 15.36 42.74
CA LYS L 92 -11.87 15.87 43.11
C LYS L 92 -11.61 15.68 44.60
N HIS L 93 -12.61 16.00 45.42
CA HIS L 93 -12.46 15.76 46.86
C HIS L 93 -12.45 14.28 47.18
N LEU L 94 -13.27 13.48 46.49
CA LEU L 94 -13.34 12.05 46.77
C LEU L 94 -11.99 11.37 46.54
N ILE L 95 -11.24 11.84 45.54
CA ILE L 95 -9.93 11.24 45.28
C ILE L 95 -8.83 11.91 46.09
N LEU L 96 -8.90 13.24 46.29
CA LEU L 96 -7.84 13.93 47.03
C LEU L 96 -7.80 13.50 48.49
N ARG L 97 -8.97 13.28 49.09
CA ARG L 97 -8.98 12.82 50.48
C ARG L 97 -8.34 11.44 50.62
N ALA L 98 -8.38 10.63 49.56
CA ALA L 98 -7.76 9.31 49.56
C ALA L 98 -6.31 9.34 49.09
N ALA L 99 -5.79 10.50 48.71
CA ALA L 99 -4.48 10.60 48.10
C ALA L 99 -3.38 10.24 49.10
N ASP L 100 -2.27 9.74 48.56
CA ASP L 100 -1.12 9.33 49.36
C ASP L 100 0.14 9.55 48.53
N GLY L 101 1.27 9.70 49.21
CA GLY L 101 2.48 10.08 48.51
C GLY L 101 2.41 11.52 48.03
N PHE L 102 2.98 11.77 46.84
CA PHE L 102 2.96 13.11 46.27
C PHE L 102 2.96 13.02 44.76
N LEU L 103 2.20 13.91 44.12
CA LEU L 103 2.26 14.09 42.67
C LEU L 103 3.43 15.01 42.33
N PHE L 104 4.08 14.75 41.20
CA PHE L 104 5.11 15.63 40.68
C PHE L 104 5.11 15.59 39.16
N VAL L 105 5.58 16.67 38.57
CA VAL L 105 5.78 16.78 37.13
C VAL L 105 7.24 17.15 36.89
N VAL L 106 7.93 16.39 36.05
CA VAL L 106 9.33 16.62 35.74
C VAL L 106 9.49 16.63 34.23
N GLY L 107 10.17 17.64 33.71
CA GLY L 107 10.37 17.74 32.28
C GLY L 107 11.34 16.67 31.80
N CYS L 108 10.93 15.93 30.76
CA CYS L 108 11.82 14.92 30.18
C CYS L 108 13.07 15.58 29.63
N ASP L 109 12.90 16.60 28.79
CA ASP L 109 14.03 17.36 28.30
C ASP L 109 14.70 18.15 29.42
N ARG L 110 13.97 18.48 30.49
CA ARG L 110 14.53 19.30 31.56
C ARG L 110 15.21 18.50 32.65
N GLY L 111 14.56 17.44 33.15
CA GLY L 111 14.88 16.94 34.47
C GLY L 111 14.46 17.86 35.59
N LYS L 112 13.91 19.03 35.26
CA LYS L 112 13.46 19.98 36.26
C LYS L 112 12.05 19.63 36.71
N ILE L 113 11.81 19.73 38.02
CA ILE L 113 10.50 19.50 38.59
C ILE L 113 9.63 20.71 38.27
N LEU L 114 8.68 20.54 37.36
CA LEU L 114 7.81 21.64 36.96
C LEU L 114 6.69 21.86 37.97
N PHE L 115 6.31 20.82 38.72
CA PHE L 115 5.29 20.95 39.74
C PHE L 115 5.43 19.81 40.74
N VAL L 116 4.95 20.05 41.96
CA VAL L 116 4.89 19.01 42.99
C VAL L 116 3.79 19.40 43.98
N SER L 117 3.10 18.39 44.51
CA SER L 117 2.05 18.62 45.49
C SER L 117 2.65 18.88 46.87
N GLU L 118 1.86 19.53 47.72
CA GLU L 118 2.33 19.90 49.05
C GLU L 118 2.67 18.67 49.90
N SER L 119 2.03 17.53 49.62
CA SER L 119 2.25 16.33 50.42
C SER L 119 3.69 15.83 50.34
N VAL L 120 4.50 16.32 49.41
CA VAL L 120 5.90 15.89 49.34
C VAL L 120 6.63 16.24 50.63
N PHE L 121 6.18 17.28 51.33
CA PHE L 121 6.84 17.68 52.57
C PHE L 121 6.65 16.62 53.66
N LYS L 122 5.57 15.85 53.60
CA LYS L 122 5.43 14.70 54.50
C LYS L 122 6.43 13.61 54.16
N ILE L 123 6.78 13.46 52.89
CA ILE L 123 7.54 12.32 52.41
C ILE L 123 9.04 12.62 52.42
N LEU L 124 9.47 13.54 51.54
CA LEU L 124 10.88 13.88 51.42
C LEU L 124 11.32 14.96 52.40
N ASN L 125 10.39 15.60 53.10
CA ASN L 125 10.65 16.72 54.02
C ASN L 125 11.12 17.98 53.29
N TYR L 126 11.32 17.93 51.98
CA TYR L 126 11.50 19.13 51.19
C TYR L 126 10.15 19.68 50.76
N SER L 127 10.06 21.00 50.64
CA SER L 127 8.81 21.66 50.34
C SER L 127 8.65 21.87 48.83
N GLN L 128 7.47 22.34 48.44
CA GLN L 128 7.23 22.66 47.04
C GLN L 128 8.28 23.61 46.51
N ASN L 129 8.60 24.65 47.29
CA ASN L 129 9.57 25.64 46.84
C ASN L 129 10.98 25.06 46.75
N ASP L 130 11.29 24.04 47.57
CA ASP L 130 12.61 23.41 47.49
C ASP L 130 12.73 22.51 46.27
N LEU L 131 11.61 22.12 45.66
CA LEU L 131 11.60 21.14 44.57
C LEU L 131 11.25 21.75 43.23
N ILE L 132 10.21 22.60 43.17
CA ILE L 132 9.86 23.25 41.92
C ILE L 132 10.99 24.19 41.51
N GLY L 133 11.30 24.20 40.22
CA GLY L 133 12.41 24.98 39.71
C GLY L 133 13.77 24.36 39.91
N GLN L 134 13.85 23.17 40.50
CA GLN L 134 15.09 22.43 40.66
C GLN L 134 14.95 21.07 39.97
N SER L 135 16.08 20.43 39.71
CA SER L 135 16.09 19.20 38.93
C SER L 135 16.03 17.98 39.83
N LEU L 136 15.14 17.05 39.46
CA LEU L 136 14.91 15.83 40.24
C LEU L 136 16.17 15.02 40.44
N PHE L 137 17.16 15.19 39.56
CA PHE L 137 18.27 14.22 39.50
C PHE L 137 19.22 14.36 40.68
N ASP L 138 19.36 15.56 41.27
CA ASP L 138 20.15 15.64 42.50
C ASP L 138 19.39 15.07 43.68
N TYR L 139 18.06 15.19 43.68
CA TYR L 139 17.28 14.50 44.70
C TYR L 139 17.34 12.99 44.51
N LEU L 140 17.60 12.52 43.30
CA LEU L 140 17.80 11.10 43.05
C LEU L 140 19.18 10.67 43.54
N HIS L 141 19.30 9.36 43.80
CA HIS L 141 20.60 8.80 44.13
C HIS L 141 21.43 8.67 42.84
N PRO L 142 22.74 8.93 42.90
CA PRO L 142 23.55 8.94 41.66
C PRO L 142 23.35 7.73 40.76
N LYS L 143 23.16 6.53 41.32
CA LYS L 143 22.98 5.34 40.49
C LYS L 143 21.58 5.23 39.90
N ASP L 144 20.62 5.98 40.43
CA ASP L 144 19.26 6.00 39.88
C ASP L 144 19.06 7.07 38.83
N ILE L 145 19.95 8.06 38.75
CA ILE L 145 19.80 9.14 37.76
C ILE L 145 19.74 8.56 36.36
N ALA L 146 20.65 7.64 36.03
CA ALA L 146 20.64 7.01 34.72
C ALA L 146 19.33 6.28 34.46
N LYS L 147 18.81 5.58 35.47
CA LYS L 147 17.56 4.85 35.30
C LYS L 147 16.41 5.81 35.02
N VAL L 148 16.30 6.88 35.80
CA VAL L 148 15.23 7.84 35.57
C VAL L 148 15.37 8.49 34.21
N LYS L 149 16.60 8.69 33.74
CA LYS L 149 16.79 9.23 32.40
C LYS L 149 16.29 8.25 31.33
N GLU L 150 16.57 6.96 31.51
CA GLU L 150 16.04 5.98 30.57
C GLU L 150 14.53 5.95 30.61
N GLN L 151 13.93 6.11 31.78
CA GLN L 151 12.48 6.13 31.90
C GLN L 151 11.88 7.36 31.23
N LEU L 152 12.56 8.51 31.32
CA LEU L 152 12.08 9.74 30.70
C LEU L 152 12.20 9.74 29.18
N SER L 153 12.73 8.68 28.57
CA SER L 153 12.85 8.62 27.12
C SER L 153 11.51 8.22 26.50
N SER L 154 11.19 8.86 25.37
CA SER L 154 9.89 8.70 24.74
C SER L 154 9.80 7.42 23.92
N SER L 155 8.60 6.86 23.84
CA SER L 155 8.30 5.74 22.97
C SER L 155 6.79 5.57 22.80
N ARG L 182 -7.28 8.79 29.90
CA ARG L 182 -6.81 8.56 28.50
C ARG L 182 -5.33 8.23 28.42
N LEU L 183 -4.65 8.20 29.56
CA LEU L 183 -3.21 7.94 29.58
C LEU L 183 -2.94 6.50 29.16
N CYS L 184 -2.17 6.33 28.08
CA CYS L 184 -2.01 5.04 27.43
C CYS L 184 -0.86 4.24 28.04
N SER L 185 -0.97 2.91 27.93
CA SER L 185 0.03 2.02 28.52
C SER L 185 1.40 2.18 27.87
N GLY L 186 1.47 2.65 26.63
CA GLY L 186 2.76 2.83 26.00
C GLY L 186 3.54 4.00 26.58
N ALA L 187 2.85 5.10 26.86
CA ALA L 187 3.45 6.25 27.51
C ALA L 187 3.66 6.04 29.01
N ARG L 188 3.20 4.93 29.55
CA ARG L 188 3.28 4.68 30.99
C ARG L 188 4.73 4.38 31.40
N ARG L 189 5.09 4.85 32.59
CA ARG L 189 6.40 4.61 33.16
C ARG L 189 6.25 4.32 34.65
N SER L 190 7.11 3.43 35.17
CA SER L 190 7.04 3.05 36.58
C SER L 190 8.40 2.54 37.02
N PHE L 191 8.93 3.09 38.11
CA PHE L 191 10.26 2.72 38.59
C PHE L 191 10.39 3.03 40.07
N PHE L 192 11.19 2.21 40.75
CA PHE L 192 11.65 2.51 42.10
C PHE L 192 12.96 3.29 42.02
N CYS L 193 13.14 4.22 42.96
CA CYS L 193 14.36 5.01 43.03
C CYS L 193 14.54 5.52 44.45
N ARG L 194 15.73 6.01 44.74
CA ARG L 194 16.05 6.61 46.03
C ARG L 194 16.06 8.13 45.88
N MET L 195 15.33 8.81 46.77
CA MET L 195 15.21 10.26 46.73
C MET L 195 15.71 10.85 48.05
N LYS L 196 16.42 11.98 47.96
CA LYS L 196 17.01 12.60 49.14
C LYS L 196 15.94 13.16 50.06
N CYS L 197 16.30 13.27 51.34
CA CYS L 197 15.44 13.83 52.37
C CYS L 197 16.16 14.97 53.08
N ASN L 198 15.37 15.91 53.61
CA ASN L 198 15.94 17.10 54.22
C ASN L 198 16.69 16.79 55.50
N ARG L 199 16.31 15.72 56.21
CA ARG L 199 17.01 15.30 57.42
C ARG L 199 17.66 13.95 57.19
N PRO L 200 19.00 13.83 57.28
CA PRO L 200 19.64 12.51 57.15
C PRO L 200 19.45 11.66 58.40
N ARG L 219 23.07 7.12 56.76
CA ARG L 219 22.70 6.50 55.45
C ARG L 219 21.31 6.94 55.00
N LYS L 220 20.47 7.33 55.97
CA LYS L 220 19.08 7.64 55.68
C LYS L 220 18.91 9.01 55.02
N SER L 221 19.97 9.53 54.41
CA SER L 221 19.83 10.75 53.61
C SER L 221 18.96 10.54 52.38
N PHE L 222 18.72 9.28 52.00
CA PHE L 222 17.81 8.94 50.91
C PHE L 222 16.70 8.02 51.43
N CYS L 223 15.56 8.04 50.75
CA CYS L 223 14.47 7.11 50.99
C CYS L 223 14.03 6.52 49.66
N THR L 224 13.51 5.28 49.71
CA THR L 224 13.12 4.56 48.51
C THR L 224 11.68 4.93 48.14
N ILE L 225 11.51 5.53 46.97
CA ILE L 225 10.22 6.00 46.48
C ILE L 225 9.81 5.17 45.27
N HIS L 226 8.56 4.73 45.24
CA HIS L 226 7.98 4.16 44.03
C HIS L 226 7.34 5.28 43.22
N SER L 227 7.82 5.46 41.98
CA SER L 227 7.31 6.49 41.10
C SER L 227 6.56 5.85 39.94
N THR L 228 5.32 6.27 39.73
CA THR L 228 4.47 5.78 38.65
C THR L 228 3.83 6.95 37.94
N GLY L 229 3.85 6.93 36.61
CA GLY L 229 3.31 8.04 35.85
C GLY L 229 3.25 7.75 34.37
N TYR L 230 3.05 8.82 33.60
CA TYR L 230 2.94 8.74 32.16
C TYR L 230 3.64 9.95 31.55
N LEU L 231 4.13 9.79 30.31
CA LEU L 231 4.76 10.89 29.60
C LEU L 231 3.71 11.73 28.89
N LYS L 232 3.91 13.05 28.92
CA LYS L 232 2.94 14.00 28.39
C LYS L 232 3.68 15.16 27.73
N SER L 233 3.06 15.74 26.70
CA SER L 233 3.64 16.88 25.99
C SER L 233 3.61 18.13 26.87
N ASN L 253 4.50 21.65 24.90
CA ASN L 253 5.67 21.83 24.00
C ASN L 253 6.90 21.10 24.57
N LEU L 254 7.03 21.14 25.89
CA LEU L 254 8.10 20.46 26.60
C LEU L 254 7.57 19.13 27.15
N SER L 255 8.14 18.02 26.67
CA SER L 255 7.72 16.72 27.16
C SER L 255 8.06 16.57 28.64
N CYS L 256 7.19 15.86 29.38
CA CYS L 256 7.36 15.74 30.81
C CYS L 256 6.72 14.43 31.29
N LEU L 257 7.22 13.95 32.44
CA LEU L 257 6.62 12.81 33.14
C LEU L 257 5.73 13.35 34.26
N VAL L 258 4.44 13.00 34.20
CA VAL L 258 3.49 13.29 35.26
C VAL L 258 3.33 12.01 36.08
N ALA L 259 3.64 12.08 37.37
CA ALA L 259 3.76 10.85 38.16
C ALA L 259 3.43 11.11 39.62
N ILE L 260 3.15 10.03 40.34
CA ILE L 260 3.01 10.03 41.80
C ILE L 260 4.20 9.28 42.38
N GLY L 261 4.85 9.87 43.40
CA GLY L 261 5.86 9.19 44.17
C GLY L 261 5.31 8.79 45.53
N ARG L 262 5.39 7.49 45.84
CA ARG L 262 4.84 6.96 47.07
C ARG L 262 5.94 6.28 47.89
N LEU L 263 5.98 6.59 49.19
CA LEU L 263 6.91 5.97 50.12
C LEU L 263 6.19 4.83 50.83
N HIS L 264 6.27 3.64 50.26
CA HIS L 264 5.62 2.47 50.82
C HIS L 264 6.42 1.92 51.99
N SER L 265 5.71 1.43 53.00
CA SER L 265 6.35 0.73 54.11
C SER L 265 6.88 -0.63 53.62
N HIS L 266 8.15 -0.88 53.88
CA HIS L 266 8.73 -2.18 53.53
C HIS L 266 8.27 -3.28 54.48
N MET L 267 7.78 -2.92 55.67
CA MET L 267 7.15 -3.89 56.56
C MET L 267 5.72 -4.13 56.10
N VAL L 268 5.18 -5.29 56.50
CA VAL L 268 3.84 -5.70 56.08
C VAL L 268 2.85 -5.52 57.23
N PRO L 269 2.17 -4.38 57.33
CA PRO L 269 1.17 -4.21 58.39
C PRO L 269 -0.12 -4.97 58.09
N GLN L 270 -0.90 -5.19 59.15
CA GLN L 270 -2.13 -5.98 59.12
C GLN L 270 -1.93 -7.31 58.41
N PRO L 271 -1.36 -8.29 59.10
CA PRO L 271 -1.30 -9.65 58.52
C PRO L 271 -2.68 -10.21 58.26
N ALA L 272 -2.73 -11.23 57.39
CA ALA L 272 -4.00 -11.83 57.03
C ALA L 272 -4.58 -12.63 58.20
N ASN L 273 -5.90 -12.58 58.34
CA ASN L 273 -6.58 -13.35 59.37
C ASN L 273 -6.67 -14.81 58.96
N GLY L 274 -6.45 -15.71 59.92
CA GLY L 274 -6.48 -17.13 59.62
C GLY L 274 -7.80 -17.60 59.05
N GLU L 275 -8.88 -16.89 59.36
CA GLU L 275 -10.20 -17.28 58.86
C GLU L 275 -10.35 -17.03 57.37
N ILE L 276 -9.58 -16.09 56.81
CA ILE L 276 -9.79 -15.59 55.46
C ILE L 276 -8.57 -15.94 54.61
N ARG L 277 -8.81 -16.54 53.45
CA ARG L 277 -7.76 -16.78 52.47
C ARG L 277 -7.44 -15.47 51.75
N VAL L 278 -6.28 -14.89 52.05
CA VAL L 278 -5.85 -13.62 51.48
C VAL L 278 -4.59 -13.86 50.67
N LYS L 279 -4.46 -13.14 49.56
CA LYS L 279 -3.29 -13.28 48.69
C LYS L 279 -2.08 -12.64 49.34
N SER L 280 -1.04 -13.45 49.59
CA SER L 280 0.21 -12.92 50.12
C SER L 280 0.97 -12.16 49.04
N MET L 281 1.91 -11.32 49.48
CA MET L 281 2.75 -10.57 48.56
C MET L 281 3.69 -11.52 47.82
N GLU L 282 4.00 -11.18 46.57
CA GLU L 282 4.77 -12.04 45.69
C GLU L 282 5.68 -11.21 44.80
N TYR L 283 6.74 -11.83 44.30
CA TYR L 283 7.58 -11.23 43.28
C TYR L 283 8.16 -12.31 42.37
N VAL L 284 8.17 -12.00 41.06
CA VAL L 284 8.63 -12.94 40.03
C VAL L 284 10.06 -12.58 39.64
N SER L 285 10.86 -13.61 39.37
CA SER L 285 12.25 -13.45 38.96
C SER L 285 12.62 -14.60 38.04
N ARG L 286 13.61 -14.36 37.18
CA ARG L 286 14.12 -15.38 36.28
C ARG L 286 15.64 -15.41 36.39
N HIS L 287 16.21 -16.61 36.31
CA HIS L 287 17.61 -16.83 36.63
C HIS L 287 18.31 -17.65 35.57
N ALA L 288 19.58 -17.34 35.35
CA ALA L 288 20.44 -18.17 34.52
C ALA L 288 20.68 -19.53 35.20
N ILE L 289 21.41 -20.39 34.50
CA ILE L 289 21.64 -21.76 34.99
C ILE L 289 22.30 -21.72 36.37
N ASP L 290 23.24 -20.81 36.57
CA ASP L 290 23.96 -20.73 37.84
C ASP L 290 23.20 -19.99 38.93
N GLY L 291 21.99 -19.50 38.64
CA GLY L 291 21.19 -18.80 39.62
C GLY L 291 21.29 -17.29 39.58
N LYS L 292 22.05 -16.71 38.64
CA LYS L 292 22.17 -15.27 38.57
C LYS L 292 20.91 -14.65 37.98
N PHE L 293 20.42 -13.58 38.63
CA PHE L 293 19.25 -12.86 38.15
C PHE L 293 19.46 -12.40 36.71
N VAL L 294 18.52 -12.73 35.83
CA VAL L 294 18.46 -12.13 34.51
C VAL L 294 17.19 -11.32 34.28
N PHE L 295 16.19 -11.42 35.17
CA PHE L 295 14.99 -10.60 35.13
C PHE L 295 14.39 -10.57 36.54
N VAL L 296 13.85 -9.43 36.92
CA VAL L 296 13.20 -9.26 38.22
C VAL L 296 12.20 -8.12 38.12
N ASP L 297 11.20 -8.13 39.00
CA ASP L 297 10.11 -7.16 38.97
C ASP L 297 10.22 -6.18 40.14
N GLN L 298 9.30 -5.20 40.15
CA GLN L 298 9.32 -4.16 41.17
C GLN L 298 8.80 -4.66 42.51
N ARG L 299 7.90 -5.65 42.51
CA ARG L 299 7.48 -6.24 43.77
C ARG L 299 8.67 -6.80 44.52
N ALA L 300 9.70 -7.26 43.79
CA ALA L 300 10.93 -7.67 44.43
C ALA L 300 11.60 -6.50 45.14
N THR L 301 11.47 -5.29 44.59
CA THR L 301 12.04 -4.12 45.26
C THR L 301 11.23 -3.73 46.48
N ALA L 302 9.90 -3.89 46.42
CA ALA L 302 9.07 -3.60 47.58
C ALA L 302 9.31 -4.60 48.69
N ILE L 303 9.56 -5.86 48.34
CA ILE L 303 9.68 -6.94 49.32
C ILE L 303 11.11 -7.08 49.85
N LEU L 304 12.11 -6.82 49.01
CA LEU L 304 13.51 -7.01 49.35
C LEU L 304 14.25 -5.69 49.57
N ALA L 305 13.63 -4.55 49.28
CA ALA L 305 14.25 -3.23 49.38
C ALA L 305 15.30 -3.00 48.29
N TYR L 306 15.84 -4.08 47.69
CA TYR L 306 16.79 -3.92 46.61
C TYR L 306 16.09 -3.40 45.35
N LEU L 307 16.63 -2.34 44.77
CA LEU L 307 16.12 -1.86 43.49
C LEU L 307 16.56 -2.80 42.37
N PRO L 308 15.87 -2.77 41.23
CA PRO L 308 16.10 -3.83 40.21
C PRO L 308 17.56 -4.03 39.82
N GLN L 309 18.30 -2.94 39.57
CA GLN L 309 19.70 -3.07 39.19
C GLN L 309 20.54 -3.70 40.31
N GLU L 310 20.06 -3.65 41.55
CA GLU L 310 20.80 -4.24 42.67
C GLU L 310 20.67 -5.75 42.71
N LEU L 311 19.69 -6.32 42.02
CA LEU L 311 19.50 -7.77 41.95
C LEU L 311 20.01 -8.35 40.63
N LEU L 312 19.72 -7.69 39.52
CA LEU L 312 20.18 -8.17 38.22
C LEU L 312 21.70 -8.27 38.20
N GLY L 313 22.21 -9.35 37.62
CA GLY L 313 23.65 -9.57 37.58
C GLY L 313 24.25 -10.08 38.87
N THR L 314 23.43 -10.61 39.77
CA THR L 314 23.90 -11.22 41.01
C THR L 314 23.23 -12.57 41.20
N SER L 315 23.84 -13.41 42.02
CA SER L 315 23.36 -14.76 42.25
C SER L 315 22.38 -14.80 43.42
N CYS L 316 21.34 -15.63 43.28
CA CYS L 316 20.40 -15.83 44.38
C CYS L 316 21.11 -16.37 45.61
N TYR L 317 22.19 -17.13 45.43
CA TYR L 317 22.95 -17.66 46.55
C TYR L 317 23.62 -16.57 47.38
N GLU L 318 23.70 -15.35 46.88
CA GLU L 318 24.21 -14.24 47.67
C GLU L 318 23.19 -13.73 48.68
N TYR L 319 21.94 -14.19 48.60
CA TYR L 319 20.88 -13.74 49.49
C TYR L 319 20.18 -14.86 50.23
N PHE L 320 20.19 -16.09 49.71
CA PHE L 320 19.70 -17.23 50.47
C PHE L 320 20.42 -17.33 51.80
N HIS L 321 19.69 -17.72 52.84
CA HIS L 321 20.29 -17.97 54.14
C HIS L 321 20.93 -19.36 54.15
N GLN L 322 22.12 -19.45 54.75
CA GLN L 322 22.89 -20.70 54.70
C GLN L 322 22.13 -21.88 55.29
N ASP L 323 21.23 -21.62 56.26
CA ASP L 323 20.46 -22.71 56.85
C ASP L 323 19.54 -23.37 55.83
N ASP L 324 19.14 -22.64 54.80
CA ASP L 324 18.23 -23.17 53.78
C ASP L 324 18.91 -23.41 52.45
N ILE L 325 20.19 -23.06 52.30
CA ILE L 325 20.85 -23.18 51.00
C ILE L 325 20.94 -24.64 50.57
N GLY L 326 21.06 -25.56 51.51
CA GLY L 326 21.05 -26.98 51.13
C GLY L 326 19.73 -27.40 50.50
N HIS L 327 18.62 -27.05 51.17
CA HIS L 327 17.30 -27.37 50.64
C HIS L 327 17.07 -26.67 49.31
N LEU L 328 17.40 -25.38 49.23
CA LEU L 328 17.18 -24.63 48.00
C LEU L 328 18.05 -25.17 46.86
N ALA L 329 19.26 -25.59 47.17
CA ALA L 329 20.14 -26.17 46.16
C ALA L 329 19.62 -27.53 45.69
N GLU L 330 19.03 -28.30 46.59
CA GLU L 330 18.38 -29.54 46.18
C GLU L 330 17.24 -29.24 45.22
N CYS L 331 16.40 -28.27 45.57
CA CYS L 331 15.31 -27.87 44.67
C CYS L 331 15.86 -27.40 43.32
N HIS L 332 16.98 -26.69 43.33
CA HIS L 332 17.60 -26.20 42.10
C HIS L 332 18.09 -27.37 41.25
N ARG L 333 18.80 -28.30 41.85
CA ARG L 333 19.29 -29.47 41.13
C ARG L 333 18.14 -30.27 40.54
N GLN L 334 17.01 -30.33 41.24
CA GLN L 334 15.87 -31.09 40.74
C GLN L 334 15.17 -30.36 39.59
N VAL L 335 14.90 -29.06 39.78
CA VAL L 335 14.10 -28.32 38.81
C VAL L 335 14.80 -28.19 37.46
N LEU L 336 16.12 -28.38 37.43
CA LEU L 336 16.85 -28.35 36.16
C LEU L 336 16.53 -29.57 35.30
N GLN L 337 16.04 -30.66 35.89
CA GLN L 337 15.83 -31.91 35.18
C GLN L 337 14.40 -32.10 34.68
N THR L 338 13.46 -31.27 35.13
CA THR L 338 12.04 -31.51 34.87
C THR L 338 11.35 -30.21 34.49
N ARG L 339 10.26 -30.35 33.72
CA ARG L 339 9.38 -29.21 33.43
C ARG L 339 8.43 -28.92 34.58
N GLU L 340 8.28 -29.83 35.53
CA GLU L 340 7.29 -29.68 36.59
C GLU L 340 7.62 -28.50 37.49
N LYS L 341 6.58 -27.82 37.95
CA LYS L 341 6.73 -26.73 38.91
C LYS L 341 7.02 -27.31 40.29
N ILE L 342 8.17 -26.95 40.86
CA ILE L 342 8.57 -27.38 42.20
C ILE L 342 8.39 -26.20 43.14
N THR L 343 7.74 -26.43 44.28
CA THR L 343 7.55 -25.42 45.30
C THR L 343 8.44 -25.73 46.50
N THR L 344 9.23 -24.74 46.91
CA THR L 344 10.15 -24.93 48.02
C THR L 344 9.40 -24.86 49.36
N ASN L 345 10.12 -25.20 50.43
CA ASN L 345 9.66 -24.94 51.77
C ASN L 345 9.89 -23.46 52.10
N CYS L 346 9.44 -23.03 53.28
CA CYS L 346 9.70 -21.67 53.71
C CYS L 346 11.19 -21.49 54.02
N TYR L 347 11.76 -20.38 53.54
CA TYR L 347 13.20 -20.15 53.66
C TYR L 347 13.46 -18.67 53.86
N LYS L 348 14.67 -18.36 54.34
CA LYS L 348 15.09 -17.00 54.63
C LYS L 348 15.88 -16.40 53.49
N PHE L 349 15.64 -15.12 53.20
CA PHE L 349 16.28 -14.40 52.10
C PHE L 349 16.72 -13.04 52.62
N LYS L 350 17.97 -12.66 52.31
CA LYS L 350 18.55 -11.43 52.83
C LYS L 350 18.11 -10.22 52.01
N ILE L 351 17.98 -9.08 52.67
CA ILE L 351 17.47 -7.86 52.06
C ILE L 351 18.47 -6.72 52.24
N LYS L 352 18.18 -5.58 51.58
CA LYS L 352 19.15 -4.50 51.46
C LYS L 352 19.64 -4.01 52.82
N ASP L 353 18.74 -3.86 53.78
CA ASP L 353 19.14 -3.32 55.08
C ASP L 353 20.00 -4.29 55.89
N GLY L 354 20.21 -5.51 55.40
CA GLY L 354 21.05 -6.49 56.06
C GLY L 354 20.30 -7.55 56.82
N SER L 355 18.99 -7.44 56.95
CA SER L 355 18.19 -8.42 57.67
C SER L 355 17.72 -9.53 56.73
N PHE L 356 16.96 -10.47 57.28
CA PHE L 356 16.40 -11.58 56.52
C PHE L 356 14.88 -11.58 56.62
N ILE L 357 14.23 -12.01 55.55
CA ILE L 357 12.79 -12.20 55.50
C ILE L 357 12.52 -13.64 55.08
N THR L 358 11.34 -14.14 55.45
CA THR L 358 10.95 -15.52 55.12
C THR L 358 10.15 -15.54 53.82
N LEU L 359 10.54 -16.42 52.90
CA LEU L 359 9.90 -16.55 51.60
C LEU L 359 9.61 -18.02 51.31
N ARG L 360 8.72 -18.24 50.34
CA ARG L 360 8.45 -19.55 49.77
C ARG L 360 8.26 -19.36 48.26
N SER L 361 8.87 -20.24 47.46
CA SER L 361 8.99 -20.00 46.03
C SER L 361 8.53 -21.21 45.22
N ARG L 362 7.99 -20.92 44.04
CA ARG L 362 7.63 -21.91 43.03
C ARG L 362 8.55 -21.74 41.82
N TRP L 363 9.20 -22.83 41.40
CA TRP L 363 10.25 -22.79 40.39
C TRP L 363 9.95 -23.76 39.26
N PHE L 364 10.36 -23.39 38.05
CA PHE L 364 10.35 -24.33 36.92
C PHE L 364 11.35 -23.88 35.85
N SER L 365 11.87 -24.86 35.11
CA SER L 365 12.78 -24.62 34.00
C SER L 365 11.96 -24.64 32.72
N PHE L 366 11.79 -23.48 32.10
CA PHE L 366 10.98 -23.39 30.89
C PHE L 366 11.79 -23.74 29.65
N MET L 367 11.17 -24.46 28.73
CA MET L 367 11.82 -24.92 27.50
C MET L 367 11.15 -24.29 26.30
N ASN L 368 11.96 -23.73 25.41
CA ASN L 368 11.45 -23.19 24.14
C ASN L 368 11.17 -24.35 23.18
N PRO L 369 9.95 -24.48 22.66
CA PRO L 369 9.67 -25.62 21.76
C PRO L 369 10.38 -25.52 20.42
N TRP L 370 10.61 -24.31 19.90
CA TRP L 370 11.26 -24.17 18.61
C TRP L 370 12.68 -24.74 18.64
N THR L 371 13.39 -24.56 19.76
CA THR L 371 14.76 -25.03 19.90
C THR L 371 14.88 -26.27 20.79
N LYS L 372 13.83 -26.61 21.54
CA LYS L 372 13.88 -27.72 22.50
C LYS L 372 14.95 -27.51 23.55
N GLU L 373 15.12 -26.27 24.00
CA GLU L 373 16.16 -25.91 24.95
C GLU L 373 15.57 -25.10 26.10
N VAL L 374 16.15 -25.27 27.29
CA VAL L 374 15.73 -24.51 28.46
C VAL L 374 16.18 -23.06 28.27
N GLU L 375 15.22 -22.13 28.35
CA GLU L 375 15.57 -20.72 28.24
C GLU L 375 16.18 -20.20 29.54
N TYR L 376 15.56 -20.52 30.68
CA TYR L 376 16.05 -20.06 31.98
C TYR L 376 15.12 -20.59 33.07
N ILE L 377 15.59 -20.51 34.30
CA ILE L 377 14.78 -20.86 35.46
C ILE L 377 13.80 -19.72 35.73
N VAL L 378 12.53 -20.07 35.92
CA VAL L 378 11.48 -19.11 36.24
C VAL L 378 11.05 -19.33 37.69
N SER L 379 10.90 -18.25 38.44
CA SER L 379 10.56 -18.31 39.86
C SER L 379 9.47 -17.30 40.19
N THR L 380 8.51 -17.73 41.01
CA THR L 380 7.58 -16.84 41.70
C THR L 380 7.84 -16.98 43.19
N ASN L 381 8.35 -15.92 43.81
CA ASN L 381 8.60 -15.90 45.24
C ASN L 381 7.39 -15.34 45.98
N THR L 382 7.22 -15.78 47.23
CA THR L 382 6.06 -15.42 48.03
C THR L 382 6.47 -15.09 49.45
N VAL L 383 5.90 -14.02 49.99
CA VAL L 383 6.20 -13.59 51.36
C VAL L 383 5.43 -14.49 52.32
N VAL L 384 6.12 -15.01 53.33
CA VAL L 384 5.51 -15.89 54.32
C VAL L 384 5.04 -15.08 55.52
N LYS M 15 -24.31 53.69 4.59
CA LYS M 15 -23.31 53.70 3.52
C LYS M 15 -22.50 54.99 3.50
N ARG M 16 -23.19 56.14 3.38
CA ARG M 16 -22.46 57.42 3.34
C ARG M 16 -21.68 57.66 4.63
N VAL M 17 -22.25 57.27 5.77
CA VAL M 17 -21.52 57.40 7.03
C VAL M 17 -20.23 56.57 7.00
N SER M 18 -20.31 55.36 6.44
CA SER M 18 -19.12 54.51 6.39
C SER M 18 -18.08 55.05 5.41
N ARG M 19 -18.52 55.61 4.28
CA ARG M 19 -17.57 56.24 3.37
C ARG M 19 -16.92 57.45 4.02
N ASN M 20 -17.69 58.24 4.77
CA ASN M 20 -17.12 59.35 5.54
C ASN M 20 -16.08 58.83 6.52
N LYS M 21 -16.41 57.75 7.24
CA LYS M 21 -15.48 57.19 8.21
C LYS M 21 -14.18 56.75 7.53
N SER M 22 -14.29 55.97 6.45
CA SER M 22 -13.08 55.50 5.76
C SER M 22 -12.30 56.64 5.13
N GLU M 23 -12.97 57.69 4.67
CA GLU M 23 -12.28 58.82 4.07
C GLU M 23 -11.54 59.62 5.15
N LYS M 24 -12.19 59.88 6.27
CA LYS M 24 -11.51 60.53 7.38
C LYS M 24 -10.36 59.68 7.87
N LYS M 25 -10.52 58.36 7.88
CA LYS M 25 -9.43 57.46 8.25
C LYS M 25 -8.28 57.59 7.28
N ARG M 26 -8.58 57.63 5.98
CA ARG M 26 -7.54 57.82 4.97
C ARG M 26 -6.77 59.11 5.22
N ARG M 27 -7.50 60.22 5.41
CA ARG M 27 -6.84 61.50 5.62
C ARG M 27 -6.08 61.53 6.94
N ASP M 28 -6.60 60.86 7.97
CA ASP M 28 -5.91 60.81 9.26
C ASP M 28 -4.63 59.99 9.18
N GLN M 29 -4.67 58.86 8.47
CA GLN M 29 -3.46 58.09 8.25
C GLN M 29 -2.42 58.90 7.48
N PHE M 30 -2.87 59.58 6.42
CA PHE M 30 -1.96 60.44 5.66
C PHE M 30 -1.34 61.51 6.54
N ASN M 31 -2.16 62.16 7.38
CA ASN M 31 -1.65 63.23 8.24
C ASN M 31 -0.69 62.68 9.31
N VAL M 32 -1.04 61.55 9.90
CA VAL M 32 -0.15 60.93 10.88
C VAL M 32 1.20 60.61 10.23
N LEU M 33 1.18 60.12 9.00
CA LEU M 33 2.43 59.82 8.30
C LEU M 33 3.21 61.08 7.95
N ILE M 34 2.51 62.14 7.52
CA ILE M 34 3.18 63.41 7.24
C ILE M 34 3.87 63.92 8.50
N LYS M 35 3.17 63.83 9.64
CA LYS M 35 3.74 64.32 10.89
C LYS M 35 4.95 63.49 11.32
N GLU M 36 4.84 62.16 11.22
CA GLU M 36 5.99 61.32 11.56
C GLU M 36 7.18 61.61 10.65
N LEU M 37 6.92 61.71 9.34
CA LEU M 37 7.99 62.00 8.39
C LEU M 37 8.72 63.30 8.75
N GLY M 38 7.97 64.38 8.96
CA GLY M 38 8.59 65.65 9.26
C GLY M 38 9.27 65.71 10.61
N SER M 39 8.85 64.85 11.55
CA SER M 39 9.38 64.92 12.91
C SER M 39 10.86 64.55 13.00
N MET M 40 11.38 63.79 12.04
CA MET M 40 12.78 63.36 12.07
C MET M 40 13.74 64.38 11.48
N LEU M 41 13.26 65.51 10.99
CA LEU M 41 14.11 66.42 10.23
C LEU M 41 14.95 67.30 11.17
N PRO M 42 16.11 67.78 10.69
CA PRO M 42 16.88 68.75 11.47
C PRO M 42 16.30 70.15 11.32
N GLY M 43 16.57 70.99 12.32
CA GLY M 43 15.99 72.33 12.32
C GLY M 43 14.49 72.31 12.33
N ASN M 44 13.89 71.40 13.10
CA ASN M 44 12.46 71.16 13.04
C ASN M 44 11.65 72.37 13.48
N ALA M 45 10.52 72.58 12.82
CA ALA M 45 9.58 73.65 13.16
C ALA M 45 8.20 73.19 12.70
N ARG M 46 7.18 73.45 13.52
CA ARG M 46 5.83 73.05 13.17
C ARG M 46 5.18 74.08 12.25
N LYS M 47 3.99 73.73 11.75
CA LYS M 47 3.18 74.56 10.86
C LYS M 47 3.71 74.64 9.43
N MET M 48 4.58 73.71 9.02
CA MET M 48 5.07 73.70 7.65
C MET M 48 4.01 73.08 6.73
N ASP M 49 3.85 73.63 5.54
CA ASP M 49 2.92 73.09 4.56
C ASP M 49 3.36 71.68 4.14
N LYS M 50 2.39 70.84 3.80
CA LYS M 50 2.69 69.46 3.42
C LYS M 50 3.81 69.40 2.38
N SER M 51 3.72 70.24 1.35
CA SER M 51 4.75 70.23 0.31
C SER M 51 6.10 70.63 0.89
N THR M 52 6.12 71.57 1.83
CA THR M 52 7.38 71.94 2.47
C THR M 52 7.90 70.80 3.34
N VAL M 53 7.00 70.09 4.04
CA VAL M 53 7.43 68.92 4.80
C VAL M 53 8.14 67.93 3.88
N LEU M 54 7.52 67.65 2.72
CA LEU M 54 8.12 66.68 1.80
C LEU M 54 9.42 67.19 1.20
N GLN M 55 9.50 68.48 0.86
CA GLN M 55 10.74 69.03 0.30
C GLN M 55 11.88 68.97 1.31
N LYS M 56 11.61 69.39 2.55
CA LYS M 56 12.63 69.31 3.58
C LYS M 56 13.00 67.87 3.88
N SER M 57 12.04 66.94 3.77
CA SER M 57 12.35 65.53 3.98
C SER M 57 13.23 65.00 2.86
N ILE M 58 12.95 65.41 1.63
CA ILE M 58 13.76 65.02 0.48
C ILE M 58 15.20 65.47 0.67
N ASP M 59 15.36 66.77 1.00
CA ASP M 59 16.70 67.31 1.22
C ASP M 59 17.39 66.62 2.41
N PHE M 60 16.63 66.36 3.49
CA PHE M 60 17.21 65.73 4.67
C PHE M 60 17.67 64.32 4.36
N LEU M 61 16.85 63.55 3.64
CA LEU M 61 17.27 62.20 3.26
C LEU M 61 18.54 62.24 2.42
N ARG M 62 18.57 63.11 1.41
CA ARG M 62 19.79 63.25 0.60
C ARG M 62 21.00 63.52 1.50
N LYS M 63 20.92 64.57 2.31
CA LYS M 63 22.08 65.02 3.09
C LYS M 63 22.49 63.97 4.13
N HIS M 64 21.52 63.42 4.84
CA HIS M 64 21.81 62.42 5.87
C HIS M 64 22.43 61.17 5.25
N LYS M 65 21.85 60.68 4.15
CA LYS M 65 22.39 59.50 3.48
C LYS M 65 23.84 59.75 3.05
N GLU M 66 24.09 60.87 2.36
CA GLU M 66 25.43 61.15 1.89
C GLU M 66 26.42 61.29 3.04
N THR M 67 26.03 62.04 4.08
CA THR M 67 26.95 62.29 5.19
C THR M 67 27.24 61.02 5.97
N THR M 68 26.24 60.16 6.17
CA THR M 68 26.44 58.92 6.90
C THR M 68 27.29 57.96 6.08
N ALA M 69 26.99 57.82 4.79
CA ALA M 69 27.75 56.90 3.94
C ALA M 69 29.22 57.29 3.89
N GLN M 70 29.52 58.59 3.79
CA GLN M 70 30.89 59.07 3.69
C GLN M 70 31.52 59.35 5.06
N SER M 71 30.99 58.77 6.12
CA SER M 71 31.52 58.98 7.47
C SER M 71 32.82 58.22 7.65
N ALA N 17 -13.75 83.28 -9.39
CA ALA N 17 -12.72 83.13 -8.33
C ALA N 17 -12.59 81.68 -7.82
N ARG N 18 -13.72 81.01 -7.56
CA ARG N 18 -13.65 79.66 -7.03
C ARG N 18 -12.93 78.70 -7.97
N GLU N 19 -13.04 78.90 -9.28
CA GLU N 19 -12.29 78.07 -10.21
C GLU N 19 -10.79 78.26 -10.02
N ALA N 20 -10.35 79.50 -9.85
CA ALA N 20 -8.94 79.78 -9.64
C ALA N 20 -8.44 79.13 -8.35
N HIS N 21 -9.24 79.22 -7.28
CA HIS N 21 -8.83 78.59 -6.02
C HIS N 21 -8.77 77.08 -6.16
N SER N 22 -9.77 76.48 -6.81
CA SER N 22 -9.78 75.04 -7.00
C SER N 22 -8.60 74.58 -7.85
N GLN N 23 -8.20 75.39 -8.81
CA GLN N 23 -7.03 75.03 -9.62
C GLN N 23 -5.72 75.32 -8.91
N ILE N 24 -5.73 76.22 -7.93
CA ILE N 24 -4.60 76.31 -7.02
C ILE N 24 -4.54 75.07 -6.14
N GLU N 25 -5.70 74.55 -5.73
CA GLU N 25 -5.74 73.27 -5.03
C GLU N 25 -5.22 72.15 -5.94
N LYS N 26 -5.47 72.25 -7.24
CA LYS N 26 -4.90 71.28 -8.17
C LYS N 26 -3.38 71.44 -8.27
N ARG N 27 -2.89 72.68 -8.37
CA ARG N 27 -1.45 72.91 -8.34
C ARG N 27 -0.84 72.29 -7.09
N ARG N 28 -1.53 72.42 -5.95
CA ARG N 28 -1.05 71.86 -4.70
C ARG N 28 -1.03 70.34 -4.74
N ARG N 29 -2.12 69.73 -5.18
CA ARG N 29 -2.19 68.27 -5.22
C ARG N 29 -1.19 67.71 -6.24
N ASP N 30 -0.94 68.45 -7.33
CA ASP N 30 0.09 68.05 -8.28
C ASP N 30 1.49 68.17 -7.66
N LYS N 31 1.74 69.27 -6.95
CA LYS N 31 3.02 69.44 -6.27
C LYS N 31 3.23 68.31 -5.26
N MET N 32 2.16 67.91 -4.56
CA MET N 32 2.27 66.84 -3.58
C MET N 32 2.50 65.49 -4.27
N ASN N 33 1.78 65.21 -5.36
CA ASN N 33 2.06 63.99 -6.11
C ASN N 33 3.50 63.95 -6.57
N SER N 34 4.01 65.07 -7.09
CA SER N 34 5.38 65.14 -7.59
C SER N 34 6.38 64.90 -6.46
N PHE N 35 6.17 65.54 -5.31
CA PHE N 35 7.09 65.37 -4.20
C PHE N 35 6.95 63.99 -3.55
N ILE N 36 5.77 63.36 -3.64
CA ILE N 36 5.61 61.99 -3.17
C ILE N 36 6.43 61.05 -4.04
N ASP N 37 6.42 61.29 -5.36
CA ASP N 37 7.24 60.47 -6.25
C ASP N 37 8.72 60.74 -6.04
N GLU N 38 9.10 61.99 -5.75
CA GLU N 38 10.51 62.29 -5.49
C GLU N 38 10.98 61.65 -4.18
N LEU N 39 10.17 61.79 -3.12
CA LEU N 39 10.46 61.11 -1.86
C LEU N 39 10.58 59.61 -2.09
N ALA N 40 9.69 59.05 -2.92
CA ALA N 40 9.80 57.64 -3.29
C ALA N 40 11.13 57.35 -3.96
N SER N 41 11.61 58.29 -4.77
CA SER N 41 12.88 58.09 -5.47
C SER N 41 14.04 57.98 -4.48
N LEU N 42 13.91 58.58 -3.30
CA LEU N 42 14.97 58.51 -2.30
C LEU N 42 14.85 57.26 -1.42
N VAL N 43 13.75 56.53 -1.51
CA VAL N 43 13.55 55.31 -0.74
C VAL N 43 13.89 54.13 -1.66
N PRO N 44 14.88 53.31 -1.34
CA PRO N 44 15.23 52.18 -2.24
C PRO N 44 14.04 51.30 -2.61
N THR N 45 13.25 50.89 -1.60
CA THR N 45 12.12 50.01 -1.87
C THR N 45 11.12 50.65 -2.82
N CYS N 46 10.78 51.92 -2.59
CA CYS N 46 9.84 52.61 -3.47
C CYS N 46 10.45 52.77 -4.87
N ASN N 47 11.73 53.08 -4.94
CA ASN N 47 12.40 53.22 -6.23
C ASN N 47 12.37 51.92 -7.01
N ALA N 48 12.31 50.78 -6.30
CA ALA N 48 12.33 49.49 -6.97
C ALA N 48 10.94 48.99 -7.37
N MET N 49 9.88 49.50 -6.75
CA MET N 49 8.55 48.94 -6.95
C MET N 49 7.98 49.28 -8.33
N SER N 50 7.15 48.38 -8.86
CA SER N 50 6.66 48.51 -10.23
C SER N 50 5.32 49.26 -10.30
N ARG N 51 4.31 48.82 -9.56
CA ARG N 51 2.99 49.41 -9.70
C ARG N 51 2.95 50.84 -9.15
N LYS N 52 2.02 51.63 -9.69
CA LYS N 52 1.79 53.00 -9.23
C LYS N 52 1.23 52.95 -7.81
N LEU N 53 2.11 53.15 -6.82
CA LEU N 53 1.75 52.91 -5.43
C LEU N 53 0.69 53.89 -4.93
N ASP N 54 -0.14 53.41 -4.01
CA ASP N 54 -1.08 54.28 -3.31
C ASP N 54 -0.34 55.14 -2.29
N LYS N 55 -0.84 56.36 -2.07
CA LYS N 55 -0.09 57.38 -1.34
C LYS N 55 0.36 56.90 0.04
N LEU N 56 -0.57 56.32 0.82
CA LEU N 56 -0.22 55.89 2.17
C LEU N 56 0.93 54.89 2.15
N THR N 57 0.96 54.00 1.16
CA THR N 57 2.04 53.01 1.09
C THR N 57 3.39 53.71 0.89
N VAL N 58 3.44 54.70 0.00
CA VAL N 58 4.68 55.44 -0.23
C VAL N 58 5.14 56.11 1.05
N LEU N 59 4.23 56.78 1.77
CA LEU N 59 4.64 57.49 2.98
C LEU N 59 5.08 56.52 4.08
N ARG N 60 4.40 55.39 4.22
CA ARG N 60 4.82 54.38 5.18
C ARG N 60 6.24 53.92 4.88
N MET N 61 6.51 53.62 3.61
CA MET N 61 7.86 53.20 3.22
C MET N 61 8.87 54.31 3.49
N ALA N 62 8.48 55.57 3.31
CA ALA N 62 9.40 56.67 3.54
C ALA N 62 9.77 56.77 5.03
N VAL N 63 8.77 56.75 5.91
CA VAL N 63 9.09 56.81 7.34
C VAL N 63 9.86 55.58 7.78
N GLN N 64 9.67 54.44 7.09
CA GLN N 64 10.45 53.25 7.41
C GLN N 64 11.91 53.41 6.96
N HIS N 65 12.15 54.15 5.89
CA HIS N 65 13.51 54.27 5.35
C HIS N 65 14.35 55.23 6.19
N MET N 66 13.75 56.30 6.70
CA MET N 66 14.50 57.29 7.49
C MET N 66 15.17 56.67 8.71
#